data_7AGD
#
_entry.id   7AGD
#
_cell.length_a   172.620
_cell.length_b   172.620
_cell.length_c   253.252
_cell.angle_alpha   90.000
_cell.angle_beta   90.000
_cell.angle_gamma   120.000
#
_symmetry.space_group_name_H-M   'P 62 2 2'
#
loop_
_entity.id
_entity.type
_entity.pdbx_description
1 polymer Candidapepsin
2 polymer KB75
3 non-polymer 'PENTAETHYLENE GLYCOL'
4 non-polymer DI(HYDROXYETHYL)ETHER
5 non-polymer 'TRIETHYLENE GLYCOL'
6 non-polymer '2-(N-MORPHOLINO)-ETHANESULFONIC ACID'
7 non-polymer 'SODIUM ION'
8 non-polymer 'FORMYL GROUP'
9 water water
#
loop_
_entity_poly.entity_id
_entity_poly.type
_entity_poly.pdbx_seq_one_letter_code
_entity_poly.pdbx_strand_id
1 'polypeptide(L)'
;DSISLSLINEGPSYASKVSVGSNKQQQTVIIDTGSSDFWVVDSNAQCGKGVDCKSSGTFTPSSSSSYKNLGAAFTIRYGD
GSTSQGTWGKDTVTINGVSITGQQIADVTQTSVDQGILGIGYTSNEAVYDTSGRQTTPNYDNVPVTLKKQGKIRTNAYSL
YLNSPSAETGTIIFGGVDNAKYSGKLVAEQVTSSQALTISLASVNLKGSSFSFGDGALLDSGTTLTYFPSDFAAQLADKA
GARLVQVARDQYLYFIDCNTDTSGTTVFNFGNGAKITVPNTEYVYQNGDGTCLWGIQPSDDTILGDNFLRHAYLLYNLDA
NTISIAQVKYTTDSSISAV
;
A,B,C,D
2 'polypeptide(L)' (BOC)VV(PSA)A(PSA)A I,J,K,L
#
# COMPACT_ATOMS: atom_id res chain seq x y z
N ASP A 1 3.19 28.96 -29.09
CA ASP A 1 3.97 29.48 -27.92
C ASP A 1 3.28 29.10 -26.61
N SER A 2 3.89 28.12 -25.97
CA SER A 2 3.44 27.53 -24.73
C SER A 2 4.63 27.64 -23.85
N ILE A 3 4.41 27.72 -22.54
CA ILE A 3 5.47 27.70 -21.57
C ILE A 3 5.19 26.57 -20.56
N SER A 4 5.95 25.49 -20.64
CA SER A 4 5.89 24.42 -19.64
C SER A 4 6.66 24.78 -18.39
N LEU A 5 6.11 24.47 -17.22
CA LEU A 5 6.78 24.78 -15.97
C LEU A 5 6.60 23.59 -15.04
N SER A 6 7.70 23.11 -14.45
CA SER A 6 7.65 21.95 -13.57
CA SER A 6 7.61 21.94 -13.59
C SER A 6 6.99 22.35 -12.25
N LEU A 7 6.11 21.49 -11.75
CA LEU A 7 5.45 21.61 -10.47
C LEU A 7 6.11 20.62 -9.53
N ILE A 8 6.64 21.09 -8.40
CA ILE A 8 7.23 20.27 -7.37
C ILE A 8 6.10 19.89 -6.42
N ASN A 9 5.86 18.59 -6.27
CA ASN A 9 4.92 18.10 -5.25
C ASN A 9 5.57 18.22 -3.90
N GLU A 10 5.20 19.23 -3.11
CA GLU A 10 5.78 19.44 -1.80
C GLU A 10 5.00 18.73 -0.68
N GLY A 11 3.91 18.04 -1.03
CA GLY A 11 2.99 17.41 -0.05
C GLY A 11 1.68 18.18 -0.07
N PRO A 12 1.56 19.21 0.77
CA PRO A 12 0.31 19.99 0.84
C PRO A 12 0.09 20.98 -0.31
N SER A 13 1.18 21.28 -1.04
CA SER A 13 1.21 22.31 -2.09
C SER A 13 2.11 21.88 -3.25
N TYR A 14 1.87 22.50 -4.41
CA TYR A 14 2.68 22.35 -5.62
C TYR A 14 3.33 23.69 -5.91
N ALA A 15 4.67 23.68 -6.02
CA ALA A 15 5.43 24.90 -6.23
C ALA A 15 6.32 24.78 -7.48
N SER A 16 6.75 25.94 -8.00
CA SER A 16 7.65 26.01 -9.14
C SER A 16 8.81 26.96 -8.85
N LYS A 17 9.95 26.67 -9.47
CA LYS A 17 11.10 27.56 -9.44
CA LYS A 17 11.09 27.56 -9.41
C LYS A 17 10.87 28.61 -10.50
N VAL A 18 10.92 29.87 -10.11
CA VAL A 18 10.83 30.97 -11.07
C VAL A 18 11.98 31.89 -10.69
N SER A 19 12.26 32.91 -11.48
CA SER A 19 13.31 33.85 -11.12
C SER A 19 12.71 35.25 -11.16
N VAL A 20 13.26 36.12 -10.34
CA VAL A 20 12.82 37.49 -10.24
C VAL A 20 14.05 38.40 -10.19
N GLY A 21 13.93 39.51 -10.88
CA GLY A 21 14.95 40.56 -10.84
C GLY A 21 15.94 40.48 -12.00
N SER A 22 16.76 41.51 -12.11
CA SER A 22 17.78 41.58 -13.18
C SER A 22 18.81 40.50 -13.01
N ASN A 23 19.11 40.13 -11.76
CA ASN A 23 20.05 39.08 -11.43
C ASN A 23 19.41 37.68 -11.19
N LYS A 24 18.17 37.49 -11.65
CA LYS A 24 17.50 36.17 -11.71
C LYS A 24 17.56 35.39 -10.40
N GLN A 25 17.06 36.02 -9.36
CA GLN A 25 17.04 35.44 -8.02
C GLN A 25 15.96 34.39 -7.97
N GLN A 26 16.37 33.15 -7.70
CA GLN A 26 15.48 32.00 -7.77
CA GLN A 26 15.50 31.99 -7.79
C GLN A 26 14.54 31.94 -6.58
N GLN A 27 13.25 31.84 -6.87
CA GLN A 27 12.19 31.71 -5.84
C GLN A 27 11.44 30.40 -6.12
N THR A 28 11.18 29.59 -5.10
CA THR A 28 10.31 28.43 -5.26
C THR A 28 8.98 28.78 -4.64
N VAL A 29 7.97 28.88 -5.47
CA VAL A 29 6.71 29.53 -5.08
C VAL A 29 5.53 28.68 -5.43
N ILE A 30 4.48 28.77 -4.60
CA ILE A 30 3.26 27.95 -4.76
C ILE A 30 2.50 28.40 -6.00
N ILE A 31 2.06 27.44 -6.80
CA ILE A 31 1.29 27.73 -7.99
C ILE A 31 -0.17 27.68 -7.57
N ASP A 32 -0.81 28.85 -7.59
CA ASP A 32 -2.13 29.01 -6.95
C ASP A 32 -3.20 29.55 -7.89
N THR A 33 -4.10 28.68 -8.36
CA THR A 33 -5.27 29.14 -9.13
C THR A 33 -6.34 29.86 -8.28
N GLY A 34 -6.15 29.85 -6.95
CA GLY A 34 -7.10 30.42 -6.02
C GLY A 34 -6.76 31.80 -5.52
N SER A 35 -5.65 32.36 -5.99
CA SER A 35 -5.31 33.74 -5.70
C SER A 35 -4.73 34.33 -6.99
N SER A 36 -4.55 35.64 -6.98
CA SER A 36 -4.22 36.37 -8.21
C SER A 36 -2.99 37.25 -8.14
N ASP A 37 -2.26 37.23 -7.03
CA ASP A 37 -1.11 38.06 -6.85
C ASP A 37 0.12 37.21 -6.67
N PHE A 38 1.23 37.66 -7.26
CA PHE A 38 2.52 37.05 -7.07
C PHE A 38 3.30 37.81 -6.04
N TRP A 39 3.68 37.16 -4.94
CA TRP A 39 4.54 37.74 -3.96
C TRP A 39 5.69 36.84 -3.61
N VAL A 40 6.76 37.48 -3.15
CA VAL A 40 8.01 36.81 -2.86
C VAL A 40 8.41 37.15 -1.47
N VAL A 41 9.20 36.27 -0.87
CA VAL A 41 9.69 36.46 0.47
C VAL A 41 10.94 37.32 0.42
N ASP A 42 10.88 38.50 1.02
CA ASP A 42 12.05 39.35 1.15
C ASP A 42 13.13 38.68 1.98
N SER A 43 14.41 38.86 1.58
CA SER A 43 15.55 38.29 2.30
CA SER A 43 15.53 38.26 2.33
C SER A 43 15.62 38.72 3.78
N ASN A 44 15.07 39.90 4.05
CA ASN A 44 14.99 40.46 5.39
CA ASN A 44 14.98 40.47 5.38
C ASN A 44 13.57 40.35 6.01
N ALA A 45 12.73 39.48 5.46
CA ALA A 45 11.38 39.31 6.01
C ALA A 45 11.46 38.78 7.46
N GLN A 46 10.43 39.06 8.23
CA GLN A 46 10.18 38.41 9.51
C GLN A 46 9.13 37.34 9.28
N CYS A 47 9.53 36.07 9.36
CA CYS A 47 8.58 34.99 9.24
C CYS A 47 7.70 34.97 10.52
N GLY A 48 6.50 34.42 10.33
CA GLY A 48 5.58 34.15 11.43
C GLY A 48 6.20 33.23 12.45
N LYS A 49 5.64 33.25 13.64
CA LYS A 49 6.08 32.35 14.69
C LYS A 49 6.05 30.89 14.21
N GLY A 50 7.17 30.20 14.40
CA GLY A 50 7.34 28.81 13.98
C GLY A 50 7.35 28.55 12.48
N VAL A 51 7.48 29.59 11.64
CA VAL A 51 7.38 29.41 10.19
C VAL A 51 8.77 29.59 9.60
N ASP A 52 9.22 28.59 8.84
CA ASP A 52 10.51 28.62 8.15
C ASP A 52 10.29 29.19 6.74
N CYS A 53 10.09 30.51 6.65
CA CYS A 53 9.63 31.12 5.41
C CYS A 53 10.77 31.46 4.42
N LYS A 54 12.02 31.28 4.81
CA LYS A 54 13.19 31.62 3.97
C LYS A 54 13.94 30.44 3.38
N SER A 55 13.40 29.24 3.45
CA SER A 55 14.06 28.01 2.98
CA SER A 55 14.11 28.05 2.95
C SER A 55 13.72 27.66 1.53
N SER A 56 12.89 28.46 0.86
CA SER A 56 12.43 28.17 -0.50
C SER A 56 12.81 29.32 -1.42
N GLY A 57 13.89 30.02 -1.08
CA GLY A 57 14.37 31.14 -1.86
C GLY A 57 13.87 32.46 -1.29
N THR A 58 14.70 33.49 -1.38
CA THR A 58 14.28 34.82 -0.98
C THR A 58 14.69 35.85 -2.04
N PHE A 59 14.06 37.01 -1.96
CA PHE A 59 14.28 38.08 -2.91
C PHE A 59 14.88 39.30 -2.19
N THR A 60 15.96 39.84 -2.77
CA THR A 60 16.65 41.01 -2.24
C THR A 60 16.45 42.11 -3.30
N PRO A 61 15.51 43.03 -3.06
CA PRO A 61 15.22 44.05 -4.08
C PRO A 61 16.42 44.92 -4.44
N SER A 62 17.28 45.18 -3.45
CA SER A 62 18.44 46.05 -3.63
C SER A 62 19.50 45.51 -4.61
N SER A 63 19.54 44.19 -4.88
CA SER A 63 20.51 43.65 -5.85
C SER A 63 19.95 43.50 -7.27
N SER A 64 18.71 43.91 -7.48
CA SER A 64 18.10 43.95 -8.81
C SER A 64 18.02 45.37 -9.31
N SER A 65 18.61 45.59 -10.48
CA SER A 65 18.73 46.93 -11.07
C SER A 65 17.38 47.42 -11.61
N SER A 66 16.48 46.49 -11.90
CA SER A 66 15.19 46.76 -12.47
C SER A 66 14.06 46.86 -11.43
N TYR A 67 14.34 46.63 -10.14
CA TYR A 67 13.28 46.63 -9.14
C TYR A 67 12.67 48.03 -8.95
N LYS A 68 11.35 48.14 -9.05
CA LYS A 68 10.62 49.39 -8.81
C LYS A 68 9.76 49.30 -7.56
N ASN A 69 10.01 50.18 -6.59
CA ASN A 69 9.20 50.27 -5.37
C ASN A 69 8.02 51.14 -5.67
N LEU A 70 6.81 50.56 -5.73
CA LEU A 70 5.59 51.35 -5.90
CA LEU A 70 5.59 51.36 -5.95
C LEU A 70 5.30 51.94 -4.50
C LEU A 70 5.08 52.19 -4.75
N GLY A 71 4.43 52.92 -4.38
N GLY A 71 5.68 52.04 -3.56
CA GLY A 71 4.28 53.51 -3.04
CA GLY A 71 5.25 52.71 -2.33
C GLY A 71 3.74 52.60 -1.93
C GLY A 71 3.75 52.64 -2.05
N ALA A 72 3.16 51.47 -2.31
CA ALA A 72 1.85 51.10 -1.85
C ALA A 72 1.92 49.81 -1.00
N ALA A 73 1.12 49.82 0.06
CA ALA A 73 1.08 48.72 1.02
C ALA A 73 0.39 47.52 0.44
N PHE A 74 0.95 46.33 0.71
CA PHE A 74 0.38 45.08 0.26
C PHE A 74 -0.09 44.30 1.48
N THR A 75 -1.29 43.77 1.37
CA THR A 75 -1.83 42.89 2.42
C THR A 75 -2.73 41.84 1.79
N ILE A 76 -2.57 40.58 2.23
CA ILE A 76 -3.43 39.52 1.71
C ILE A 76 -3.71 38.55 2.86
N ARG A 77 -4.86 37.89 2.76
CA ARG A 77 -5.33 36.92 3.73
C ARG A 77 -5.80 35.73 2.95
N TYR A 78 -5.54 34.52 3.46
CA TYR A 78 -5.95 33.29 2.76
C TYR A 78 -6.98 32.49 3.56
N GLY A 79 -7.63 31.56 2.87
CA GLY A 79 -8.68 30.68 3.43
C GLY A 79 -8.30 29.95 4.70
N ASP A 80 -7.02 29.59 4.86
CA ASP A 80 -6.60 28.84 6.04
C ASP A 80 -6.18 29.72 7.20
N GLY A 81 -6.35 31.04 7.06
CA GLY A 81 -5.92 31.99 8.05
C GLY A 81 -4.54 32.60 7.87
N SER A 82 -3.71 32.05 6.98
CA SER A 82 -2.37 32.62 6.82
CA SER A 82 -2.37 32.60 6.72
C SER A 82 -2.48 33.98 6.12
N THR A 83 -1.45 34.79 6.32
CA THR A 83 -1.40 36.13 5.76
C THR A 83 0.00 36.50 5.33
N SER A 84 0.09 37.54 4.51
CA SER A 84 1.34 38.19 4.17
C SER A 84 1.14 39.69 4.05
N GLN A 85 2.15 40.43 4.45
CA GLN A 85 2.18 41.88 4.29
C GLN A 85 3.51 42.30 3.70
N GLY A 86 3.47 43.38 2.91
CA GLY A 86 4.69 44.02 2.50
C GLY A 86 4.41 45.24 1.66
N THR A 87 5.11 45.38 0.53
CA THR A 87 4.91 46.54 -0.35
C THR A 87 4.83 46.08 -1.81
N TRP A 88 4.05 46.80 -2.58
CA TRP A 88 3.94 46.51 -4.00
C TRP A 88 5.20 46.99 -4.73
N GLY A 89 5.61 46.21 -5.75
CA GLY A 89 6.71 46.61 -6.61
C GLY A 89 6.57 46.03 -8.00
N LYS A 90 7.58 46.25 -8.84
CA LYS A 90 7.61 45.71 -10.20
C LYS A 90 9.01 45.21 -10.48
N ASP A 91 9.11 44.08 -11.16
CA ASP A 91 10.40 43.60 -11.62
C ASP A 91 10.24 42.63 -12.76
N THR A 92 11.36 42.20 -13.34
CA THR A 92 11.36 41.17 -14.35
C THR A 92 11.07 39.84 -13.67
N VAL A 93 10.26 39.02 -14.32
CA VAL A 93 9.93 37.68 -13.82
C VAL A 93 10.24 36.72 -14.96
N THR A 94 10.93 35.63 -14.63
CA THR A 94 11.34 34.62 -15.60
C THR A 94 10.81 33.26 -15.24
N ILE A 95 10.12 32.65 -16.21
CA ILE A 95 9.43 31.38 -16.05
C ILE A 95 9.91 30.44 -17.13
N ASN A 96 10.65 29.40 -16.74
CA ASN A 96 11.27 28.45 -17.68
C ASN A 96 11.91 29.18 -18.89
N GLY A 97 12.77 30.13 -18.58
CA GLY A 97 13.54 30.87 -19.60
C GLY A 97 12.83 32.01 -20.31
N VAL A 98 11.54 32.19 -20.06
CA VAL A 98 10.72 33.22 -20.71
C VAL A 98 10.56 34.36 -19.71
N SER A 99 11.01 35.55 -20.11
CA SER A 99 10.99 36.72 -19.24
C SER A 99 9.88 37.68 -19.61
N ILE A 100 9.26 38.27 -18.57
CA ILE A 100 8.33 39.38 -18.73
C ILE A 100 8.87 40.58 -17.95
N THR A 101 8.78 41.80 -18.51
CA THR A 101 9.35 42.97 -17.86
C THR A 101 8.30 43.77 -17.09
N GLY A 102 8.73 44.42 -16.04
CA GLY A 102 7.86 45.31 -15.24
C GLY A 102 6.58 44.67 -14.70
N GLN A 103 6.70 43.41 -14.32
CA GLN A 103 5.60 42.69 -13.73
C GLN A 103 5.38 43.17 -12.29
N GLN A 104 4.15 43.56 -11.98
CA GLN A 104 3.81 43.94 -10.63
C GLN A 104 3.73 42.70 -9.71
N ILE A 105 4.46 42.80 -8.62
CA ILE A 105 4.55 41.75 -7.60
C ILE A 105 4.48 42.42 -6.24
N ALA A 106 4.44 41.62 -5.17
CA ALA A 106 4.68 42.13 -3.83
C ALA A 106 5.94 41.61 -3.21
N ASP A 107 6.67 42.52 -2.60
CA ASP A 107 7.81 42.24 -1.78
C ASP A 107 7.32 42.08 -0.34
N VAL A 108 7.28 40.85 0.15
CA VAL A 108 6.71 40.52 1.48
C VAL A 108 7.76 40.49 2.56
N THR A 109 7.53 41.33 3.58
CA THR A 109 8.42 41.44 4.72
C THR A 109 7.86 40.84 6.04
N GLN A 110 6.63 40.37 6.00
CA GLN A 110 6.08 39.54 7.08
C GLN A 110 5.14 38.54 6.53
N THR A 111 5.33 37.26 6.87
CA THR A 111 4.43 36.21 6.36
C THR A 111 4.40 35.01 7.27
N SER A 112 3.22 34.40 7.33
CA SER A 112 3.02 33.14 8.04
C SER A 112 2.89 31.97 7.06
N VAL A 113 3.14 32.24 5.77
CA VAL A 113 3.19 31.19 4.73
C VAL A 113 4.66 30.75 4.62
N ASP A 114 4.87 29.49 4.26
CA ASP A 114 6.21 28.86 4.19
C ASP A 114 7.09 29.39 3.08
N GLN A 115 6.48 29.95 2.06
CA GLN A 115 7.17 30.36 0.84
C GLN A 115 6.28 31.31 0.07
N GLY A 116 6.84 31.96 -0.95
CA GLY A 116 6.03 32.77 -1.81
C GLY A 116 4.96 32.06 -2.59
N ILE A 117 4.01 32.86 -3.09
CA ILE A 117 2.90 32.36 -3.88
C ILE A 117 2.78 33.11 -5.19
N LEU A 118 2.64 32.33 -6.25
CA LEU A 118 2.35 32.82 -7.60
C LEU A 118 0.86 32.58 -7.88
N GLY A 119 0.08 33.60 -7.60
CA GLY A 119 -1.33 33.59 -7.86
C GLY A 119 -1.59 33.88 -9.31
N ILE A 120 -2.34 33.01 -9.96
CA ILE A 120 -2.60 33.07 -11.41
C ILE A 120 -4.07 33.12 -11.76
N GLY A 121 -4.90 33.53 -10.81
CA GLY A 121 -6.34 33.63 -11.04
C GLY A 121 -6.72 34.93 -11.77
N TYR A 122 -8.01 35.23 -11.75
CA TYR A 122 -8.53 36.45 -12.36
C TYR A 122 -8.02 37.75 -11.76
N THR A 123 -7.79 38.78 -12.58
CA THR A 123 -7.29 40.04 -12.02
C THR A 123 -8.29 40.70 -11.05
N SER A 124 -9.58 40.47 -11.29
CA SER A 124 -10.64 40.98 -10.37
C SER A 124 -10.52 40.45 -8.94
N ASN A 125 -9.76 39.37 -8.71
CA ASN A 125 -9.57 38.82 -7.37
C ASN A 125 -8.25 39.17 -6.71
N GLU A 126 -7.54 40.17 -7.28
CA GLU A 126 -6.32 40.68 -6.68
C GLU A 126 -6.56 41.30 -5.31
N ALA A 127 -5.56 41.16 -4.43
CA ALA A 127 -5.58 41.66 -3.05
C ALA A 127 -5.09 43.10 -2.97
N VAL A 128 -5.99 43.98 -3.39
CA VAL A 128 -5.71 45.38 -3.55
C VAL A 128 -6.55 46.23 -2.55
N TYR A 129 -6.87 45.64 -1.41
CA TYR A 129 -7.72 46.28 -0.35
C TYR A 129 -7.06 46.27 1.00
N ASP A 130 -7.35 47.28 1.81
CA ASP A 130 -6.99 47.25 3.22
C ASP A 130 -7.90 46.27 3.98
N THR A 131 -7.60 46.08 5.25
CA THR A 131 -8.32 45.13 6.12
C THR A 131 -9.84 45.32 6.12
N SER A 132 -10.27 46.59 6.10
CA SER A 132 -11.69 46.93 6.06
C SER A 132 -12.39 46.80 4.70
N GLY A 133 -11.67 46.45 3.63
CA GLY A 133 -12.29 46.26 2.31
C GLY A 133 -12.25 47.49 1.41
N ARG A 134 -11.58 48.56 1.83
CA ARG A 134 -11.37 49.75 0.99
C ARG A 134 -10.24 49.47 -0.02
N GLN A 135 -10.48 49.75 -1.31
CA GLN A 135 -9.47 49.54 -2.36
C GLN A 135 -8.38 50.59 -2.24
N THR A 136 -7.14 50.14 -2.07
CA THR A 136 -6.01 51.06 -1.87
C THR A 136 -5.10 51.26 -3.08
N THR A 137 -5.23 50.39 -4.07
CA THR A 137 -4.37 50.42 -5.26
C THR A 137 -5.15 49.85 -6.41
N PRO A 138 -4.83 50.29 -7.65
CA PRO A 138 -5.65 49.77 -8.72
C PRO A 138 -5.44 48.29 -8.99
N ASN A 139 -6.45 47.66 -9.55
CA ASN A 139 -6.28 46.36 -10.19
C ASN A 139 -5.25 46.51 -11.31
N TYR A 140 -4.55 45.44 -11.59
CA TYR A 140 -3.37 45.50 -12.43
C TYR A 140 -3.22 44.18 -13.21
N ASP A 141 -2.27 44.19 -14.14
CA ASP A 141 -1.97 43.01 -14.97
C ASP A 141 -1.15 42.02 -14.13
N ASN A 142 -1.76 40.89 -13.75
CA ASN A 142 -1.02 39.87 -13.05
C ASN A 142 -0.26 38.98 -14.06
N VAL A 143 0.46 37.99 -13.56
CA VAL A 143 1.35 37.20 -14.43
C VAL A 143 0.73 36.65 -15.72
N PRO A 144 -0.43 35.94 -15.68
CA PRO A 144 -0.96 35.38 -16.92
C PRO A 144 -1.33 36.45 -17.96
N VAL A 145 -1.91 37.56 -17.48
CA VAL A 145 -2.26 38.68 -18.36
C VAL A 145 -1.00 39.24 -19.03
N THR A 146 0.03 39.48 -18.24
CA THR A 146 1.28 39.99 -18.76
C THR A 146 1.97 39.04 -19.78
N LEU A 147 1.91 37.73 -19.51
CA LEU A 147 2.42 36.76 -20.46
C LEU A 147 1.76 36.96 -21.82
N LYS A 148 0.44 37.16 -21.82
CA LYS A 148 -0.33 37.37 -23.05
C LYS A 148 0.01 38.70 -23.67
N LYS A 149 0.02 39.74 -22.85
CA LYS A 149 0.24 41.10 -23.31
C LYS A 149 1.63 41.33 -23.94
N GLN A 150 2.64 40.66 -23.41
CA GLN A 150 4.01 40.72 -23.96
C GLN A 150 4.31 39.65 -25.04
N GLY A 151 3.28 38.99 -25.56
CA GLY A 151 3.42 38.11 -26.71
C GLY A 151 4.05 36.75 -26.41
N LYS A 152 3.97 36.28 -25.17
CA LYS A 152 4.59 35.00 -24.79
C LYS A 152 3.64 33.86 -24.96
N ILE A 153 2.35 34.13 -24.74
CA ILE A 153 1.28 33.20 -25.02
C ILE A 153 0.20 33.95 -25.79
N ARG A 154 -0.59 33.22 -26.56
CA ARG A 154 -1.65 33.81 -27.37
C ARG A 154 -2.88 34.16 -26.53
N THR A 155 -3.21 33.27 -25.59
CA THR A 155 -4.45 33.32 -24.80
C THR A 155 -4.07 33.25 -23.35
N ASN A 156 -4.78 34.01 -22.49
CA ASN A 156 -4.64 33.85 -21.04
C ASN A 156 -5.32 32.54 -20.63
N ALA A 157 -4.51 31.50 -20.65
CA ALA A 157 -4.98 30.16 -20.36
C ALA A 157 -3.81 29.31 -19.91
N TYR A 158 -4.12 28.27 -19.16
CA TYR A 158 -3.10 27.34 -18.71
C TYR A 158 -3.69 25.99 -18.39
N SER A 159 -2.88 24.95 -18.61
CA SER A 159 -3.27 23.57 -18.31
C SER A 159 -2.56 23.08 -17.06
N LEU A 160 -3.28 22.35 -16.22
CA LEU A 160 -2.79 21.89 -14.94
C LEU A 160 -2.71 20.35 -14.93
N TYR A 161 -1.52 19.84 -14.70
CA TYR A 161 -1.25 18.40 -14.54
C TYR A 161 -0.48 18.20 -13.25
N LEU A 162 -1.22 18.01 -12.14
CA LEU A 162 -0.56 17.79 -10.85
C LEU A 162 0.18 16.46 -10.81
N ASN A 163 -0.28 15.52 -11.63
CA ASN A 163 0.29 14.18 -11.75
C ASN A 163 -0.23 13.32 -10.58
N SER A 164 0.28 12.09 -10.46
CA SER A 164 -0.28 11.12 -9.53
C SER A 164 0.12 11.42 -8.10
N PRO A 165 -0.65 10.89 -7.12
CA PRO A 165 -0.34 11.16 -5.72
C PRO A 165 1.08 10.82 -5.30
N SER A 166 1.70 9.83 -5.90
CA SER A 166 3.07 9.50 -5.52
C SER A 166 4.15 10.33 -6.28
N ALA A 167 3.76 11.10 -7.30
CA ALA A 167 4.77 11.66 -8.24
C ALA A 167 5.53 12.80 -7.59
N GLU A 168 6.83 12.90 -7.89
CA GLU A 168 7.61 14.00 -7.34
C GLU A 168 7.25 15.30 -8.08
N THR A 169 6.82 15.22 -9.35
CA THR A 169 6.59 16.44 -10.13
C THR A 169 5.43 16.29 -11.08
N GLY A 170 4.82 17.44 -11.37
CA GLY A 170 3.86 17.58 -12.45
C GLY A 170 4.26 18.75 -13.35
N THR A 171 3.29 19.26 -14.10
CA THR A 171 3.54 20.31 -15.08
C THR A 171 2.34 21.26 -15.15
N ILE A 172 2.63 22.54 -15.15
CA ILE A 172 1.67 23.54 -15.59
C ILE A 172 2.14 24.12 -16.94
N ILE A 173 1.22 24.30 -17.88
CA ILE A 173 1.55 24.86 -19.19
C ILE A 173 0.78 26.15 -19.41
N PHE A 174 1.49 27.29 -19.42
CA PHE A 174 0.86 28.56 -19.83
C PHE A 174 0.71 28.59 -21.35
N GLY A 175 -0.50 28.83 -21.82
CA GLY A 175 -0.77 29.02 -23.25
C GLY A 175 -0.74 27.75 -24.07
N GLY A 176 -0.95 26.60 -23.42
CA GLY A 176 -0.99 25.32 -24.13
C GLY A 176 -1.67 24.20 -23.36
N VAL A 177 -1.75 23.05 -24.01
CA VAL A 177 -2.47 21.89 -23.53
C VAL A 177 -1.76 20.62 -23.99
N ASP A 178 -1.55 19.69 -23.07
CA ASP A 178 -0.86 18.45 -23.43
C ASP A 178 -1.91 17.40 -23.70
N ASN A 179 -2.15 17.15 -24.98
CA ASN A 179 -3.20 16.26 -25.42
C ASN A 179 -2.93 14.78 -25.21
N ALA A 180 -1.74 14.42 -24.74
CA ALA A 180 -1.42 13.03 -24.42
C ALA A 180 -1.85 12.65 -23.00
N LYS A 181 -2.19 13.62 -22.14
CA LYS A 181 -2.34 13.40 -20.69
C LYS A 181 -3.79 13.34 -20.18
N TYR A 182 -4.71 12.94 -21.05
CA TYR A 182 -6.09 12.70 -20.64
C TYR A 182 -6.74 11.69 -21.56
N SER A 183 -7.75 11.00 -21.04
CA SER A 183 -8.55 10.10 -21.87
C SER A 183 -9.84 10.83 -22.21
N GLY A 184 -10.49 10.39 -23.28
CA GLY A 184 -11.68 11.06 -23.79
C GLY A 184 -11.35 12.43 -24.36
N LYS A 185 -12.35 13.31 -24.32
CA LYS A 185 -12.21 14.68 -24.83
C LYS A 185 -12.36 15.65 -23.69
N LEU A 186 -11.62 16.75 -23.77
CA LEU A 186 -11.78 17.84 -22.84
C LEU A 186 -13.19 18.41 -23.01
N VAL A 187 -13.94 18.51 -21.93
CA VAL A 187 -15.29 19.08 -21.94
C VAL A 187 -15.23 20.48 -21.35
N ALA A 188 -15.63 21.47 -22.13
CA ALA A 188 -15.63 22.86 -21.65
C ALA A 188 -16.77 23.11 -20.65
N GLU A 189 -16.41 23.68 -19.49
CA GLU A 189 -17.39 24.07 -18.47
C GLU A 189 -17.36 25.56 -18.25
N GLN A 190 -18.54 26.17 -18.14
CA GLN A 190 -18.65 27.60 -17.90
C GLN A 190 -18.19 28.02 -16.51
N VAL A 191 -17.33 29.04 -16.45
CA VAL A 191 -16.92 29.58 -15.18
C VAL A 191 -18.10 30.39 -14.65
N THR A 192 -18.44 30.22 -13.38
CA THR A 192 -19.74 30.76 -12.86
C THR A 192 -19.61 31.97 -11.98
N SER A 193 -18.37 32.42 -11.74
CA SER A 193 -18.08 33.60 -10.96
C SER A 193 -17.20 34.52 -11.81
N SER A 194 -17.32 35.83 -11.63
CA SER A 194 -16.41 36.78 -12.31
C SER A 194 -15.10 37.00 -11.54
N GLN A 195 -14.99 36.44 -10.34
CA GLN A 195 -13.80 36.59 -9.52
C GLN A 195 -13.01 35.29 -9.31
N ALA A 196 -13.69 34.14 -9.37
CA ALA A 196 -13.09 32.88 -8.89
C ALA A 196 -13.25 31.84 -9.97
N LEU A 197 -12.27 30.95 -10.10
CA LEU A 197 -12.32 29.91 -11.12
C LEU A 197 -13.18 28.74 -10.62
N THR A 198 -14.50 28.99 -10.62
CA THR A 198 -15.53 28.05 -10.15
C THR A 198 -16.38 27.56 -11.32
N ILE A 199 -16.72 26.27 -11.31
CA ILE A 199 -17.66 25.68 -12.27
C ILE A 199 -18.77 24.93 -11.51
N SER A 200 -19.89 24.69 -12.18
CA SER A 200 -21.03 24.01 -11.54
C SER A 200 -20.74 22.52 -11.35
N LEU A 201 -20.84 22.06 -10.11
CA LEU A 201 -20.75 20.64 -9.77
C LEU A 201 -22.19 20.13 -9.61
N ALA A 202 -22.62 19.25 -10.51
CA ALA A 202 -24.01 18.77 -10.51
C ALA A 202 -24.26 17.79 -9.36
N SER A 203 -23.32 16.86 -9.15
CA SER A 203 -23.48 15.83 -8.12
C SER A 203 -22.18 15.07 -7.82
N VAL A 204 -22.15 14.41 -6.66
CA VAL A 204 -21.02 13.60 -6.21
C VAL A 204 -21.56 12.19 -5.90
N ASN A 205 -20.90 11.16 -6.44
CA ASN A 205 -21.29 9.76 -6.19
C ASN A 205 -20.26 9.14 -5.28
N LEU A 206 -20.72 8.58 -4.17
CA LEU A 206 -19.83 8.04 -3.16
C LEU A 206 -20.48 6.80 -2.55
N LYS A 207 -19.75 5.69 -2.53
CA LYS A 207 -20.22 4.44 -1.88
C LYS A 207 -21.61 3.98 -2.37
N GLY A 208 -21.84 4.08 -3.66
CA GLY A 208 -23.07 3.60 -4.27
C GLY A 208 -24.28 4.53 -4.19
N SER A 209 -24.11 5.71 -3.60
CA SER A 209 -25.16 6.77 -3.54
C SER A 209 -24.76 7.98 -4.38
N SER A 210 -25.78 8.65 -4.93
CA SER A 210 -25.62 9.89 -5.70
C SER A 210 -26.18 11.04 -4.90
N PHE A 211 -25.35 12.05 -4.64
CA PHE A 211 -25.71 13.21 -3.82
C PHE A 211 -25.76 14.44 -4.72
N SER A 212 -26.98 14.95 -4.91
CA SER A 212 -27.23 16.13 -5.71
C SER A 212 -26.57 17.36 -5.08
N PHE A 213 -25.91 18.19 -5.89
CA PHE A 213 -25.25 19.39 -5.39
C PHE A 213 -25.79 20.62 -6.10
N GLY A 214 -25.37 20.89 -7.33
CA GLY A 214 -25.93 21.96 -8.15
C GLY A 214 -25.43 23.36 -7.84
N ASP A 215 -24.23 23.46 -7.30
CA ASP A 215 -23.63 24.73 -6.93
C ASP A 215 -22.18 24.77 -7.45
N GLY A 216 -21.56 25.94 -7.34
CA GLY A 216 -20.23 26.19 -7.87
C GLY A 216 -19.15 25.58 -6.99
N ALA A 217 -18.06 25.17 -7.61
CA ALA A 217 -16.92 24.62 -6.89
C ALA A 217 -15.64 25.27 -7.44
N LEU A 218 -14.84 25.83 -6.55
CA LEU A 218 -13.55 26.41 -6.90
C LEU A 218 -12.51 25.32 -7.20
N LEU A 219 -11.94 25.36 -8.40
CA LEU A 219 -10.91 24.40 -8.80
C LEU A 219 -9.55 24.98 -8.41
N ASP A 220 -9.15 24.73 -7.17
CA ASP A 220 -8.06 25.44 -6.57
C ASP A 220 -6.78 24.61 -6.41
N SER A 221 -5.77 24.86 -7.24
CA SER A 221 -4.46 24.19 -7.10
C SER A 221 -3.78 24.46 -5.77
N GLY A 222 -4.06 25.63 -5.18
CA GLY A 222 -3.55 26.00 -3.87
C GLY A 222 -4.35 25.60 -2.64
N THR A 223 -5.26 24.65 -2.78
CA THR A 223 -5.88 24.00 -1.59
C THR A 223 -5.52 22.51 -1.55
N THR A 224 -5.15 22.00 -0.39
CA THR A 224 -4.76 20.57 -0.25
C THR A 224 -5.92 19.57 -0.38
N LEU A 225 -6.97 19.83 0.37
CA LEU A 225 -8.11 18.93 0.51
C LEU A 225 -9.32 19.43 -0.26
N THR A 226 -10.50 18.88 0.05
CA THR A 226 -11.73 19.25 -0.61
C THR A 226 -12.70 19.78 0.48
N TYR A 227 -13.40 20.86 0.14
CA TYR A 227 -14.24 21.58 1.10
C TYR A 227 -15.63 21.68 0.54
N PHE A 228 -16.62 21.43 1.41
CA PHE A 228 -18.04 21.47 1.03
C PHE A 228 -18.85 22.14 2.15
N PRO A 229 -20.02 22.72 1.81
CA PRO A 229 -20.91 23.19 2.89
C PRO A 229 -21.20 22.07 3.92
N SER A 230 -21.31 22.47 5.18
CA SER A 230 -21.45 21.55 6.31
CA SER A 230 -21.44 21.55 6.31
C SER A 230 -22.47 20.44 6.09
N ASP A 231 -23.68 20.82 5.64
CA ASP A 231 -24.77 19.81 5.47
C ASP A 231 -24.47 18.79 4.38
N PHE A 232 -23.89 19.26 3.27
CA PHE A 232 -23.49 18.36 2.19
C PHE A 232 -22.29 17.47 2.63
N ALA A 233 -21.29 18.07 3.27
CA ALA A 233 -20.16 17.30 3.81
C ALA A 233 -20.63 16.20 4.79
N ALA A 234 -21.59 16.54 5.65
CA ALA A 234 -22.20 15.57 6.61
C ALA A 234 -22.91 14.42 5.94
N GLN A 235 -23.53 14.67 4.80
CA GLN A 235 -24.15 13.60 4.05
C GLN A 235 -23.11 12.61 3.54
N LEU A 236 -21.97 13.13 3.07
CA LEU A 236 -20.90 12.29 2.57
C LEU A 236 -20.18 11.62 3.72
N ALA A 237 -19.97 12.33 4.81
CA ALA A 237 -19.30 11.79 5.98
C ALA A 237 -20.06 10.59 6.56
N ASP A 238 -21.39 10.65 6.49
CA ASP A 238 -22.23 9.54 6.90
C ASP A 238 -21.91 8.21 6.17
N LYS A 239 -21.68 8.25 4.85
CA LYS A 239 -21.27 7.04 4.09
C LYS A 239 -19.83 6.61 4.34
N ALA A 240 -18.94 7.58 4.57
CA ALA A 240 -17.50 7.34 4.67
C ALA A 240 -17.06 6.96 6.06
N GLY A 241 -17.80 7.39 7.08
CA GLY A 241 -17.50 7.11 8.47
C GLY A 241 -16.64 8.15 9.12
N ALA A 242 -16.44 9.29 8.44
CA ALA A 242 -15.68 10.38 9.03
C ALA A 242 -16.47 11.02 10.15
N ARG A 243 -15.76 11.47 11.18
CA ARG A 243 -16.32 12.02 12.39
C ARG A 243 -15.82 13.44 12.59
N LEU A 244 -16.75 14.35 12.88
CA LEU A 244 -16.43 15.76 13.08
C LEU A 244 -15.84 15.99 14.47
N VAL A 245 -14.75 16.73 14.55
CA VAL A 245 -14.07 17.02 15.82
C VAL A 245 -13.83 18.52 15.91
N GLN A 246 -14.20 19.10 17.05
CA GLN A 246 -13.97 20.51 17.27
C GLN A 246 -12.51 20.70 17.66
N VAL A 247 -11.79 21.53 16.91
CA VAL A 247 -10.36 21.76 17.17
C VAL A 247 -10.04 23.16 17.69
N ALA A 248 -10.97 24.10 17.55
CA ALA A 248 -10.80 25.44 18.12
C ALA A 248 -12.22 25.95 18.40
N ARG A 249 -12.37 27.15 18.98
CA ARG A 249 -13.72 27.67 19.30
C ARG A 249 -14.63 27.60 18.05
N ASP A 250 -14.09 28.04 16.91
CA ASP A 250 -14.87 28.08 15.66
C ASP A 250 -14.50 27.06 14.57
N GLN A 251 -13.46 26.23 14.78
CA GLN A 251 -13.00 25.29 13.74
C GLN A 251 -13.40 23.84 14.06
N TYR A 252 -13.95 23.16 13.05
CA TYR A 252 -14.27 21.74 13.08
C TYR A 252 -13.61 21.01 11.90
N LEU A 253 -13.08 19.81 12.17
CA LEU A 253 -12.46 18.98 11.13
C LEU A 253 -12.95 17.54 11.21
N TYR A 254 -13.23 16.98 10.05
CA TYR A 254 -13.43 15.56 9.91
C TYR A 254 -12.13 14.77 10.06
N PHE A 255 -12.12 13.85 11.02
CA PHE A 255 -11.06 12.86 11.17
C PHE A 255 -11.56 11.52 10.69
N ILE A 256 -10.62 10.68 10.32
CA ILE A 256 -10.94 9.35 9.86
C ILE A 256 -9.80 8.40 10.27
N ASP A 257 -10.13 7.13 10.47
CA ASP A 257 -9.11 6.21 10.95
C ASP A 257 -8.08 6.00 9.83
N CYS A 258 -6.81 6.10 10.19
CA CYS A 258 -5.73 5.96 9.19
C CYS A 258 -5.75 4.64 8.44
N ASN A 259 -6.23 3.58 9.09
CA ASN A 259 -6.33 2.25 8.46
C ASN A 259 -7.63 2.01 7.74
N THR A 260 -8.44 3.04 7.57
CA THR A 260 -9.69 2.91 6.87
C THR A 260 -9.45 2.42 5.47
N ASP A 261 -10.35 1.53 5.02
CA ASP A 261 -10.34 0.97 3.66
C ASP A 261 -10.50 2.10 2.66
N THR A 262 -9.65 2.09 1.62
CA THR A 262 -9.58 3.18 0.64
C THR A 262 -9.89 2.66 -0.73
N SER A 263 -10.44 1.46 -0.83
CA SER A 263 -10.92 1.00 -2.14
C SER A 263 -12.16 1.83 -2.51
N GLY A 264 -12.50 1.74 -3.78
CA GLY A 264 -13.61 2.47 -4.33
C GLY A 264 -13.18 3.85 -4.79
N THR A 265 -14.08 4.53 -5.46
CA THR A 265 -13.82 5.85 -6.00
C THR A 265 -14.94 6.80 -5.59
N THR A 266 -14.66 8.09 -5.68
CA THR A 266 -15.67 9.14 -5.60
C THR A 266 -15.74 9.83 -6.97
N VAL A 267 -16.94 9.93 -7.51
CA VAL A 267 -17.18 10.48 -8.85
C VAL A 267 -17.80 11.88 -8.73
N PHE A 268 -17.26 12.82 -9.50
CA PHE A 268 -17.73 14.20 -9.54
C PHE A 268 -18.32 14.46 -10.90
N ASN A 269 -19.61 14.84 -10.93
CA ASN A 269 -20.33 15.04 -12.18
C ASN A 269 -20.56 16.54 -12.38
N PHE A 270 -20.07 17.03 -13.51
CA PHE A 270 -20.12 18.44 -13.90
C PHE A 270 -21.07 18.61 -15.10
N GLY A 271 -21.15 19.81 -15.69
CA GLY A 271 -21.94 20.06 -16.91
C GLY A 271 -21.53 19.25 -18.14
N ASN A 272 -22.44 19.14 -19.10
CA ASN A 272 -22.14 18.54 -20.40
C ASN A 272 -21.57 17.12 -20.36
N GLY A 273 -21.96 16.36 -19.34
CA GLY A 273 -21.56 14.95 -19.21
C GLY A 273 -20.13 14.71 -18.76
N ALA A 274 -19.45 15.75 -18.29
CA ALA A 274 -18.07 15.62 -17.83
C ALA A 274 -18.07 14.97 -16.45
N LYS A 275 -17.08 14.10 -16.25
CA LYS A 275 -17.04 13.25 -15.09
C LYS A 275 -15.56 13.05 -14.70
N ILE A 276 -15.23 13.31 -13.43
CA ILE A 276 -13.92 12.99 -12.88
C ILE A 276 -14.07 11.96 -11.76
N THR A 277 -13.31 10.88 -11.88
CA THR A 277 -13.25 9.80 -10.91
C THR A 277 -11.97 9.89 -10.07
N VAL A 278 -12.15 9.95 -8.76
CA VAL A 278 -11.09 10.07 -7.80
C VAL A 278 -11.01 8.80 -6.96
N PRO A 279 -9.82 8.18 -6.86
CA PRO A 279 -9.67 7.01 -6.00
C PRO A 279 -9.78 7.41 -4.54
N ASN A 280 -10.40 6.54 -3.73
CA ASN A 280 -10.64 6.86 -2.34
C ASN A 280 -9.42 6.95 -1.47
N THR A 281 -8.25 6.59 -2.01
CA THR A 281 -6.98 6.88 -1.34
C THR A 281 -6.84 8.39 -1.05
N GLU A 282 -7.45 9.19 -1.90
CA GLU A 282 -7.39 10.67 -1.74
C GLU A 282 -8.13 11.25 -0.53
N TYR A 283 -8.90 10.43 0.19
CA TYR A 283 -9.69 10.91 1.31
C TYR A 283 -9.19 10.46 2.68
N VAL A 284 -7.97 9.93 2.73
CA VAL A 284 -7.28 9.72 4.00
C VAL A 284 -5.97 10.50 3.98
N TYR A 285 -5.85 11.48 4.86
CA TYR A 285 -4.68 12.37 4.92
C TYR A 285 -3.94 12.22 6.22
N GLN A 286 -2.66 11.85 6.13
CA GLN A 286 -1.85 11.57 7.33
C GLN A 286 -1.36 12.86 7.95
N ASN A 287 -1.70 13.07 9.22
CA ASN A 287 -1.10 14.14 10.01
C ASN A 287 0.20 13.62 10.60
N GLY A 288 1.00 14.49 11.18
CA GLY A 288 2.25 14.07 11.84
C GLY A 288 2.15 13.00 12.94
N ASP A 289 1.01 12.97 13.63
CA ASP A 289 0.90 12.39 14.99
C ASP A 289 0.16 11.04 15.11
N GLY A 290 -0.02 10.33 14.00
CA GLY A 290 -0.77 9.06 14.01
C GLY A 290 -2.29 9.18 13.85
N THR A 291 -2.81 10.39 13.66
CA THR A 291 -4.22 10.60 13.32
C THR A 291 -4.28 10.99 11.86
N CYS A 292 -5.45 10.83 11.25
CA CYS A 292 -5.67 11.20 9.87
C CYS A 292 -6.90 12.08 9.70
N LEU A 293 -6.81 13.03 8.77
CA LEU A 293 -7.95 13.81 8.34
C LEU A 293 -8.66 13.08 7.24
N TRP A 294 -9.98 13.26 7.16
CA TRP A 294 -10.71 12.89 6.00
C TRP A 294 -10.37 13.92 4.95
N GLY A 295 -10.44 13.53 3.68
CA GLY A 295 -10.10 14.42 2.56
C GLY A 295 -11.18 15.41 2.16
N ILE A 296 -12.36 15.32 2.79
CA ILE A 296 -13.45 16.32 2.70
C ILE A 296 -13.59 17.01 4.08
N GLN A 297 -13.79 18.33 4.05
CA GLN A 297 -13.91 19.13 5.23
C GLN A 297 -15.01 20.14 5.05
N PRO A 298 -15.60 20.63 6.17
CA PRO A 298 -16.70 21.55 6.02
C PRO A 298 -16.24 22.97 5.84
N SER A 299 -16.96 23.74 5.05
CA SER A 299 -16.67 25.16 4.88
C SER A 299 -17.87 25.86 4.25
N ASP A 300 -17.95 27.18 4.38
CA ASP A 300 -18.95 27.93 3.59
C ASP A 300 -18.63 27.97 2.09
N ASP A 301 -17.34 27.90 1.75
CA ASP A 301 -16.86 27.90 0.36
C ASP A 301 -16.62 26.48 -0.13
N THR A 302 -17.12 26.16 -1.30
CA THR A 302 -16.89 24.87 -1.94
C THR A 302 -15.60 24.92 -2.75
N ILE A 303 -14.65 24.04 -2.41
CA ILE A 303 -13.33 24.02 -3.07
C ILE A 303 -12.93 22.58 -3.40
N LEU A 304 -12.66 22.31 -4.68
CA LEU A 304 -12.02 21.06 -5.09
C LEU A 304 -10.52 21.36 -5.21
N GLY A 305 -9.78 20.92 -4.20
CA GLY A 305 -8.34 21.05 -4.14
C GLY A 305 -7.55 19.92 -4.80
N ASP A 306 -6.31 19.78 -4.35
CA ASP A 306 -5.32 18.92 -4.99
C ASP A 306 -5.75 17.45 -5.00
N ASN A 307 -6.42 17.03 -3.92
CA ASN A 307 -6.88 15.65 -3.84
C ASN A 307 -7.92 15.30 -4.88
N PHE A 308 -8.63 16.31 -5.39
CA PHE A 308 -9.45 16.14 -6.56
C PHE A 308 -8.63 16.36 -7.85
N LEU A 309 -7.89 17.47 -7.89
CA LEU A 309 -7.34 17.96 -9.15
C LEU A 309 -6.27 17.03 -9.73
N ARG A 310 -5.61 16.23 -8.89
CA ARG A 310 -4.66 15.21 -9.39
C ARG A 310 -5.27 14.24 -10.37
N HIS A 311 -6.59 14.09 -10.36
CA HIS A 311 -7.30 13.12 -11.19
C HIS A 311 -7.97 13.68 -12.41
N ALA A 312 -7.78 14.99 -12.62
CA ALA A 312 -8.26 15.65 -13.82
C ALA A 312 -7.09 16.30 -14.58
N TYR A 313 -7.25 16.37 -15.89
CA TYR A 313 -6.46 17.29 -16.71
C TYR A 313 -7.36 18.51 -16.91
N LEU A 314 -6.85 19.70 -16.55
CA LEU A 314 -7.66 20.92 -16.63
C LEU A 314 -7.01 21.98 -17.52
N LEU A 315 -7.78 22.52 -18.47
CA LEU A 315 -7.37 23.71 -19.24
C LEU A 315 -8.22 24.88 -18.77
N TYR A 316 -7.61 25.74 -17.99
CA TYR A 316 -8.27 26.94 -17.50
C TYR A 316 -8.13 27.98 -18.61
N ASN A 317 -9.24 28.59 -19.04
CA ASN A 317 -9.18 29.64 -20.06
C ASN A 317 -9.81 30.90 -19.46
N LEU A 318 -8.95 31.80 -19.01
CA LEU A 318 -9.42 33.03 -18.35
C LEU A 318 -9.93 34.07 -19.36
N ASP A 319 -9.64 33.92 -20.64
CA ASP A 319 -10.21 34.81 -21.68
C ASP A 319 -11.61 34.35 -22.09
N ALA A 320 -11.80 33.05 -22.25
CA ALA A 320 -13.11 32.49 -22.62
C ALA A 320 -14.01 32.25 -21.41
N ASN A 321 -13.47 32.34 -20.20
CA ASN A 321 -14.19 32.02 -18.98
C ASN A 321 -14.73 30.59 -18.99
N THR A 322 -13.85 29.66 -19.36
CA THR A 322 -14.16 28.24 -19.33
C THR A 322 -13.05 27.49 -18.62
N ILE A 323 -13.39 26.36 -18.02
CA ILE A 323 -12.39 25.39 -17.59
C ILE A 323 -12.76 24.10 -18.26
N SER A 324 -11.84 23.54 -19.06
CA SER A 324 -12.14 22.32 -19.80
C SER A 324 -11.48 21.16 -19.08
N ILE A 325 -12.22 20.06 -18.91
CA ILE A 325 -11.78 18.98 -18.02
C ILE A 325 -11.92 17.62 -18.66
N ALA A 326 -11.03 16.71 -18.24
CA ALA A 326 -11.09 15.32 -18.68
C ALA A 326 -10.35 14.49 -17.65
N GLN A 327 -10.69 13.21 -17.61
CA GLN A 327 -10.07 12.28 -16.69
C GLN A 327 -8.58 12.23 -17.05
N VAL A 328 -7.72 12.40 -16.05
CA VAL A 328 -6.26 12.43 -16.28
C VAL A 328 -5.76 11.07 -16.74
N LYS A 329 -4.74 11.10 -17.60
CA LYS A 329 -3.97 9.90 -17.99
C LYS A 329 -2.53 10.18 -17.57
N TYR A 330 -2.02 9.41 -16.61
CA TYR A 330 -0.69 9.61 -16.11
C TYR A 330 0.29 8.99 -17.10
N THR A 331 1.09 9.82 -17.73
CA THR A 331 2.05 9.36 -18.73
C THR A 331 3.14 10.38 -18.98
N THR A 332 4.34 9.90 -19.31
CA THR A 332 5.42 10.78 -19.76
C THR A 332 5.22 11.23 -21.20
N ASP A 333 4.35 10.56 -21.95
CA ASP A 333 4.07 10.96 -23.32
C ASP A 333 3.53 12.38 -23.34
N SER A 334 3.88 13.12 -24.37
CA SER A 334 3.57 14.54 -24.41
C SER A 334 3.36 14.97 -25.84
N SER A 335 2.25 15.67 -26.06
CA SER A 335 1.92 16.22 -27.34
C SER A 335 1.18 17.55 -27.09
N ILE A 336 1.97 18.59 -26.88
CA ILE A 336 1.46 19.92 -26.52
C ILE A 336 1.08 20.76 -27.74
N SER A 337 -0.13 21.31 -27.72
CA SER A 337 -0.54 22.30 -28.71
C SER A 337 -0.82 23.65 -28.04
N ALA A 338 -0.56 24.73 -28.77
CA ALA A 338 -0.84 26.08 -28.29
C ALA A 338 -2.33 26.32 -28.13
N VAL A 339 -2.72 27.15 -27.17
CA VAL A 339 -4.08 27.65 -27.14
C VAL A 339 -4.00 29.17 -27.09
N ASP B 1 -9.04 -40.34 4.38
CA ASP B 1 -9.28 -39.68 5.68
C ASP B 1 -8.26 -38.56 5.95
N SER B 2 -8.75 -37.34 5.83
CA SER B 2 -8.02 -36.12 6.11
C SER B 2 -8.79 -35.34 7.15
N ILE B 3 -8.09 -34.49 7.89
CA ILE B 3 -8.74 -33.59 8.84
C ILE B 3 -8.26 -32.15 8.52
N SER B 4 -9.17 -31.33 8.01
CA SER B 4 -8.88 -29.92 7.75
C SER B 4 -9.15 -29.15 9.04
N LEU B 5 -8.25 -28.24 9.38
CA LEU B 5 -8.34 -27.43 10.59
C LEU B 5 -8.01 -26.00 10.23
N SER B 6 -8.93 -25.08 10.53
CA SER B 6 -8.71 -23.65 10.29
CA SER B 6 -8.69 -23.66 10.28
C SER B 6 -7.57 -23.12 11.15
N LEU B 7 -6.71 -22.32 10.51
CA LEU B 7 -5.63 -21.61 11.16
C LEU B 7 -6.05 -20.15 11.28
N ILE B 8 -6.04 -19.62 12.48
CA ILE B 8 -6.36 -18.23 12.71
C ILE B 8 -5.06 -17.44 12.59
N ASN B 9 -5.01 -16.47 11.68
CA ASN B 9 -3.85 -15.55 11.57
C ASN B 9 -3.92 -14.54 12.70
N GLU B 10 -3.15 -14.74 13.75
CA GLU B 10 -3.16 -13.85 14.91
C GLU B 10 -2.14 -12.70 14.77
N GLY B 11 -1.37 -12.71 13.69
CA GLY B 11 -0.29 -11.72 13.49
C GLY B 11 1.06 -12.46 13.56
N PRO B 12 1.67 -12.52 14.74
CA PRO B 12 2.95 -13.23 14.88
C PRO B 12 2.87 -14.76 14.79
N SER B 13 1.68 -15.32 14.97
CA SER B 13 1.44 -16.78 15.08
C SER B 13 0.14 -17.18 14.38
N TYR B 14 0.02 -18.47 14.06
CA TYR B 14 -1.17 -19.08 13.53
C TYR B 14 -1.64 -20.09 14.60
N ALA B 15 -2.94 -20.03 14.90
CA ALA B 15 -3.53 -20.82 15.98
C ALA B 15 -4.83 -21.48 15.53
N SER B 16 -5.24 -22.54 16.23
CA SER B 16 -6.47 -23.24 15.92
C SER B 16 -7.27 -23.50 17.19
N LYS B 17 -8.59 -23.59 17.02
CA LYS B 17 -9.47 -24.07 18.10
C LYS B 17 -9.42 -25.58 18.14
N VAL B 18 -9.10 -26.12 19.31
CA VAL B 18 -8.99 -27.56 19.63
CA VAL B 18 -9.19 -27.55 19.55
C VAL B 18 -9.77 -27.77 20.94
N SER B 19 -10.49 -28.88 21.10
CA SER B 19 -11.15 -29.11 22.38
C SER B 19 -10.43 -30.19 23.16
N VAL B 20 -10.41 -30.03 24.48
CA VAL B 20 -9.77 -30.97 25.36
C VAL B 20 -10.73 -31.37 26.47
N GLY B 21 -10.72 -32.66 26.79
CA GLY B 21 -11.47 -33.18 27.92
C GLY B 21 -12.85 -33.75 27.56
N SER B 22 -13.44 -34.47 28.50
CA SER B 22 -14.80 -35.05 28.30
C SER B 22 -15.83 -33.97 27.96
N ASN B 23 -15.64 -32.82 28.58
CA ASN B 23 -16.50 -31.68 28.40
C ASN B 23 -16.05 -30.69 27.28
N LYS B 24 -15.09 -31.09 26.43
CA LYS B 24 -14.75 -30.37 25.19
C LYS B 24 -14.49 -28.90 25.44
N GLN B 25 -13.54 -28.67 26.33
CA GLN B 25 -13.09 -27.34 26.71
C GLN B 25 -12.26 -26.74 25.56
N GLN B 26 -12.73 -25.63 25.02
CA GLN B 26 -12.14 -25.04 23.82
CA GLN B 26 -12.15 -25.06 23.81
C GLN B 26 -10.86 -24.31 24.14
N GLN B 27 -9.78 -24.69 23.45
CA GLN B 27 -8.46 -24.02 23.59
C GLN B 27 -8.10 -23.43 22.23
N THR B 28 -7.59 -22.20 22.20
CA THR B 28 -7.09 -21.61 20.95
C THR B 28 -5.57 -21.63 21.10
N VAL B 29 -4.94 -22.50 20.32
CA VAL B 29 -3.56 -22.87 20.54
C VAL B 29 -2.75 -22.76 19.27
N ILE B 30 -1.50 -22.38 19.45
CA ILE B 30 -0.58 -22.18 18.31
C ILE B 30 -0.25 -23.49 17.62
N ILE B 31 -0.33 -23.50 16.30
CA ILE B 31 0.04 -24.66 15.51
C ILE B 31 1.53 -24.54 15.21
N ASP B 32 2.32 -25.46 15.76
CA ASP B 32 3.78 -25.33 15.79
C ASP B 32 4.49 -26.57 15.25
N THR B 33 5.00 -26.46 14.02
CA THR B 33 5.85 -27.53 13.44
C THR B 33 7.26 -27.57 14.08
N GLY B 34 7.57 -26.56 14.88
CA GLY B 34 8.85 -26.43 15.54
C GLY B 34 8.96 -27.00 16.92
N SER B 35 7.88 -27.57 17.46
CA SER B 35 7.91 -28.23 18.77
C SER B 35 7.02 -29.45 18.66
N SER B 36 7.05 -30.30 19.67
CA SER B 36 6.41 -31.60 19.55
C SER B 36 5.45 -31.97 20.70
N ASP B 37 5.22 -31.03 21.61
CA ASP B 37 4.35 -31.26 22.74
C ASP B 37 3.15 -30.36 22.62
N PHE B 38 1.98 -30.92 22.99
CA PHE B 38 0.75 -30.16 23.13
C PHE B 38 0.50 -29.82 24.61
N TRP B 39 0.50 -28.52 24.91
CA TRP B 39 0.23 -28.06 26.26
C TRP B 39 -0.87 -27.02 26.25
N VAL B 40 -1.58 -26.97 27.37
CA VAL B 40 -2.69 -26.07 27.56
C VAL B 40 -2.49 -25.22 28.81
N VAL B 41 -3.09 -24.04 28.79
CA VAL B 41 -2.99 -23.13 29.90
C VAL B 41 -3.99 -23.57 30.95
N ASP B 42 -3.51 -23.97 32.13
CA ASP B 42 -4.43 -24.32 33.23
C ASP B 42 -5.23 -23.08 33.65
N SER B 43 -6.52 -23.28 33.98
CA SER B 43 -7.36 -22.18 34.44
CA SER B 43 -7.35 -22.16 34.42
C SER B 43 -6.79 -21.42 35.64
N ASN B 44 -5.99 -22.11 36.45
CA ASN B 44 -5.32 -21.53 37.61
CA ASN B 44 -5.32 -21.50 37.61
C ASN B 44 -3.84 -21.22 37.36
N ALA B 45 -3.42 -21.13 36.08
CA ALA B 45 -2.01 -20.87 35.78
C ALA B 45 -1.58 -19.48 36.30
N GLN B 46 -0.30 -19.33 36.63
CA GLN B 46 0.30 -18.01 36.85
C GLN B 46 0.99 -17.61 35.55
N CYS B 47 0.53 -16.54 34.92
CA CYS B 47 1.19 -16.04 33.71
C CYS B 47 2.49 -15.33 34.05
N GLY B 48 3.41 -15.32 33.10
CA GLY B 48 4.63 -14.58 33.25
C GLY B 48 4.35 -13.10 33.38
N LYS B 49 5.38 -12.36 33.76
CA LYS B 49 5.24 -10.94 33.96
C LYS B 49 4.82 -10.26 32.66
N GLY B 50 3.74 -9.50 32.72
CA GLY B 50 3.22 -8.78 31.56
C GLY B 50 2.58 -9.66 30.49
N VAL B 51 2.29 -10.92 30.79
CA VAL B 51 1.81 -11.85 29.78
C VAL B 51 0.33 -12.14 30.05
N ASP B 52 -0.50 -11.92 29.04
CA ASP B 52 -1.92 -12.22 29.13
C ASP B 52 -2.18 -13.67 28.66
N CYS B 53 -1.85 -14.66 29.48
CA CYS B 53 -1.85 -16.05 29.01
C CYS B 53 -3.23 -16.77 29.12
N LYS B 54 -4.22 -16.11 29.69
CA LYS B 54 -5.54 -16.73 29.88
C LYS B 54 -6.63 -16.24 28.96
N SER B 55 -6.29 -15.47 27.92
CA SER B 55 -7.29 -14.87 27.03
CA SER B 55 -7.31 -14.90 27.04
C SER B 55 -7.61 -15.71 25.78
N SER B 56 -6.97 -16.87 25.62
CA SER B 56 -7.17 -17.74 24.44
C SER B 56 -7.70 -19.10 24.82
N GLY B 57 -8.49 -19.18 25.89
CA GLY B 57 -9.02 -20.46 26.39
C GLY B 57 -8.12 -20.98 27.50
N THR B 58 -8.73 -21.62 28.52
CA THR B 58 -7.98 -22.31 29.54
C THR B 58 -8.60 -23.67 29.77
N PHE B 59 -7.84 -24.54 30.41
CA PHE B 59 -8.23 -25.91 30.68
C PHE B 59 -8.33 -26.13 32.20
N THR B 60 -9.43 -26.75 32.62
CA THR B 60 -9.70 -27.08 34.02
C THR B 60 -9.74 -28.61 34.08
N PRO B 61 -8.63 -29.26 34.48
CA PRO B 61 -8.57 -30.72 34.53
C PRO B 61 -9.71 -31.37 35.36
N SER B 62 -10.06 -30.72 36.46
CA SER B 62 -11.07 -31.24 37.37
C SER B 62 -12.50 -31.34 36.77
N SER B 63 -12.79 -30.61 35.70
CA SER B 63 -14.06 -30.69 34.98
C SER B 63 -14.11 -31.80 33.94
N SER B 64 -12.98 -32.41 33.63
CA SER B 64 -12.95 -33.48 32.68
C SER B 64 -12.93 -34.84 33.38
N SER B 65 -13.91 -35.68 33.10
CA SER B 65 -14.02 -37.02 33.70
C SER B 65 -12.91 -37.97 33.24
N SER B 66 -12.35 -37.68 32.05
CA SER B 66 -11.35 -38.53 31.43
C SER B 66 -9.91 -38.09 31.64
N TYR B 67 -9.68 -36.99 32.37
CA TYR B 67 -8.33 -36.49 32.59
C TYR B 67 -7.56 -37.44 33.48
N LYS B 68 -6.33 -37.77 33.07
CA LYS B 68 -5.44 -38.61 33.88
C LYS B 68 -4.18 -37.78 34.19
N ASN B 69 -3.85 -37.63 35.47
CA ASN B 69 -2.60 -36.98 35.92
C ASN B 69 -1.49 -38.02 35.89
N LEU B 70 -0.43 -37.77 35.11
N LEU B 70 -0.46 -37.82 35.06
CA LEU B 70 0.70 -38.71 35.03
CA LEU B 70 0.72 -38.66 35.14
C LEU B 70 1.72 -38.52 36.16
C LEU B 70 1.55 -38.07 36.28
N GLY B 71 1.58 -37.47 36.95
N GLY B 71 2.51 -38.80 36.82
CA GLY B 71 2.51 -37.15 38.03
CA GLY B 71 3.22 -38.27 37.96
C GLY B 71 3.76 -36.35 37.63
C GLY B 71 4.20 -37.12 37.71
N ALA B 72 4.31 -36.66 36.45
CA ALA B 72 5.60 -36.14 36.01
C ALA B 72 5.58 -34.63 35.67
N ALA B 73 6.61 -33.95 36.14
CA ALA B 73 6.83 -32.53 35.86
C ALA B 73 7.14 -32.32 34.36
N PHE B 74 6.58 -31.24 33.82
CA PHE B 74 6.76 -30.81 32.46
C PHE B 74 7.49 -29.47 32.49
N THR B 75 8.51 -29.36 31.63
CA THR B 75 9.18 -28.07 31.38
C THR B 75 9.61 -27.99 29.90
N ILE B 76 9.46 -26.81 29.30
CA ILE B 76 9.88 -26.56 27.92
C ILE B 76 10.42 -25.12 27.83
N ARG B 77 11.41 -24.94 26.98
CA ARG B 77 12.02 -23.64 26.69
C ARG B 77 11.93 -23.48 25.19
N TYR B 78 11.70 -22.26 24.71
CA TYR B 78 11.58 -22.03 23.28
C TYR B 78 12.71 -21.09 22.80
N GLY B 79 12.88 -21.01 21.50
CA GLY B 79 13.99 -20.23 20.87
C GLY B 79 13.94 -18.77 21.19
N ASP B 80 12.75 -18.21 21.42
CA ASP B 80 12.66 -16.80 21.76
C ASP B 80 12.89 -16.50 23.24
N GLY B 81 13.20 -17.53 24.03
CA GLY B 81 13.43 -17.38 25.46
C GLY B 81 12.24 -17.71 26.36
N SER B 82 11.05 -17.84 25.77
CA SER B 82 9.85 -18.10 26.57
C SER B 82 9.86 -19.55 27.07
N THR B 83 9.15 -19.78 28.18
CA THR B 83 9.13 -21.08 28.82
C THR B 83 7.70 -21.42 29.32
N SER B 84 7.47 -22.71 29.55
CA SER B 84 6.24 -23.19 30.18
C SER B 84 6.61 -24.33 31.12
N GLN B 85 5.93 -24.39 32.26
CA GLN B 85 6.07 -25.48 33.19
C GLN B 85 4.71 -25.94 33.71
N GLY B 86 4.63 -27.24 34.00
CA GLY B 86 3.41 -27.79 34.60
C GLY B 86 3.59 -29.25 34.88
N THR B 87 2.56 -30.02 34.56
CA THR B 87 2.60 -31.47 34.80
C THR B 87 2.03 -32.19 33.60
N TRP B 88 2.56 -33.36 33.34
CA TRP B 88 2.06 -34.21 32.28
C TRP B 88 0.73 -34.88 32.64
N GLY B 89 -0.14 -35.01 31.65
CA GLY B 89 -1.45 -35.66 31.78
C GLY B 89 -1.89 -36.29 30.49
N LYS B 90 -3.10 -36.85 30.50
CA LYS B 90 -3.72 -37.44 29.33
C LYS B 90 -5.18 -37.07 29.32
N ASP B 91 -5.69 -36.78 28.15
CA ASP B 91 -7.13 -36.57 27.97
C ASP B 91 -7.51 -36.73 26.52
N THR B 92 -8.82 -36.67 26.29
CA THR B 92 -9.36 -36.64 24.97
C THR B 92 -9.07 -35.29 24.30
N VAL B 93 -8.68 -35.35 23.04
CA VAL B 93 -8.43 -34.17 22.23
C VAL B 93 -9.30 -34.26 21.00
N THR B 94 -9.98 -33.17 20.68
CA THR B 94 -10.87 -33.11 19.53
C THR B 94 -10.46 -31.99 18.57
N ILE B 95 -10.27 -32.37 17.31
CA ILE B 95 -9.77 -31.51 16.24
C ILE B 95 -10.78 -31.53 15.11
N ASN B 96 -11.46 -30.41 14.89
CA ASN B 96 -12.57 -30.33 13.89
C ASN B 96 -13.47 -31.59 13.89
N GLY B 97 -13.95 -31.94 15.06
CA GLY B 97 -14.95 -33.01 15.18
C GLY B 97 -14.34 -34.39 15.33
N VAL B 98 -13.02 -34.51 15.21
CA VAL B 98 -12.38 -35.81 15.26
C VAL B 98 -11.68 -35.94 16.60
N SER B 99 -12.06 -36.97 17.34
CA SER B 99 -11.54 -37.18 18.70
C SER B 99 -10.52 -38.29 18.76
N ILE B 100 -9.48 -38.04 19.54
CA ILE B 100 -8.50 -39.05 19.94
C ILE B 100 -8.54 -39.20 21.46
N THR B 101 -8.47 -40.42 21.97
CA THR B 101 -8.51 -40.63 23.43
C THR B 101 -7.12 -40.88 23.99
N GLY B 102 -6.97 -40.55 25.26
CA GLY B 102 -5.78 -40.83 26.04
C GLY B 102 -4.52 -40.16 25.48
N GLN B 103 -4.70 -38.97 24.91
CA GLN B 103 -3.57 -38.24 24.31
C GLN B 103 -2.79 -37.56 25.42
N GLN B 104 -1.48 -37.81 25.45
CA GLN B 104 -0.61 -37.18 26.41
C GLN B 104 -0.43 -35.70 26.07
N ILE B 105 -0.62 -34.86 27.08
CA ILE B 105 -0.59 -33.41 26.97
C ILE B 105 0.07 -32.91 28.23
N ALA B 106 0.42 -31.62 28.25
CA ALA B 106 0.86 -30.99 29.48
C ALA B 106 -0.15 -29.95 29.95
N ASP B 107 -0.44 -29.99 31.25
CA ASP B 107 -1.27 -29.01 31.92
C ASP B 107 -0.34 -27.98 32.54
N VAL B 108 -0.28 -26.81 31.93
CA VAL B 108 0.73 -25.79 32.27
C VAL B 108 0.22 -24.80 33.28
N THR B 109 0.94 -24.67 34.37
CA THR B 109 0.57 -23.78 35.49
C THR B 109 1.44 -22.53 35.62
N GLN B 110 2.48 -22.43 34.81
CA GLN B 110 3.25 -21.19 34.72
C GLN B 110 3.83 -21.09 33.31
N THR B 111 3.62 -19.94 32.69
CA THR B 111 4.07 -19.74 31.32
C THR B 111 4.24 -18.27 30.96
N SER B 112 5.28 -18.02 30.15
CA SER B 112 5.51 -16.68 29.56
C SER B 112 5.02 -16.60 28.11
N VAL B 113 4.34 -17.65 27.65
CA VAL B 113 3.70 -17.69 26.34
C VAL B 113 2.26 -17.22 26.49
N ASP B 114 1.74 -16.58 25.43
CA ASP B 114 0.41 -15.98 25.45
C ASP B 114 -0.74 -16.96 25.43
N GLN B 115 -0.49 -18.18 24.98
CA GLN B 115 -1.53 -19.19 24.79
C GLN B 115 -0.85 -20.53 24.69
N GLY B 116 -1.65 -21.60 24.73
CA GLY B 116 -1.13 -22.95 24.58
C GLY B 116 -0.54 -23.20 23.19
N ILE B 117 0.21 -24.29 23.08
CA ILE B 117 0.89 -24.64 21.82
C ILE B 117 0.63 -26.10 21.52
N LEU B 118 0.16 -26.34 20.31
CA LEU B 118 0.02 -27.69 19.78
C LEU B 118 1.24 -27.98 18.90
N GLY B 119 2.27 -28.56 19.52
CA GLY B 119 3.45 -28.99 18.83
C GLY B 119 3.18 -30.27 18.06
N ILE B 120 3.48 -30.23 16.77
CA ILE B 120 3.20 -31.33 15.85
C ILE B 120 4.45 -31.88 15.14
N GLY B 121 5.62 -31.59 15.68
CA GLY B 121 6.87 -32.15 15.12
C GLY B 121 7.15 -33.59 15.54
N TYR B 122 8.40 -33.99 15.32
CA TYR B 122 8.81 -35.37 15.58
C TYR B 122 8.76 -35.70 17.07
N THR B 123 8.41 -36.95 17.42
CA THR B 123 8.41 -37.35 18.81
C THR B 123 9.78 -37.26 19.44
N SER B 124 10.84 -37.46 18.67
CA SER B 124 12.19 -37.37 19.23
C SER B 124 12.55 -35.98 19.74
N ASN B 125 11.75 -34.94 19.38
CA ASN B 125 11.99 -33.59 19.88
C ASN B 125 11.08 -33.16 21.01
N GLU B 126 10.43 -34.13 21.66
CA GLU B 126 9.64 -33.83 22.84
C GLU B 126 10.46 -33.32 23.99
N ALA B 127 9.87 -32.39 24.72
CA ALA B 127 10.47 -31.79 25.90
C ALA B 127 10.26 -32.68 27.13
N VAL B 128 11.12 -33.68 27.26
CA VAL B 128 10.99 -34.69 28.31
C VAL B 128 12.21 -34.70 29.23
N TYR B 129 12.90 -33.56 29.28
CA TYR B 129 14.20 -33.41 29.95
C TYR B 129 14.12 -32.34 31.02
N ASP B 130 14.83 -32.50 32.14
CA ASP B 130 14.81 -31.41 33.14
C ASP B 130 15.93 -30.43 32.79
N THR B 131 16.05 -29.34 33.53
CA THR B 131 17.13 -28.36 33.28
C THR B 131 18.51 -28.91 33.57
N SER B 132 18.60 -29.93 34.42
CA SER B 132 19.85 -30.70 34.55
C SER B 132 20.26 -31.30 33.22
N GLY B 133 19.29 -31.64 32.36
CA GLY B 133 19.53 -32.30 31.06
C GLY B 133 19.17 -33.78 31.09
N ARG B 134 18.80 -34.30 32.27
CA ARG B 134 18.36 -35.68 32.45
C ARG B 134 16.95 -35.87 31.85
N GLN B 135 16.74 -36.94 31.07
CA GLN B 135 15.38 -37.36 30.68
C GLN B 135 14.57 -37.79 31.88
N THR B 136 13.42 -37.17 32.10
CA THR B 136 12.61 -37.44 33.28
C THR B 136 11.33 -38.23 33.00
N THR B 137 10.97 -38.39 31.73
CA THR B 137 9.76 -39.13 31.38
C THR B 137 10.00 -39.67 30.00
N PRO B 138 9.35 -40.80 29.66
CA PRO B 138 9.64 -41.34 28.33
C PRO B 138 9.12 -40.47 27.19
N ASN B 139 9.72 -40.63 26.01
CA ASN B 139 9.13 -40.17 24.78
C ASN B 139 7.79 -40.91 24.58
N TYR B 140 6.89 -40.32 23.83
CA TYR B 140 5.50 -40.73 23.83
C TYR B 140 4.88 -40.38 22.50
N ASP B 141 3.68 -40.90 22.26
CA ASP B 141 2.94 -40.62 21.07
C ASP B 141 2.35 -39.22 21.15
N ASN B 142 2.86 -38.30 20.34
CA ASN B 142 2.26 -36.96 20.30
C ASN B 142 1.07 -36.95 19.33
N VAL B 143 0.47 -35.79 19.15
CA VAL B 143 -0.82 -35.71 18.45
C VAL B 143 -0.86 -36.36 17.08
N PRO B 144 0.11 -36.04 16.20
CA PRO B 144 0.05 -36.64 14.87
C PRO B 144 0.21 -38.16 14.85
N VAL B 145 1.05 -38.67 15.74
CA VAL B 145 1.22 -40.13 15.88
C VAL B 145 -0.10 -40.77 16.31
N THR B 146 -0.75 -40.15 17.29
CA THR B 146 -2.00 -40.67 17.81
C THR B 146 -3.11 -40.62 16.78
N LEU B 147 -3.16 -39.56 15.98
CA LEU B 147 -4.11 -39.48 14.90
C LEU B 147 -3.95 -40.66 13.96
N LYS B 148 -2.70 -41.03 13.67
CA LYS B 148 -2.44 -42.20 12.85
C LYS B 148 -2.80 -43.49 13.55
N LYS B 149 -2.30 -43.67 14.77
CA LYS B 149 -2.53 -44.92 15.51
C LYS B 149 -4.01 -45.21 15.76
N GLN B 150 -4.83 -44.17 15.95
CA GLN B 150 -6.26 -44.34 16.17
C GLN B 150 -7.10 -44.32 14.88
N GLY B 151 -6.45 -44.47 13.72
CA GLY B 151 -7.16 -44.69 12.45
C GLY B 151 -7.76 -43.43 11.84
N LYS B 152 -7.38 -42.25 12.32
CA LYS B 152 -7.96 -41.00 11.84
C LYS B 152 -7.29 -40.49 10.56
N ILE B 153 -6.01 -40.79 10.40
CA ILE B 153 -5.24 -40.51 9.19
C ILE B 153 -4.40 -41.75 8.87
N ARG B 154 -4.09 -41.92 7.61
CA ARG B 154 -3.31 -43.05 7.13
C ARG B 154 -1.80 -42.92 7.42
N THR B 155 -1.29 -41.69 7.32
CA THR B 155 0.15 -41.41 7.35
C THR B 155 0.36 -40.26 8.31
N ASN B 156 1.44 -40.30 9.09
CA ASN B 156 1.83 -39.14 9.90
C ASN B 156 2.35 -38.05 8.97
N ALA B 157 1.42 -37.26 8.47
CA ALA B 157 1.72 -36.18 7.54
C ALA B 157 0.71 -35.08 7.66
N TYR B 158 1.12 -33.86 7.32
CA TYR B 158 0.19 -32.73 7.24
C TYR B 158 0.61 -31.70 6.22
N SER B 159 -0.38 -31.03 5.62
CA SER B 159 -0.15 -29.95 4.65
C SER B 159 -0.42 -28.60 5.30
N LEU B 160 0.47 -27.63 5.06
CA LEU B 160 0.39 -26.31 5.65
C LEU B 160 0.10 -25.25 4.59
N TYR B 161 -1.04 -24.55 4.77
CA TYR B 161 -1.44 -23.40 3.97
C TYR B 161 -1.72 -22.21 4.87
N LEU B 162 -0.69 -21.44 5.11
CA LEU B 162 -0.85 -20.27 5.98
C LEU B 162 -1.71 -19.21 5.32
N ASN B 163 -1.78 -19.25 3.98
CA ASN B 163 -2.53 -18.29 3.17
C ASN B 163 -1.77 -16.96 3.09
N SER B 164 -2.37 -15.99 2.40
CA SER B 164 -1.70 -14.74 2.11
C SER B 164 -1.50 -13.86 3.35
N PRO B 165 -0.55 -12.92 3.27
CA PRO B 165 -0.28 -12.01 4.38
C PRO B 165 -1.52 -11.25 4.90
N SER B 166 -2.42 -10.88 4.03
CA SER B 166 -3.61 -10.16 4.54
C SER B 166 -4.75 -11.11 5.05
N ALA B 167 -4.65 -12.42 4.79
CA ALA B 167 -5.76 -13.36 5.05
C ALA B 167 -6.03 -13.52 6.55
N GLU B 168 -7.30 -13.65 6.91
CA GLU B 168 -7.70 -13.88 8.30
CA GLU B 168 -7.68 -13.87 8.30
C GLU B 168 -7.40 -15.32 8.72
N THR B 169 -7.50 -16.24 7.77
CA THR B 169 -7.40 -17.69 8.07
C THR B 169 -6.69 -18.45 6.96
N GLY B 170 -6.02 -19.53 7.35
CA GLY B 170 -5.45 -20.51 6.46
C GLY B 170 -5.97 -21.87 6.91
N THR B 171 -5.27 -22.92 6.51
CA THR B 171 -5.69 -24.29 6.77
C THR B 171 -4.49 -25.19 6.98
N ILE B 172 -4.58 -26.07 7.96
CA ILE B 172 -3.67 -27.22 8.08
C ILE B 172 -4.52 -28.45 7.86
N ILE B 173 -4.01 -29.40 7.09
CA ILE B 173 -4.69 -30.65 6.80
C ILE B 173 -3.84 -31.82 7.28
N PHE B 174 -4.30 -32.50 8.34
CA PHE B 174 -3.68 -33.72 8.80
C PHE B 174 -4.08 -34.84 7.87
N GLY B 175 -3.08 -35.58 7.38
CA GLY B 175 -3.30 -36.72 6.48
C GLY B 175 -3.90 -36.42 5.12
N GLY B 176 -3.71 -35.19 4.65
CA GLY B 176 -4.17 -34.81 3.34
C GLY B 176 -3.37 -33.71 2.69
N VAL B 177 -3.69 -33.47 1.43
CA VAL B 177 -3.03 -32.47 0.61
C VAL B 177 -4.04 -31.82 -0.33
N ASP B 178 -4.06 -30.48 -0.34
CA ASP B 178 -4.96 -29.74 -1.21
C ASP B 178 -4.26 -29.38 -2.50
N ASN B 179 -4.60 -30.13 -3.55
CA ASN B 179 -3.90 -30.01 -4.82
C ASN B 179 -4.32 -28.80 -5.65
N ALA B 180 -5.30 -28.03 -5.18
CA ALA B 180 -5.68 -26.82 -5.86
C ALA B 180 -4.84 -25.62 -5.43
N LYS B 181 -4.05 -25.76 -4.37
CA LYS B 181 -3.45 -24.60 -3.73
C LYS B 181 -1.96 -24.41 -3.97
N TYR B 182 -1.46 -24.91 -5.09
CA TYR B 182 -0.06 -24.67 -5.45
C TYR B 182 0.05 -24.73 -6.97
N SER B 183 1.11 -24.11 -7.51
CA SER B 183 1.41 -24.20 -8.94
C SER B 183 2.60 -25.13 -9.14
N GLY B 184 2.72 -25.65 -10.36
CA GLY B 184 3.69 -26.70 -10.66
C GLY B 184 3.43 -27.97 -9.86
N LYS B 185 4.50 -28.70 -9.56
CA LYS B 185 4.41 -29.97 -8.80
C LYS B 185 5.06 -29.84 -7.45
N LEU B 186 4.51 -30.55 -6.47
CA LEU B 186 5.18 -30.64 -5.19
C LEU B 186 6.47 -31.42 -5.39
N VAL B 187 7.57 -30.88 -4.87
CA VAL B 187 8.87 -31.52 -4.93
C VAL B 187 9.24 -32.01 -3.55
N ALA B 188 9.49 -33.32 -3.42
CA ALA B 188 9.87 -33.91 -2.16
C ALA B 188 11.33 -33.58 -1.85
N GLU B 189 11.55 -33.10 -0.63
CA GLU B 189 12.88 -32.82 -0.11
C GLU B 189 13.11 -33.68 1.11
N GLN B 190 14.30 -34.28 1.19
CA GLN B 190 14.69 -35.09 2.33
CA GLN B 190 14.68 -35.10 2.32
C GLN B 190 14.87 -34.25 3.59
N VAL B 191 14.27 -34.68 4.67
CA VAL B 191 14.47 -34.04 5.94
C VAL B 191 15.88 -34.39 6.45
N THR B 192 16.61 -33.37 6.91
CA THR B 192 18.06 -33.48 7.18
C THR B 192 18.40 -33.47 8.66
N SER B 193 17.39 -33.67 9.50
CA SER B 193 17.56 -33.81 10.94
C SER B 193 16.56 -34.85 11.40
N SER B 194 16.92 -35.62 12.41
CA SER B 194 16.01 -36.63 12.98
C SER B 194 15.08 -36.02 14.05
N GLN B 195 15.43 -34.84 14.55
CA GLN B 195 14.65 -34.18 15.59
C GLN B 195 13.82 -33.01 15.07
N ALA B 196 14.30 -32.37 13.99
CA ALA B 196 13.77 -31.10 13.51
C ALA B 196 13.36 -31.22 12.06
N LEU B 197 12.28 -30.52 11.68
CA LEU B 197 11.76 -30.58 10.33
C LEU B 197 12.53 -29.56 9.47
N THR B 198 13.77 -29.92 9.18
CA THR B 198 14.70 -29.13 8.38
C THR B 198 14.93 -29.77 7.01
N ILE B 199 15.07 -28.94 5.98
CA ILE B 199 15.51 -29.38 4.67
C ILE B 199 16.69 -28.52 4.23
N SER B 200 17.42 -28.98 3.21
CA SER B 200 18.59 -28.25 2.74
C SER B 200 18.19 -27.05 1.93
N LEU B 201 18.70 -25.89 2.33
CA LEU B 201 18.52 -24.67 1.56
C LEU B 201 19.82 -24.41 0.78
N ALA B 202 19.74 -24.48 -0.55
CA ALA B 202 20.95 -24.38 -1.40
C ALA B 202 21.46 -22.97 -1.53
N SER B 203 20.55 -22.03 -1.81
CA SER B 203 20.93 -20.62 -1.94
C SER B 203 19.74 -19.68 -1.80
N VAL B 204 20.04 -18.40 -1.59
CA VAL B 204 19.05 -17.35 -1.54
C VAL B 204 19.42 -16.26 -2.55
N ASN B 205 18.45 -15.83 -3.37
CA ASN B 205 18.67 -14.76 -4.37
C ASN B 205 17.93 -13.54 -3.89
N LEU B 206 18.62 -12.41 -3.77
N LEU B 206 18.65 -12.42 -3.83
CA LEU B 206 18.02 -11.15 -3.33
CA LEU B 206 18.18 -11.16 -3.32
C LEU B 206 18.72 -9.98 -4.00
C LEU B 206 18.74 -10.05 -4.17
N LYS B 207 17.92 -9.07 -4.54
CA LYS B 207 18.43 -7.79 -5.10
C LYS B 207 19.54 -7.97 -6.16
N GLY B 208 19.36 -8.97 -7.02
CA GLY B 208 20.23 -9.28 -8.13
C GLY B 208 21.46 -10.13 -7.82
N SER B 209 21.62 -10.59 -6.58
CA SER B 209 22.73 -11.47 -6.20
C SER B 209 22.24 -12.80 -5.72
N SER B 210 23.05 -13.83 -5.92
CA SER B 210 22.80 -15.18 -5.42
C SER B 210 23.78 -15.46 -4.31
N PHE B 211 23.27 -15.94 -3.15
CA PHE B 211 24.10 -16.15 -1.99
C PHE B 211 24.07 -17.64 -1.65
N SER B 212 25.20 -18.31 -1.81
CA SER B 212 25.28 -19.76 -1.61
C SER B 212 25.10 -20.10 -0.12
N PHE B 213 24.33 -21.16 0.18
CA PHE B 213 24.08 -21.52 1.57
C PHE B 213 24.48 -22.98 1.76
N GLY B 214 23.55 -23.92 1.67
CA GLY B 214 23.85 -25.34 1.75
C GLY B 214 23.62 -26.05 3.07
N ASP B 215 23.19 -25.30 4.10
CA ASP B 215 22.87 -25.88 5.39
C ASP B 215 21.37 -26.05 5.55
N GLY B 216 20.96 -26.71 6.63
CA GLY B 216 19.56 -27.02 6.82
C GLY B 216 18.81 -25.79 7.28
N ALA B 217 17.52 -25.73 6.92
CA ALA B 217 16.62 -24.67 7.36
C ALA B 217 15.37 -25.32 7.96
N LEU B 218 15.09 -24.96 9.20
CA LEU B 218 13.87 -25.40 9.90
C LEU B 218 12.63 -24.74 9.32
N LEU B 219 11.69 -25.53 8.85
CA LEU B 219 10.45 -24.98 8.27
C LEU B 219 9.40 -24.85 9.39
N ASP B 220 9.41 -23.72 10.08
CA ASP B 220 8.74 -23.60 11.36
C ASP B 220 7.49 -22.70 11.33
N SER B 221 6.31 -23.31 11.36
CA SER B 221 5.07 -22.52 11.47
C SER B 221 5.00 -21.66 12.72
N GLY B 222 5.69 -22.05 13.79
CA GLY B 222 5.71 -21.29 15.06
C GLY B 222 6.84 -20.26 15.23
N THR B 223 7.48 -19.89 14.12
CA THR B 223 8.37 -18.72 14.09
C THR B 223 7.77 -17.65 13.16
N THR B 224 7.81 -16.39 13.59
CA THR B 224 7.25 -15.28 12.86
C THR B 224 8.12 -14.86 11.64
N LEU B 225 9.39 -14.65 11.91
CA LEU B 225 10.33 -14.13 10.90
C LEU B 225 11.24 -15.23 10.36
N THR B 226 12.36 -14.83 9.73
CA THR B 226 13.32 -15.74 9.14
C THR B 226 14.66 -15.48 9.84
N TYR B 227 15.36 -16.57 10.18
CA TYR B 227 16.60 -16.52 10.96
C TYR B 227 17.72 -17.21 10.17
N PHE B 228 18.88 -16.54 10.10
CA PHE B 228 20.10 -17.06 9.43
C PHE B 228 21.34 -16.83 10.30
N PRO B 229 22.38 -17.66 10.12
CA PRO B 229 23.65 -17.39 10.81
C PRO B 229 24.13 -15.93 10.56
N SER B 230 24.78 -15.33 11.56
CA SER B 230 25.11 -13.90 11.54
CA SER B 230 25.11 -13.90 11.54
C SER B 230 25.83 -13.45 10.26
N ASP B 231 26.81 -14.24 9.79
CA ASP B 231 27.58 -13.82 8.60
C ASP B 231 26.74 -13.85 7.35
N PHE B 232 25.91 -14.89 7.18
CA PHE B 232 25.04 -14.98 6.01
C PHE B 232 23.96 -13.87 6.03
N ALA B 233 23.36 -13.65 7.19
CA ALA B 233 22.38 -12.58 7.36
C ALA B 233 22.98 -11.20 6.99
N ALA B 234 24.23 -10.98 7.39
CA ALA B 234 24.94 -9.72 7.05
C ALA B 234 25.16 -9.55 5.54
N GLN B 235 25.45 -10.62 4.83
CA GLN B 235 25.53 -10.57 3.37
C GLN B 235 24.22 -10.13 2.70
N LEU B 236 23.09 -10.69 3.17
CA LEU B 236 21.81 -10.29 2.64
C LEU B 236 21.42 -8.88 3.09
N ALA B 237 21.72 -8.54 4.35
CA ALA B 237 21.41 -7.23 4.90
C ALA B 237 22.14 -6.11 4.11
N ASP B 238 23.33 -6.45 3.63
CA ASP B 238 24.14 -5.52 2.83
C ASP B 238 23.36 -5.02 1.62
N LYS B 239 22.66 -5.93 0.93
CA LYS B 239 21.82 -5.60 -0.24
C LYS B 239 20.49 -4.94 0.13
N ALA B 240 19.84 -5.45 1.17
CA ALA B 240 18.55 -4.90 1.59
C ALA B 240 18.68 -3.55 2.29
N GLY B 241 19.85 -3.24 2.83
CA GLY B 241 20.05 -2.05 3.62
C GLY B 241 19.61 -2.08 5.06
N ALA B 242 19.31 -3.28 5.58
CA ALA B 242 18.97 -3.40 7.00
C ALA B 242 20.19 -3.17 7.85
N ARG B 243 19.99 -2.57 9.01
CA ARG B 243 21.04 -2.25 9.91
C ARG B 243 20.91 -2.95 11.26
N LEU B 244 22.03 -3.50 11.71
CA LEU B 244 22.06 -4.28 12.91
C LEU B 244 22.14 -3.38 14.14
N VAL B 245 21.27 -3.62 15.12
CA VAL B 245 21.23 -2.82 16.34
C VAL B 245 21.37 -3.75 17.55
N GLN B 246 22.27 -3.41 18.47
CA GLN B 246 22.39 -4.21 19.69
C GLN B 246 21.26 -3.84 20.62
N VAL B 247 20.43 -4.81 21.02
CA VAL B 247 19.31 -4.54 21.93
C VAL B 247 19.47 -5.10 23.34
N ALA B 248 20.42 -6.00 23.55
CA ALA B 248 20.75 -6.52 24.88
C ALA B 248 22.23 -6.92 24.84
N ARG B 249 22.80 -7.26 25.99
CA ARG B 249 24.17 -7.75 26.05
C ARG B 249 24.39 -8.79 24.96
N ASP B 250 23.50 -9.78 24.90
CA ASP B 250 23.64 -10.94 24.02
C ASP B 250 22.75 -10.92 22.74
N GLN B 251 21.95 -9.87 22.53
CA GLN B 251 20.99 -9.84 21.43
C GLN B 251 21.18 -8.65 20.45
N TYR B 252 21.14 -8.99 19.17
CA TYR B 252 21.22 -8.03 18.07
C TYR B 252 20.02 -8.25 17.16
N LEU B 253 19.43 -7.18 16.65
CA LEU B 253 18.31 -7.24 15.71
C LEU B 253 18.50 -6.31 14.52
N TYR B 254 18.11 -6.77 13.34
CA TYR B 254 18.09 -5.95 12.15
C TYR B 254 16.84 -5.09 12.10
N PHE B 255 17.05 -3.79 11.90
CA PHE B 255 15.97 -2.84 11.66
C PHE B 255 16.06 -2.38 10.22
N ILE B 256 14.91 -2.01 9.67
CA ILE B 256 14.84 -1.46 8.35
C ILE B 256 13.81 -0.33 8.37
N ASP B 257 13.98 0.62 7.45
CA ASP B 257 13.05 1.75 7.29
C ASP B 257 11.60 1.26 7.07
N CYS B 258 10.62 1.71 7.87
CA CYS B 258 9.19 1.29 7.63
C CYS B 258 8.69 1.65 6.25
N ASN B 259 9.23 2.72 5.67
CA ASN B 259 8.89 3.15 4.30
C ASN B 259 9.69 2.50 3.17
N THR B 260 10.42 1.42 3.45
CA THR B 260 11.20 0.71 2.44
C THR B 260 10.36 0.27 1.27
N ASP B 261 10.91 0.46 0.07
CA ASP B 261 10.35 -0.09 -1.15
C ASP B 261 10.31 -1.61 -1.06
N THR B 262 9.13 -2.21 -1.15
CA THR B 262 9.02 -3.65 -0.97
C THR B 262 8.73 -4.36 -2.27
N SER B 263 9.07 -3.68 -3.38
N SER B 263 9.07 -3.75 -3.42
CA SER B 263 9.08 -4.32 -4.69
CA SER B 263 8.58 -4.23 -4.74
C SER B 263 10.16 -5.35 -4.72
C SER B 263 9.14 -5.54 -5.31
N GLY B 264 10.02 -6.27 -5.65
N GLY B 264 10.33 -5.95 -4.84
CA GLY B 264 10.98 -7.30 -5.76
CA GLY B 264 11.00 -7.12 -5.42
C GLY B 264 10.69 -8.45 -4.81
C GLY B 264 10.62 -8.47 -4.82
N THR B 265 11.48 -9.49 -4.98
CA THR B 265 11.28 -10.79 -4.38
C THR B 265 12.61 -11.35 -3.89
N THR B 266 12.51 -12.25 -2.92
CA THR B 266 13.64 -13.03 -2.41
C THR B 266 13.32 -14.47 -2.78
N VAL B 267 14.26 -15.16 -3.43
CA VAL B 267 14.04 -16.50 -3.98
C VAL B 267 14.89 -17.49 -3.18
N PHE B 268 14.24 -18.56 -2.72
CA PHE B 268 14.89 -19.60 -1.92
C PHE B 268 14.98 -20.84 -2.78
N ASN B 269 16.22 -21.32 -2.98
CA ASN B 269 16.48 -22.46 -3.84
C ASN B 269 16.82 -23.67 -2.99
N PHE B 270 16.07 -24.75 -3.21
CA PHE B 270 16.15 -25.98 -2.42
C PHE B 270 16.67 -27.10 -3.31
N GLY B 271 16.70 -28.33 -2.80
CA GLY B 271 17.07 -29.50 -3.58
C GLY B 271 16.15 -29.81 -4.73
N ASN B 272 16.65 -30.61 -5.68
CA ASN B 272 15.83 -31.14 -6.76
C ASN B 272 15.13 -30.06 -7.58
N GLY B 273 15.75 -28.89 -7.71
CA GLY B 273 15.23 -27.84 -8.59
C GLY B 273 14.06 -27.03 -8.04
N ALA B 274 13.69 -27.24 -6.77
CA ALA B 274 12.54 -26.56 -6.18
C ALA B 274 12.95 -25.16 -5.79
N LYS B 275 12.08 -24.21 -6.03
CA LYS B 275 12.32 -22.84 -5.59
C LYS B 275 11.02 -22.21 -5.09
N ILE B 276 11.17 -21.38 -4.08
CA ILE B 276 10.06 -20.60 -3.53
C ILE B 276 10.41 -19.11 -3.60
N THR B 277 9.49 -18.35 -4.19
CA THR B 277 9.58 -16.91 -4.34
C THR B 277 8.72 -16.16 -3.31
N VAL B 278 9.37 -15.31 -2.53
CA VAL B 278 8.74 -14.54 -1.48
C VAL B 278 8.72 -13.07 -1.87
N PRO B 279 7.54 -12.41 -1.81
CA PRO B 279 7.53 -10.95 -2.07
C PRO B 279 8.28 -10.21 -0.98
N ASN B 280 8.97 -9.12 -1.36
CA ASN B 280 9.74 -8.34 -0.39
C ASN B 280 8.93 -7.58 0.67
N THR B 281 7.60 -7.54 0.50
CA THR B 281 6.66 -7.11 1.54
C THR B 281 6.87 -7.87 2.86
N GLU B 282 7.31 -9.12 2.74
CA GLU B 282 7.54 -9.99 3.89
C GLU B 282 8.75 -9.67 4.75
N TYR B 283 9.57 -8.68 4.33
CA TYR B 283 10.78 -8.32 5.05
C TYR B 283 10.74 -6.97 5.77
N VAL B 284 9.53 -6.40 5.92
CA VAL B 284 9.36 -5.23 6.76
C VAL B 284 8.28 -5.55 7.79
N TYR B 285 8.65 -5.56 9.06
CA TYR B 285 7.75 -5.97 10.14
C TYR B 285 7.53 -4.79 11.08
N GLN B 286 6.26 -4.41 11.22
CA GLN B 286 5.89 -3.21 11.99
CA GLN B 286 5.87 -3.22 11.99
C GLN B 286 5.92 -3.52 13.48
N ASN B 287 6.72 -2.77 14.23
CA ASN B 287 6.75 -2.94 15.68
C ASN B 287 5.59 -2.16 16.34
N GLY B 288 5.02 -1.19 15.62
CA GLY B 288 3.90 -0.39 16.13
C GLY B 288 4.32 0.77 17.03
N ASP B 289 5.63 0.98 17.18
CA ASP B 289 6.21 2.13 17.88
C ASP B 289 6.90 3.07 16.87
N GLY B 290 6.56 2.92 15.59
CA GLY B 290 7.22 3.68 14.52
C GLY B 290 8.52 3.10 13.98
N THR B 291 8.96 1.96 14.52
CA THR B 291 10.15 1.26 14.00
C THR B 291 9.69 -0.04 13.38
N CYS B 292 10.54 -0.58 12.51
CA CYS B 292 10.27 -1.83 11.83
C CYS B 292 11.48 -2.73 11.90
N LEU B 293 11.22 -4.03 12.10
CA LEU B 293 12.26 -5.03 11.97
C LEU B 293 12.37 -5.44 10.53
N TRP B 294 13.59 -5.83 10.16
CA TRP B 294 13.79 -6.51 8.93
C TRP B 294 13.22 -7.92 9.16
N GLY B 295 12.74 -8.54 8.09
CA GLY B 295 12.19 -9.91 8.13
C GLY B 295 13.20 -11.05 8.23
N ILE B 296 14.50 -10.68 8.22
CA ILE B 296 15.60 -11.60 8.51
C ILE B 296 16.33 -11.10 9.75
N GLN B 297 16.71 -12.06 10.59
CA GLN B 297 17.41 -11.81 11.82
C GLN B 297 18.55 -12.81 12.01
N PRO B 298 19.60 -12.41 12.76
CA PRO B 298 20.73 -13.30 13.01
C PRO B 298 20.44 -14.30 14.11
N SER B 299 20.97 -15.51 13.97
CA SER B 299 20.83 -16.56 14.96
C SER B 299 21.79 -17.70 14.67
N ASP B 300 22.11 -18.51 15.67
CA ASP B 300 22.85 -19.75 15.35
C ASP B 300 21.99 -20.84 14.68
N ASP B 301 20.66 -20.78 14.83
CA ASP B 301 19.75 -21.72 14.16
C ASP B 301 19.08 -21.10 12.93
N THR B 302 19.12 -21.80 11.81
CA THR B 302 18.48 -21.32 10.59
C THR B 302 17.02 -21.72 10.58
N ILE B 303 16.13 -20.74 10.40
CA ILE B 303 14.67 -20.97 10.49
C ILE B 303 13.97 -20.16 9.45
N LEU B 304 13.19 -20.85 8.63
CA LEU B 304 12.28 -20.22 7.71
C LEU B 304 10.89 -20.24 8.38
N GLY B 305 10.50 -19.08 8.88
CA GLY B 305 9.25 -18.90 9.60
C GLY B 305 8.12 -18.46 8.70
N ASP B 306 7.11 -17.85 9.32
CA ASP B 306 5.85 -17.57 8.65
C ASP B 306 5.99 -16.64 7.44
N ASN B 307 6.93 -15.69 7.52
CA ASN B 307 7.11 -14.78 6.42
C ASN B 307 7.63 -15.48 5.15
N PHE B 308 8.26 -16.64 5.30
CA PHE B 308 8.59 -17.53 4.20
C PHE B 308 7.41 -18.46 3.89
N LEU B 309 6.94 -19.16 4.91
CA LEU B 309 6.00 -20.27 4.74
C LEU B 309 4.70 -19.84 4.12
N ARG B 310 4.29 -18.58 4.31
CA ARG B 310 3.07 -18.11 3.61
C ARG B 310 3.15 -18.26 2.10
N HIS B 311 4.36 -18.34 1.54
CA HIS B 311 4.52 -18.41 0.07
C HIS B 311 4.80 -19.78 -0.51
N ALA B 312 4.77 -20.80 0.36
CA ALA B 312 4.90 -22.20 -0.05
C ALA B 312 3.64 -22.97 0.36
N TYR B 313 3.29 -23.97 -0.44
CA TYR B 313 2.43 -25.05 0.03
C TYR B 313 3.39 -26.18 0.45
N LEU B 314 3.23 -26.71 1.67
CA LEU B 314 4.16 -27.71 2.20
C LEU B 314 3.38 -28.92 2.69
N LEU B 315 3.82 -30.10 2.24
CA LEU B 315 3.35 -31.38 2.74
C LEU B 315 4.47 -31.99 3.56
N TYR B 316 4.29 -31.94 4.88
CA TYR B 316 5.25 -32.50 5.80
C TYR B 316 4.89 -33.96 5.96
N ASN B 317 5.85 -34.85 5.72
CA ASN B 317 5.60 -36.28 5.91
C ASN B 317 6.59 -36.84 6.91
N LEU B 318 6.13 -37.01 8.14
CA LEU B 318 7.00 -37.42 9.22
C LEU B 318 7.26 -38.93 9.19
N ASP B 319 6.48 -39.69 8.44
CA ASP B 319 6.76 -41.13 8.26
C ASP B 319 7.81 -41.37 7.19
N ALA B 320 7.67 -40.71 6.05
CA ALA B 320 8.66 -40.78 4.95
C ALA B 320 9.90 -39.88 5.17
N ASN B 321 9.85 -38.98 6.16
CA ASN B 321 10.92 -38.00 6.42
C ASN B 321 11.20 -37.15 5.16
N THR B 322 10.13 -36.64 4.58
CA THR B 322 10.22 -35.72 3.47
C THR B 322 9.31 -34.51 3.78
N ILE B 323 9.68 -33.36 3.25
CA ILE B 323 8.76 -32.20 3.18
C ILE B 323 8.70 -31.84 1.69
N SER B 324 7.49 -31.90 1.12
CA SER B 324 7.30 -31.59 -0.30
C SER B 324 6.80 -30.18 -0.44
N ILE B 325 7.39 -29.42 -1.36
CA ILE B 325 7.11 -27.99 -1.48
C ILE B 325 6.81 -27.56 -2.91
N ALA B 326 5.97 -26.53 -3.01
CA ALA B 326 5.62 -25.90 -4.27
C ALA B 326 5.23 -24.46 -3.98
N GLN B 327 5.36 -23.62 -5.01
CA GLN B 327 4.94 -22.23 -4.92
C GLN B 327 3.45 -22.18 -4.65
N VAL B 328 3.06 -21.43 -3.64
CA VAL B 328 1.65 -21.42 -3.20
C VAL B 328 0.79 -20.74 -4.26
N LYS B 329 -0.47 -21.16 -4.32
CA LYS B 329 -1.50 -20.50 -5.13
C LYS B 329 -2.63 -20.13 -4.19
N TYR B 330 -2.87 -18.84 -4.02
CA TYR B 330 -3.92 -18.39 -3.13
C TYR B 330 -5.26 -18.53 -3.81
N THR B 331 -6.11 -19.40 -3.31
CA THR B 331 -7.40 -19.66 -3.93
C THR B 331 -8.31 -20.37 -2.91
N THR B 332 -9.61 -20.11 -3.02
CA THR B 332 -10.61 -20.88 -2.26
C THR B 332 -10.86 -22.23 -2.93
N ASP B 333 -10.40 -22.43 -4.16
CA ASP B 333 -10.55 -23.71 -4.79
C ASP B 333 -9.88 -24.78 -3.97
N SER B 334 -10.51 -25.95 -3.92
CA SER B 334 -10.02 -27.00 -3.05
C SER B 334 -10.25 -28.35 -3.67
N SER B 335 -9.20 -29.16 -3.68
CA SER B 335 -9.26 -30.52 -4.14
C SER B 335 -8.27 -31.37 -3.32
N ILE B 336 -8.76 -31.83 -2.17
CA ILE B 336 -7.97 -32.52 -1.16
C ILE B 336 -7.93 -34.03 -1.44
N SER B 337 -6.73 -34.60 -1.46
CA SER B 337 -6.59 -36.04 -1.48
C SER B 337 -5.88 -36.51 -0.22
N ALA B 338 -6.20 -37.72 0.22
CA ALA B 338 -5.60 -38.29 1.40
C ALA B 338 -4.14 -38.64 1.11
N VAL B 339 -3.29 -38.55 2.13
CA VAL B 339 -1.93 -39.09 2.01
C VAL B 339 -1.72 -40.13 3.12
N ASP C 1 -16.18 -11.04 -7.42
CA ASP C 1 -15.98 -10.76 -5.96
C ASP C 1 -17.03 -11.45 -5.07
N SER C 2 -16.53 -12.42 -4.32
CA SER C 2 -17.29 -13.19 -3.33
CA SER C 2 -17.32 -13.11 -3.32
C SER C 2 -16.61 -13.04 -1.98
N ILE C 3 -17.36 -13.20 -0.90
CA ILE C 3 -16.80 -13.15 0.43
C ILE C 3 -17.27 -14.42 1.14
N SER C 4 -16.33 -15.36 1.40
CA SER C 4 -16.65 -16.56 2.17
C SER C 4 -16.56 -16.23 3.65
N LEU C 5 -17.50 -16.70 4.45
CA LEU C 5 -17.49 -16.44 5.88
C LEU C 5 -17.84 -17.73 6.61
N SER C 6 -17.01 -18.13 7.56
CA SER C 6 -17.21 -19.38 8.28
C SER C 6 -18.44 -19.29 9.22
N LEU C 7 -19.28 -20.33 9.19
CA LEU C 7 -20.43 -20.47 10.07
C LEU C 7 -20.05 -21.43 11.19
N ILE C 8 -20.16 -20.99 12.44
CA ILE C 8 -19.91 -21.82 13.61
C ILE C 8 -21.23 -22.49 13.98
N ASN C 9 -21.26 -23.83 13.95
CA ASN C 9 -22.43 -24.59 14.43
C ASN C 9 -22.43 -24.56 15.97
N GLU C 10 -23.31 -23.75 16.53
CA GLU C 10 -23.41 -23.60 17.97
C GLU C 10 -24.46 -24.55 18.59
N GLY C 11 -25.11 -25.36 17.75
CA GLY C 11 -26.23 -26.23 18.15
C GLY C 11 -27.55 -25.67 17.61
N PRO C 12 -28.25 -24.82 18.42
CA PRO C 12 -29.53 -24.27 17.94
C PRO C 12 -29.40 -23.21 16.84
N SER C 13 -28.21 -22.66 16.65
CA SER C 13 -27.94 -21.55 15.71
C SER C 13 -26.56 -21.64 15.06
N TYR C 14 -26.40 -20.91 13.96
CA TYR C 14 -25.14 -20.76 13.25
C TYR C 14 -24.70 -19.29 13.32
N ALA C 15 -23.45 -19.08 13.73
CA ALA C 15 -22.91 -17.76 14.02
C ALA C 15 -21.58 -17.54 13.30
N SER C 16 -21.19 -16.27 13.14
CA SER C 16 -19.93 -15.92 12.45
C SER C 16 -19.22 -14.84 13.26
N LYS C 17 -17.88 -14.85 13.20
CA LYS C 17 -17.08 -13.80 13.80
C LYS C 17 -17.07 -12.65 12.81
N VAL C 18 -17.47 -11.47 13.24
CA VAL C 18 -17.36 -10.26 12.41
C VAL C 18 -16.82 -9.15 13.30
N SER C 19 -16.23 -8.13 12.69
CA SER C 19 -15.61 -7.07 13.47
C SER C 19 -16.34 -5.75 13.27
N VAL C 20 -16.50 -4.99 14.34
CA VAL C 20 -17.24 -3.73 14.30
C VAL C 20 -16.38 -2.63 14.91
N GLY C 21 -16.36 -1.47 14.25
CA GLY C 21 -15.65 -0.32 14.77
C GLY C 21 -14.23 -0.12 14.27
N SER C 22 -13.72 1.07 14.54
CA SER C 22 -12.36 1.44 14.13
C SER C 22 -11.31 0.50 14.70
N ASN C 23 -11.56 0.02 15.93
CA ASN C 23 -10.67 -0.92 16.63
C ASN C 23 -11.07 -2.41 16.45
N LYS C 24 -11.90 -2.71 15.45
CA LYS C 24 -12.17 -4.10 15.01
C LYS C 24 -12.57 -5.01 16.18
N GLN C 25 -13.61 -4.59 16.88
CA GLN C 25 -14.12 -5.33 18.04
C GLN C 25 -14.86 -6.57 17.54
N GLN C 26 -14.35 -7.75 17.92
CA GLN C 26 -14.85 -9.02 17.38
C GLN C 26 -16.16 -9.41 18.05
N GLN C 27 -17.19 -9.59 17.22
CA GLN C 27 -18.50 -10.04 17.66
C GLN C 27 -18.75 -11.41 17.03
N THR C 28 -19.26 -12.35 17.82
CA THR C 28 -19.72 -13.63 17.27
C THR C 28 -21.24 -13.57 17.31
N VAL C 29 -21.83 -13.56 16.12
CA VAL C 29 -23.22 -13.20 15.94
C VAL C 29 -23.96 -14.17 15.02
N ILE C 30 -25.24 -14.40 15.32
CA ILE C 30 -26.05 -15.36 14.56
C ILE C 30 -26.31 -14.85 13.18
N ILE C 31 -26.16 -15.73 12.20
CA ILE C 31 -26.44 -15.42 10.82
C ILE C 31 -27.88 -15.78 10.51
N ASP C 32 -28.67 -14.75 10.19
CA ASP C 32 -30.14 -14.84 10.21
C ASP C 32 -30.80 -14.32 8.93
N THR C 33 -31.17 -15.25 8.07
CA THR C 33 -31.94 -14.92 6.88
C THR C 33 -33.41 -14.54 7.22
N GLY C 34 -33.83 -14.73 8.46
CA GLY C 34 -35.21 -14.45 8.91
C GLY C 34 -35.39 -13.12 9.61
N SER C 35 -34.31 -12.32 9.70
CA SER C 35 -34.41 -10.94 10.15
C SER C 35 -33.49 -10.11 9.26
N SER C 36 -33.58 -8.79 9.40
CA SER C 36 -32.92 -7.86 8.48
C SER C 36 -31.99 -6.82 9.11
N ASP C 37 -31.83 -6.85 10.43
CA ASP C 37 -31.05 -5.86 11.16
C ASP C 37 -29.88 -6.50 11.85
N PHE C 38 -28.73 -5.80 11.87
CA PHE C 38 -27.56 -6.26 12.56
C PHE C 38 -27.48 -5.53 13.87
N TRP C 39 -27.49 -6.27 14.98
CA TRP C 39 -27.31 -5.68 16.29
C TRP C 39 -26.28 -6.42 17.07
N VAL C 40 -25.65 -5.69 17.97
CA VAL C 40 -24.55 -6.16 18.75
C VAL C 40 -24.86 -5.95 20.20
N VAL C 41 -24.25 -6.77 21.06
CA VAL C 41 -24.42 -6.68 22.49
C VAL C 41 -23.49 -5.62 23.04
N ASP C 42 -24.05 -4.52 23.54
CA ASP C 42 -23.25 -3.48 24.21
C ASP C 42 -22.50 -4.08 25.41
N SER C 43 -21.26 -3.64 25.63
CA SER C 43 -20.44 -4.13 26.76
CA SER C 43 -20.43 -4.12 26.76
C SER C 43 -21.09 -3.92 28.13
N ASN C 44 -21.96 -2.90 28.24
CA ASN C 44 -22.66 -2.57 29.48
CA ASN C 44 -22.66 -2.56 29.47
C ASN C 44 -24.12 -3.00 29.40
N ALA C 45 -24.43 -3.94 28.52
CA ALA C 45 -25.81 -4.39 28.34
C ALA C 45 -26.27 -5.14 29.59
N GLN C 46 -27.58 -5.21 29.76
CA GLN C 46 -28.21 -6.01 30.78
C GLN C 46 -28.85 -7.18 30.07
N CYS C 47 -28.27 -8.37 30.27
CA CYS C 47 -28.84 -9.62 29.76
C CYS C 47 -30.12 -9.93 30.56
N GLY C 48 -31.05 -10.65 29.94
CA GLY C 48 -32.24 -11.17 30.66
C GLY C 48 -31.83 -12.22 31.69
N LYS C 49 -32.67 -12.46 32.70
CA LYS C 49 -32.30 -13.35 33.83
C LYS C 49 -31.86 -14.72 33.34
N GLY C 50 -30.76 -15.22 33.90
CA GLY C 50 -30.19 -16.52 33.53
C GLY C 50 -29.31 -16.55 32.29
N VAL C 51 -29.39 -15.52 31.44
CA VAL C 51 -28.74 -15.52 30.12
C VAL C 51 -27.33 -14.90 30.22
N ASP C 52 -26.31 -15.64 29.77
CA ASP C 52 -24.94 -15.13 29.65
C ASP C 52 -24.84 -14.52 28.23
N CYS C 53 -25.32 -13.30 28.07
CA CYS C 53 -25.36 -12.67 26.75
C CYS C 53 -24.06 -11.96 26.31
N LYS C 54 -23.01 -12.00 27.13
CA LYS C 54 -21.75 -11.29 26.84
C LYS C 54 -20.52 -12.17 26.67
N SER C 55 -20.70 -13.47 26.51
CA SER C 55 -19.56 -14.37 26.27
C SER C 55 -19.31 -14.60 24.77
N SER C 56 -20.15 -14.06 23.90
CA SER C 56 -19.89 -14.15 22.44
C SER C 56 -19.37 -12.82 21.87
N GLY C 57 -18.71 -12.01 22.71
CA GLY C 57 -18.19 -10.72 22.29
C GLY C 57 -19.16 -9.61 22.61
N THR C 58 -18.62 -8.42 22.89
CA THR C 58 -19.43 -7.25 23.11
C THR C 58 -18.86 -6.06 22.36
N PHE C 59 -19.71 -5.05 22.19
CA PHE C 59 -19.35 -3.81 21.51
C PHE C 59 -19.33 -2.62 22.48
N THR C 60 -18.21 -1.88 22.50
CA THR C 60 -18.07 -0.64 23.26
C THR C 60 -18.02 0.53 22.27
N PRO C 61 -19.17 1.19 22.01
CA PRO C 61 -19.17 2.29 21.01
C PRO C 61 -18.15 3.40 21.30
N SER C 62 -17.94 3.69 22.58
CA SER C 62 -17.03 4.78 22.99
C SER C 62 -15.56 4.55 22.64
N SER C 63 -15.16 3.31 22.32
CA SER C 63 -13.78 3.02 21.91
C SER C 63 -13.60 2.94 20.38
N SER C 64 -14.68 3.13 19.60
CA SER C 64 -14.59 3.19 18.15
C SER C 64 -14.64 4.67 17.73
N SER C 65 -13.59 5.13 17.06
CA SER C 65 -13.54 6.52 16.59
C SER C 65 -14.49 6.80 15.40
N SER C 66 -15.04 5.77 14.78
CA SER C 66 -15.93 5.93 13.65
C SER C 66 -17.40 5.72 14.02
N TYR C 67 -17.71 5.41 15.28
CA TYR C 67 -19.12 5.15 15.67
C TYR C 67 -19.96 6.42 15.58
N LYS C 68 -21.08 6.36 14.86
CA LYS C 68 -22.06 7.47 14.78
C LYS C 68 -23.35 7.10 15.48
N ASN C 69 -23.66 7.82 16.54
CA ASN C 69 -24.93 7.66 17.21
C ASN C 69 -26.01 8.31 16.37
N LEU C 70 -27.07 7.58 16.00
CA LEU C 70 -28.25 8.18 15.37
C LEU C 70 -29.27 8.66 16.41
N GLY C 71 -29.14 8.24 17.67
CA GLY C 71 -30.07 8.66 18.72
C GLY C 71 -31.34 7.82 18.77
N ALA C 72 -31.89 7.49 17.60
CA ALA C 72 -33.18 6.78 17.46
C ALA C 72 -33.22 5.42 18.16
N ALA C 73 -34.37 5.12 18.76
CA ALA C 73 -34.55 3.93 19.60
C ALA C 73 -34.63 2.70 18.71
N PHE C 74 -34.05 1.61 19.18
CA PHE C 74 -34.16 0.32 18.52
C PHE C 74 -34.92 -0.65 19.41
N THR C 75 -35.89 -1.34 18.81
CA THR C 75 -36.55 -2.46 19.49
C THR C 75 -36.93 -3.53 18.47
N ILE C 76 -36.79 -4.79 18.86
CA ILE C 76 -37.13 -5.91 17.98
C ILE C 76 -37.69 -7.05 18.82
N ARG C 77 -38.59 -7.81 18.19
CA ARG C 77 -39.23 -9.01 18.78
C ARG C 77 -39.16 -10.15 17.76
N TYR C 78 -38.75 -11.32 18.23
CA TYR C 78 -38.62 -12.48 17.35
C TYR C 78 -39.72 -13.53 17.63
N GLY C 79 -39.86 -14.48 16.71
CA GLY C 79 -40.86 -15.54 16.76
C GLY C 79 -40.90 -16.39 18.00
N ASP C 80 -39.76 -16.59 18.67
CA ASP C 80 -39.73 -17.36 19.93
C ASP C 80 -39.96 -16.49 21.17
N GLY C 81 -40.36 -15.23 20.94
CA GLY C 81 -40.63 -14.27 21.99
C GLY C 81 -39.46 -13.53 22.59
N SER C 82 -38.22 -13.82 22.18
CA SER C 82 -37.09 -13.05 22.69
C SER C 82 -37.11 -11.62 22.06
N THR C 83 -36.46 -10.68 22.73
CA THR C 83 -36.47 -9.29 22.31
C THR C 83 -35.12 -8.63 22.60
N SER C 84 -34.92 -7.51 21.91
CA SER C 84 -33.74 -6.68 22.13
C SER C 84 -34.11 -5.21 22.00
N GLN C 85 -33.53 -4.39 22.86
CA GLN C 85 -33.74 -2.97 22.87
C GLN C 85 -32.41 -2.25 22.94
N GLY C 86 -32.32 -1.15 22.21
CA GLY C 86 -31.17 -0.27 22.35
C GLY C 86 -31.33 0.96 21.50
N THR C 87 -30.26 1.38 20.84
CA THR C 87 -30.26 2.58 20.00
C THR C 87 -29.53 2.32 18.68
N TRP C 88 -30.00 3.01 17.64
CA TRP C 88 -29.41 2.93 16.32
C TRP C 88 -28.09 3.71 16.20
N GLY C 89 -27.23 3.20 15.32
CA GLY C 89 -25.89 3.75 15.11
C GLY C 89 -25.33 3.32 13.78
N LYS C 90 -24.16 3.84 13.42
CA LYS C 90 -23.46 3.43 12.19
C LYS C 90 -22.00 3.26 12.49
N ASP C 91 -21.39 2.26 11.88
CA ASP C 91 -19.95 2.03 12.06
C ASP C 91 -19.41 1.14 10.97
N THR C 92 -18.09 0.96 10.96
CA THR C 92 -17.44 0.06 10.07
C THR C 92 -17.74 -1.38 10.50
N VAL C 93 -18.04 -2.22 9.52
CA VAL C 93 -18.20 -3.65 9.74
C VAL C 93 -17.23 -4.40 8.83
N THR C 94 -16.54 -5.40 9.37
CA THR C 94 -15.56 -6.18 8.62
C THR C 94 -15.92 -7.67 8.68
N ILE C 95 -16.03 -8.26 7.50
CA ILE C 95 -16.42 -9.64 7.30
C ILE C 95 -15.30 -10.34 6.54
N ASN C 96 -14.62 -11.27 7.21
CA ASN C 96 -13.46 -11.98 6.61
C ASN C 96 -12.51 -11.01 5.85
N GLY C 97 -12.14 -9.95 6.54
CA GLY C 97 -11.19 -8.98 6.01
C GLY C 97 -11.77 -7.95 5.06
N VAL C 98 -13.06 -8.03 4.72
CA VAL C 98 -13.70 -7.06 3.83
C VAL C 98 -14.53 -6.06 4.63
N SER C 99 -14.20 -4.76 4.49
CA SER C 99 -14.80 -3.70 5.31
C SER C 99 -15.85 -2.91 4.55
N ILE C 100 -16.94 -2.57 5.24
CA ILE C 100 -17.93 -1.63 4.74
C ILE C 100 -18.07 -0.50 5.75
N THR C 101 -18.16 0.74 5.24
CA THR C 101 -18.19 1.90 6.09
C THR C 101 -19.59 2.45 6.18
N GLY C 102 -19.86 3.10 7.30
CA GLY C 102 -21.14 3.74 7.56
C GLY C 102 -22.32 2.75 7.65
N GLN C 103 -22.06 1.52 8.09
CA GLN C 103 -23.11 0.50 8.16
C GLN C 103 -23.99 0.75 9.38
N GLN C 104 -25.29 0.93 9.13
CA GLN C 104 -26.25 1.10 10.19
C GLN C 104 -26.47 -0.25 10.91
N ILE C 105 -26.34 -0.19 12.23
CA ILE C 105 -26.44 -1.32 13.15
C ILE C 105 -27.22 -0.83 14.39
N ALA C 106 -27.62 -1.75 15.26
CA ALA C 106 -28.13 -1.36 16.56
C ALA C 106 -27.21 -1.77 17.70
N ASP C 107 -27.00 -0.85 18.64
CA ASP C 107 -26.24 -1.11 19.84
C ASP C 107 -27.25 -1.45 20.95
N VAL C 108 -27.25 -2.72 21.38
CA VAL C 108 -28.30 -3.25 22.28
C VAL C 108 -27.82 -3.27 23.73
N THR C 109 -28.62 -2.64 24.61
CA THR C 109 -28.31 -2.51 26.04
C THR C 109 -29.25 -3.37 26.91
N GLN C 110 -30.30 -3.94 26.32
CA GLN C 110 -30.98 -5.08 26.96
C GLN C 110 -31.60 -6.09 26.01
N THR C 111 -31.44 -7.35 26.38
CA THR C 111 -31.82 -8.41 25.49
C THR C 111 -32.07 -9.70 26.27
N SER C 112 -33.00 -10.48 25.75
CA SER C 112 -33.22 -11.87 26.17
C SER C 112 -32.54 -12.92 25.22
N VAL C 113 -31.91 -12.45 24.14
CA VAL C 113 -31.09 -13.30 23.25
C VAL C 113 -29.68 -13.42 23.87
N ASP C 114 -28.99 -14.54 23.64
CA ASP C 114 -27.68 -14.76 24.30
C ASP C 114 -26.43 -14.27 23.51
N GLN C 115 -26.67 -13.73 22.32
CA GLN C 115 -25.63 -13.11 21.51
C GLN C 115 -26.29 -12.18 20.48
N GLY C 116 -25.48 -11.39 19.79
CA GLY C 116 -25.98 -10.51 18.74
C GLY C 116 -26.43 -11.29 17.52
N ILE C 117 -27.17 -10.61 16.66
CA ILE C 117 -27.70 -11.20 15.43
C ILE C 117 -27.41 -10.35 14.22
N LEU C 118 -26.87 -10.99 13.17
CA LEU C 118 -26.67 -10.40 11.86
C LEU C 118 -27.78 -10.82 10.91
N GLY C 119 -28.82 -9.99 10.87
CA GLY C 119 -29.93 -10.19 9.95
C GLY C 119 -29.61 -9.76 8.55
N ILE C 120 -29.77 -10.66 7.61
CA ILE C 120 -29.41 -10.44 6.20
C ILE C 120 -30.57 -10.59 5.24
N GLY C 121 -31.80 -10.48 5.78
CA GLY C 121 -32.96 -10.50 4.92
C GLY C 121 -33.23 -9.19 4.16
N TYR C 122 -34.43 -9.09 3.62
CA TYR C 122 -34.85 -7.91 2.87
C TYR C 122 -34.92 -6.64 3.72
N THR C 123 -34.56 -5.50 3.14
CA THR C 123 -34.66 -4.22 3.87
C THR C 123 -36.10 -3.88 4.32
N SER C 124 -37.08 -4.26 3.49
CA SER C 124 -38.52 -4.12 3.83
C SER C 124 -38.92 -4.74 5.19
N ASN C 125 -38.16 -5.72 5.69
CA ASN C 125 -38.44 -6.38 7.00
C ASN C 125 -37.65 -5.91 8.20
N GLU C 126 -36.97 -4.76 8.08
CA GLU C 126 -36.22 -4.17 9.19
C GLU C 126 -37.15 -3.76 10.32
N ALA C 127 -36.65 -3.90 11.55
CA ALA C 127 -37.37 -3.58 12.77
C ALA C 127 -37.23 -2.08 13.08
N VAL C 128 -37.93 -1.29 12.30
CA VAL C 128 -37.87 0.18 12.38
C VAL C 128 -39.13 0.81 13.06
N TYR C 129 -39.66 0.14 14.10
CA TYR C 129 -40.93 0.55 14.72
C TYR C 129 -40.89 0.47 16.23
N ASP C 130 -41.85 1.16 16.86
CA ASP C 130 -42.05 1.07 18.31
C ASP C 130 -43.04 -0.04 18.57
N THR C 131 -43.22 -0.37 19.85
CA THR C 131 -44.20 -1.38 20.28
C THR C 131 -45.65 -1.07 19.84
N SER C 132 -45.96 0.22 19.67
CA SER C 132 -47.22 0.65 19.04
C SER C 132 -47.35 0.33 17.53
N GLY C 133 -46.33 -0.26 16.88
CA GLY C 133 -46.35 -0.53 15.43
C GLY C 133 -46.12 0.70 14.52
N ARG C 134 -45.70 1.81 15.11
CA ARG C 134 -45.52 3.08 14.41
C ARG C 134 -44.04 3.22 14.00
N GLN C 135 -43.77 3.59 12.73
CA GLN C 135 -42.38 3.69 12.22
C GLN C 135 -41.58 4.87 12.80
N THR C 136 -40.54 4.57 13.58
CA THR C 136 -39.75 5.57 14.32
C THR C 136 -38.44 6.01 13.64
N THR C 137 -38.04 5.32 12.57
CA THR C 137 -36.81 5.66 11.84
C THR C 137 -36.96 5.09 10.43
N PRO C 138 -36.28 5.67 9.41
CA PRO C 138 -36.51 5.17 8.04
C PRO C 138 -35.93 3.76 7.78
N ASN C 139 -36.42 3.11 6.73
CA ASN C 139 -35.78 1.90 6.20
C ASN C 139 -34.40 2.31 5.67
N TYR C 140 -33.48 1.35 5.59
CA TYR C 140 -32.05 1.67 5.41
C TYR C 140 -31.32 0.50 4.74
N ASP C 141 -30.08 0.73 4.33
CA ASP C 141 -29.28 -0.29 3.67
C ASP C 141 -28.70 -1.18 4.72
N ASN C 142 -29.18 -2.42 4.77
CA ASN C 142 -28.63 -3.40 5.71
C ASN C 142 -27.38 -4.03 5.08
N VAL C 143 -26.75 -4.98 5.76
CA VAL C 143 -25.42 -5.44 5.38
C VAL C 143 -25.30 -5.92 3.95
N PRO C 144 -26.18 -6.83 3.48
CA PRO C 144 -26.03 -7.30 2.10
C PRO C 144 -26.18 -6.20 1.05
N VAL C 145 -27.09 -5.26 1.29
CA VAL C 145 -27.20 -4.09 0.40
C VAL C 145 -25.90 -3.27 0.38
N THR C 146 -25.38 -2.94 1.53
CA THR C 146 -24.15 -2.14 1.61
C THR C 146 -22.94 -2.83 0.96
N LEU C 147 -22.84 -4.15 1.12
CA LEU C 147 -21.84 -4.93 0.41
C LEU C 147 -21.90 -4.72 -1.11
N LYS C 148 -23.11 -4.69 -1.66
CA LYS C 148 -23.28 -4.47 -3.07
C LYS C 148 -22.91 -3.01 -3.42
N LYS C 149 -23.47 -2.08 -2.66
CA LYS C 149 -23.31 -0.65 -2.98
C LYS C 149 -21.86 -0.19 -2.90
N GLN C 150 -21.07 -0.78 -2.01
CA GLN C 150 -19.64 -0.47 -1.88
C GLN C 150 -18.70 -1.33 -2.74
N GLY C 151 -19.25 -2.06 -3.69
CA GLY C 151 -18.49 -2.79 -4.69
C GLY C 151 -17.89 -4.09 -4.19
N LYS C 152 -18.36 -4.62 -3.07
CA LYS C 152 -17.75 -5.83 -2.49
C LYS C 152 -18.32 -7.09 -3.09
N ILE C 153 -19.58 -7.03 -3.53
CA ILE C 153 -20.23 -8.10 -4.26
C ILE C 153 -20.99 -7.45 -5.41
N ARG C 154 -21.23 -8.20 -6.48
CA ARG C 154 -21.91 -7.67 -7.64
C ARG C 154 -23.44 -7.56 -7.47
N THR C 155 -24.01 -8.55 -6.78
CA THR C 155 -25.44 -8.76 -6.67
C THR C 155 -25.70 -9.00 -5.20
N ASN C 156 -26.87 -8.57 -4.72
CA ASN C 156 -27.27 -8.81 -3.34
C ASN C 156 -27.77 -10.24 -3.28
N ALA C 157 -26.83 -11.14 -3.07
CA ALA C 157 -27.09 -12.57 -3.06
C ALA C 157 -26.12 -13.24 -2.13
N TYR C 158 -26.50 -14.40 -1.60
CA TYR C 158 -25.60 -15.17 -0.78
C TYR C 158 -25.93 -16.66 -0.84
N SER C 159 -24.91 -17.51 -0.71
CA SER C 159 -25.09 -18.97 -0.71
C SER C 159 -24.93 -19.46 0.74
N LEU C 160 -25.81 -20.38 1.15
CA LEU C 160 -25.79 -20.94 2.49
C LEU C 160 -25.44 -22.43 2.46
N TYR C 161 -24.38 -22.79 3.17
CA TYR C 161 -23.92 -24.14 3.37
C TYR C 161 -23.75 -24.38 4.84
N LEU C 162 -24.82 -24.81 5.48
CA LEU C 162 -24.76 -25.11 6.91
C LEU C 162 -23.88 -26.29 7.23
N ASN C 163 -23.74 -27.18 6.26
CA ASN C 163 -22.89 -28.38 6.35
C ASN C 163 -23.68 -29.45 7.13
N SER C 164 -23.05 -30.60 7.36
CA SER C 164 -23.73 -31.77 7.93
C SER C 164 -24.07 -31.60 9.39
N PRO C 165 -25.03 -32.42 9.89
CA PRO C 165 -25.40 -32.29 11.31
C PRO C 165 -24.24 -32.41 12.29
N SER C 166 -23.25 -33.23 11.99
CA SER C 166 -22.13 -33.34 12.93
C SER C 166 -21.04 -32.26 12.76
N ALA C 167 -21.15 -31.40 11.75
CA ALA C 167 -20.01 -30.54 11.38
C ALA C 167 -19.83 -29.36 12.36
N GLU C 168 -18.57 -29.06 12.69
CA GLU C 168 -18.26 -27.91 13.55
C GLU C 168 -18.53 -26.56 12.83
N THR C 169 -18.37 -26.55 11.51
CA THR C 169 -18.46 -25.33 10.74
C THR C 169 -19.06 -25.55 9.37
N GLY C 170 -19.66 -24.48 8.86
CA GLY C 170 -20.11 -24.39 7.47
C GLY C 170 -19.66 -23.06 6.90
N THR C 171 -20.32 -22.63 5.84
CA THR C 171 -19.92 -21.43 5.09
C THR C 171 -21.12 -20.70 4.54
N ILE C 172 -21.13 -19.38 4.73
CA ILE C 172 -21.96 -18.48 3.93
C ILE C 172 -21.06 -17.69 2.95
N ILE C 173 -21.49 -17.57 1.71
CA ILE C 173 -20.74 -16.83 0.71
C ILE C 173 -21.58 -15.66 0.23
N PHE C 174 -21.18 -14.44 0.57
CA PHE C 174 -21.83 -13.26 -0.02
C PHE C 174 -21.30 -13.08 -1.43
N GLY C 175 -22.23 -12.97 -2.38
CA GLY C 175 -21.92 -12.70 -3.78
C GLY C 175 -21.28 -13.82 -4.56
N GLY C 176 -21.50 -15.06 -4.12
CA GLY C 176 -20.92 -16.19 -4.81
C GLY C 176 -21.65 -17.49 -4.51
N VAL C 177 -21.26 -18.53 -5.21
CA VAL C 177 -21.88 -19.86 -5.11
C VAL C 177 -20.78 -20.90 -5.27
N ASP C 178 -20.76 -21.88 -4.37
CA ASP C 178 -19.80 -22.99 -4.48
C ASP C 178 -20.41 -24.15 -5.22
N ASN C 179 -20.06 -24.25 -6.49
CA ASN C 179 -20.60 -25.28 -7.36
C ASN C 179 -20.11 -26.69 -7.13
N ALA C 180 -19.13 -26.89 -6.23
CA ALA C 180 -18.76 -28.24 -5.78
C ALA C 180 -19.70 -28.84 -4.72
N LYS C 181 -20.52 -28.02 -4.06
CA LYS C 181 -21.25 -28.44 -2.84
C LYS C 181 -22.75 -28.79 -3.03
N TYR C 182 -23.13 -29.18 -4.23
CA TYR C 182 -24.46 -29.74 -4.45
C TYR C 182 -24.44 -30.72 -5.60
N SER C 183 -25.49 -31.54 -5.66
CA SER C 183 -25.73 -32.49 -6.74
C SER C 183 -26.75 -31.93 -7.69
N GLY C 184 -26.68 -32.37 -8.94
CA GLY C 184 -27.59 -31.89 -9.98
C GLY C 184 -27.38 -30.43 -10.28
N LYS C 185 -28.47 -29.74 -10.59
CA LYS C 185 -28.43 -28.31 -10.90
C LYS C 185 -29.25 -27.51 -9.93
N LEU C 186 -28.83 -26.28 -9.71
CA LEU C 186 -29.60 -25.38 -8.87
C LEU C 186 -30.86 -25.00 -9.62
N VAL C 187 -31.98 -25.03 -8.90
CA VAL C 187 -33.27 -24.71 -9.48
C VAL C 187 -33.77 -23.43 -8.82
N ALA C 188 -33.98 -22.41 -9.65
CA ALA C 188 -34.51 -21.14 -9.19
C ALA C 188 -35.97 -21.26 -8.81
N GLU C 189 -36.29 -20.83 -7.61
CA GLU C 189 -37.64 -20.78 -7.10
C GLU C 189 -37.96 -19.33 -6.83
N GLN C 190 -39.15 -18.92 -7.28
CA GLN C 190 -39.61 -17.57 -7.13
C GLN C 190 -39.94 -17.27 -5.67
N VAL C 191 -39.45 -16.14 -5.17
CA VAL C 191 -39.77 -15.70 -3.82
C VAL C 191 -41.21 -15.15 -3.84
N THR C 192 -42.01 -15.46 -2.81
CA THR C 192 -43.47 -15.22 -2.80
C THR C 192 -43.94 -14.10 -1.85
N SER C 193 -43.03 -13.56 -1.06
CA SER C 193 -43.32 -12.43 -0.21
C SER C 193 -42.39 -11.28 -0.62
N SER C 194 -42.83 -10.05 -0.40
CA SER C 194 -41.96 -8.88 -0.60
C SER C 194 -41.17 -8.54 0.69
N GLN C 195 -41.52 -9.16 1.83
CA GLN C 195 -40.79 -8.96 3.09
C GLN C 195 -39.96 -10.16 3.57
N ALA C 196 -40.32 -11.38 3.19
CA ALA C 196 -39.70 -12.58 3.74
C ALA C 196 -39.18 -13.49 2.64
N LEU C 197 -38.11 -14.22 2.96
CA LEU C 197 -37.50 -15.12 2.00
C LEU C 197 -38.24 -16.46 2.00
N THR C 198 -39.44 -16.43 1.40
CA THR C 198 -40.33 -17.59 1.34
C THR C 198 -40.43 -18.07 -0.10
N ILE C 199 -40.41 -19.39 -0.29
CA ILE C 199 -40.75 -20.00 -1.56
C ILE C 199 -41.95 -20.96 -1.34
N SER C 200 -42.59 -21.29 -2.45
CA SER C 200 -43.75 -22.16 -2.49
C SER C 200 -43.35 -23.62 -2.30
N LEU C 201 -43.82 -24.24 -1.22
CA LEU C 201 -43.63 -25.68 -0.98
C LEU C 201 -44.89 -26.46 -1.45
N ALA C 202 -44.74 -27.27 -2.49
CA ALA C 202 -45.85 -28.02 -3.09
C ALA C 202 -46.32 -29.21 -2.22
N SER C 203 -45.38 -30.05 -1.79
CA SER C 203 -45.71 -31.21 -0.96
C SER C 203 -44.57 -31.75 -0.09
N VAL C 204 -44.94 -32.56 0.90
CA VAL C 204 -43.99 -33.22 1.78
C VAL C 204 -44.25 -34.75 1.71
N ASN C 205 -43.18 -35.51 1.48
CA ASN C 205 -43.24 -36.97 1.44
C ASN C 205 -42.59 -37.55 2.71
N LEU C 206 -43.39 -38.23 3.53
CA LEU C 206 -42.96 -38.76 4.82
C LEU C 206 -43.46 -40.22 4.95
N LYS C 207 -42.54 -41.14 5.19
CA LYS C 207 -42.82 -42.58 5.35
C LYS C 207 -43.61 -43.18 4.17
N GLY C 208 -43.14 -42.84 2.96
CA GLY C 208 -43.78 -43.25 1.70
C GLY C 208 -45.17 -42.69 1.40
N SER C 209 -45.60 -41.67 2.14
CA SER C 209 -46.89 -41.02 1.91
C SER C 209 -46.70 -39.53 1.57
N SER C 210 -47.42 -39.08 0.54
CA SER C 210 -47.31 -37.69 0.06
C SER C 210 -48.40 -36.81 0.67
N PHE C 211 -48.00 -35.67 1.23
CA PHE C 211 -48.93 -34.71 1.87
C PHE C 211 -48.91 -33.35 1.18
N SER C 212 -50.03 -33.01 0.55
CA SER C 212 -50.11 -31.85 -0.32
C SER C 212 -50.09 -30.57 0.53
N PHE C 213 -49.31 -29.57 0.11
CA PHE C 213 -49.22 -28.33 0.89
C PHE C 213 -49.58 -27.14 0.01
N GLY C 214 -48.69 -26.78 -0.90
CA GLY C 214 -48.92 -25.67 -1.84
C GLY C 214 -49.01 -24.26 -1.25
N ASP C 215 -48.20 -23.97 -0.24
CA ASP C 215 -48.16 -22.66 0.40
C ASP C 215 -46.69 -22.18 0.56
N GLY C 216 -46.49 -20.98 1.10
CA GLY C 216 -45.14 -20.43 1.33
C GLY C 216 -44.41 -21.00 2.55
N ALA C 217 -43.09 -21.20 2.43
CA ALA C 217 -42.25 -21.64 3.53
C ALA C 217 -41.03 -20.71 3.60
N LEU C 218 -40.83 -20.11 4.76
CA LEU C 218 -39.68 -19.26 5.04
C LEU C 218 -38.42 -20.11 5.20
N LEU C 219 -37.37 -19.80 4.44
CA LEU C 219 -36.12 -20.55 4.51
C LEU C 219 -35.18 -19.82 5.44
N ASP C 220 -35.36 -20.09 6.74
CA ASP C 220 -34.78 -19.32 7.82
C ASP C 220 -33.57 -19.99 8.50
N SER C 221 -32.37 -19.46 8.21
CA SER C 221 -31.14 -19.94 8.88
C SER C 221 -31.18 -19.73 10.40
N GLY C 222 -31.95 -18.73 10.87
CA GLY C 222 -32.06 -18.43 12.29
C GLY C 222 -33.24 -19.10 13.02
N THR C 223 -33.83 -20.12 12.40
CA THR C 223 -34.75 -21.04 13.12
C THR C 223 -34.11 -22.44 13.23
N THR C 224 -34.14 -23.04 14.42
CA THR C 224 -33.56 -24.36 14.68
C THR C 224 -34.34 -25.49 14.00
N LEU C 225 -35.66 -25.51 14.20
CA LEU C 225 -36.53 -26.65 13.84
C LEU C 225 -37.36 -26.29 12.62
N THR C 226 -38.36 -27.12 12.30
CA THR C 226 -39.27 -26.85 11.19
C THR C 226 -40.70 -26.58 11.77
N TYR C 227 -41.38 -25.61 11.17
CA TYR C 227 -42.69 -25.14 11.66
C TYR C 227 -43.73 -25.20 10.53
N PHE C 228 -44.91 -25.75 10.88
CA PHE C 228 -46.04 -25.90 9.94
C PHE C 228 -47.38 -25.51 10.63
N PRO C 229 -48.40 -25.12 9.84
CA PRO C 229 -49.75 -24.91 10.39
C PRO C 229 -50.21 -26.16 11.18
N SER C 230 -50.83 -25.97 12.34
CA SER C 230 -51.18 -27.07 13.27
C SER C 230 -51.74 -28.31 12.59
N ASP C 231 -52.67 -28.11 11.66
CA ASP C 231 -53.40 -29.20 11.01
C ASP C 231 -52.50 -29.98 10.06
N PHE C 232 -51.66 -29.28 9.31
CA PHE C 232 -50.70 -29.94 8.43
C PHE C 232 -49.62 -30.70 9.25
N ALA C 233 -49.17 -30.06 10.34
CA ALA C 233 -48.23 -30.70 11.26
C ALA C 233 -48.82 -31.99 11.90
N ALA C 234 -50.12 -31.96 12.22
CA ALA C 234 -50.81 -33.13 12.83
C ALA C 234 -50.82 -34.33 11.90
N GLN C 235 -51.01 -34.10 10.61
CA GLN C 235 -51.00 -35.16 9.61
C GLN C 235 -49.64 -35.82 9.46
N LEU C 236 -48.59 -35.00 9.52
CA LEU C 236 -47.23 -35.53 9.52
C LEU C 236 -46.95 -36.26 10.83
N ALA C 237 -47.38 -35.70 11.96
CA ALA C 237 -47.17 -36.31 13.27
C ALA C 237 -47.85 -37.71 13.35
N ASP C 238 -48.94 -37.89 12.59
CA ASP C 238 -49.70 -39.14 12.55
C ASP C 238 -48.89 -40.24 11.86
N LYS C 239 -48.06 -39.88 10.88
CA LYS C 239 -47.09 -40.85 10.29
C LYS C 239 -45.86 -41.09 11.15
N ALA C 240 -45.45 -40.06 11.88
CA ALA C 240 -44.16 -40.05 12.59
C ALA C 240 -44.18 -40.60 14.00
N GLY C 241 -45.33 -40.54 14.69
CA GLY C 241 -45.44 -40.98 16.08
C GLY C 241 -45.20 -39.92 17.12
N ALA C 242 -45.15 -38.65 16.70
CA ALA C 242 -44.89 -37.52 17.58
C ALA C 242 -46.16 -37.19 18.30
N ARG C 243 -46.06 -36.79 19.56
CA ARG C 243 -47.23 -36.46 20.39
C ARG C 243 -47.12 -35.03 20.92
N LEU C 244 -48.20 -34.29 20.74
CA LEU C 244 -48.33 -32.92 21.25
C LEU C 244 -48.40 -32.90 22.76
N VAL C 245 -47.61 -32.04 23.40
CA VAL C 245 -47.56 -31.92 24.87
C VAL C 245 -47.66 -30.44 25.24
N GLN C 246 -48.52 -30.14 26.21
CA GLN C 246 -48.65 -28.79 26.73
C GLN C 246 -47.47 -28.52 27.64
N VAL C 247 -46.68 -27.50 27.31
CA VAL C 247 -45.48 -27.16 28.09
C VAL C 247 -45.71 -25.93 28.99
N ALA C 248 -46.40 -24.92 28.47
CA ALA C 248 -46.85 -23.76 29.23
C ALA C 248 -48.34 -23.62 28.97
N ARG C 249 -48.97 -22.63 29.58
CA ARG C 249 -50.43 -22.46 29.50
C ARG C 249 -50.97 -22.44 28.06
N ASP C 250 -50.52 -21.49 27.25
CA ASP C 250 -50.91 -21.44 25.83
C ASP C 250 -50.07 -22.34 24.90
N GLN C 251 -48.83 -22.68 25.28
CA GLN C 251 -47.85 -23.31 24.37
C GLN C 251 -47.93 -24.87 24.26
N TYR C 252 -47.85 -25.36 23.02
CA TYR C 252 -47.85 -26.81 22.70
C TYR C 252 -46.69 -27.20 21.77
N LEU C 253 -45.99 -28.28 22.12
CA LEU C 253 -44.86 -28.80 21.35
C LEU C 253 -44.99 -30.31 21.15
N TYR C 254 -44.65 -30.76 19.95
CA TYR C 254 -44.48 -32.19 19.67
C TYR C 254 -43.20 -32.74 20.29
N PHE C 255 -43.35 -33.78 21.12
CA PHE C 255 -42.24 -34.58 21.60
C PHE C 255 -42.25 -35.92 20.87
N ILE C 256 -41.12 -36.59 20.92
CA ILE C 256 -40.97 -37.90 20.32
C ILE C 256 -39.91 -38.63 21.15
N ASP C 257 -40.03 -39.95 21.22
CA ASP C 257 -39.11 -40.73 22.03
C ASP C 257 -37.67 -40.57 21.48
N CYS C 258 -36.72 -40.34 22.39
CA CYS C 258 -35.31 -40.16 21.98
C CYS C 258 -34.73 -41.34 21.19
N ASN C 259 -35.24 -42.56 21.42
CA ASN C 259 -34.72 -43.76 20.74
C ASN C 259 -35.53 -44.16 19.55
N THR C 260 -36.39 -43.26 19.09
CA THR C 260 -37.17 -43.51 17.89
C THR C 260 -36.23 -43.81 16.75
N ASP C 261 -36.65 -44.75 15.91
CA ASP C 261 -35.92 -45.12 14.71
C ASP C 261 -35.93 -43.95 13.75
N THR C 262 -34.75 -43.61 13.24
CA THR C 262 -34.56 -42.42 12.40
C THR C 262 -34.20 -42.78 10.98
N SER C 263 -34.39 -44.04 10.58
CA SER C 263 -34.17 -44.43 9.18
C SER C 263 -35.16 -43.72 8.29
N GLY C 264 -34.83 -43.66 7.03
CA GLY C 264 -35.72 -43.07 6.04
C GLY C 264 -35.46 -41.57 5.89
N THR C 265 -36.23 -40.97 5.00
CA THR C 265 -36.07 -39.55 4.66
C THR C 265 -37.41 -38.85 4.61
N THR C 266 -37.39 -37.55 4.80
CA THR C 266 -38.52 -36.69 4.52
C THR C 266 -38.16 -35.85 3.30
N VAL C 267 -38.99 -35.89 2.26
CA VAL C 267 -38.70 -35.24 0.97
C VAL C 267 -39.57 -33.99 0.83
N PHE C 268 -38.95 -32.86 0.46
CA PHE C 268 -39.64 -31.58 0.24
C PHE C 268 -39.63 -31.22 -1.23
N ASN C 269 -40.82 -31.02 -1.77
CA ASN C 269 -41.06 -30.81 -3.20
C ASN C 269 -41.51 -29.38 -3.43
N PHE C 270 -40.70 -28.65 -4.20
CA PHE C 270 -40.90 -27.23 -4.42
C PHE C 270 -41.27 -26.96 -5.88
N GLY C 271 -41.45 -25.67 -6.16
CA GLY C 271 -41.90 -25.12 -7.42
C GLY C 271 -41.47 -25.53 -8.82
N ASN C 272 -40.29 -26.09 -9.07
CA ASN C 272 -39.86 -26.33 -10.48
C ASN C 272 -39.16 -27.66 -10.67
N GLY C 273 -39.69 -28.69 -10.02
CA GLY C 273 -39.02 -29.99 -9.95
C GLY C 273 -37.98 -30.08 -8.86
N ALA C 274 -37.86 -29.04 -8.03
CA ALA C 274 -36.84 -28.98 -6.99
C ALA C 274 -37.26 -29.88 -5.87
N LYS C 275 -36.28 -30.62 -5.37
CA LYS C 275 -36.52 -31.71 -4.45
C LYS C 275 -35.36 -31.71 -3.45
N ILE C 276 -35.66 -31.51 -2.17
CA ILE C 276 -34.71 -31.71 -1.10
C ILE C 276 -35.10 -32.86 -0.17
N THR C 277 -34.15 -33.75 0.03
CA THR C 277 -34.29 -34.97 0.85
C THR C 277 -33.57 -34.80 2.19
N VAL C 278 -34.33 -34.85 3.27
CA VAL C 278 -33.79 -34.68 4.61
C VAL C 278 -33.78 -36.03 5.33
N PRO C 279 -32.62 -36.46 5.88
CA PRO C 279 -32.66 -37.70 6.65
C PRO C 279 -33.51 -37.55 7.91
N ASN C 280 -34.23 -38.62 8.28
CA ASN C 280 -35.11 -38.56 9.47
C ASN C 280 -34.41 -38.38 10.82
N THR C 281 -33.10 -38.54 10.85
CA THR C 281 -32.29 -38.11 12.02
C THR C 281 -32.54 -36.66 12.44
N GLU C 282 -32.87 -35.81 11.47
CA GLU C 282 -33.17 -34.40 11.71
C GLU C 282 -34.50 -34.13 12.43
N TYR C 283 -35.30 -35.17 12.72
CA TYR C 283 -36.58 -34.94 13.41
C TYR C 283 -36.62 -35.42 14.84
N VAL C 284 -35.47 -35.73 15.41
CA VAL C 284 -35.35 -36.04 16.84
C VAL C 284 -34.31 -35.09 17.39
N TYR C 285 -34.76 -34.18 18.26
CA TYR C 285 -33.91 -33.12 18.80
C TYR C 285 -33.73 -33.30 20.30
N GLN C 286 -32.49 -33.51 20.74
CA GLN C 286 -32.23 -33.77 22.16
C GLN C 286 -32.38 -32.50 22.99
N ASN C 287 -33.18 -32.61 24.05
CA ASN C 287 -33.29 -31.55 25.04
C ASN C 287 -32.22 -31.66 26.13
N GLY C 288 -31.59 -32.82 26.26
CA GLY C 288 -30.50 -33.01 27.23
C GLY C 288 -30.93 -33.53 28.60
N ASP C 289 -32.24 -33.54 28.86
CA ASP C 289 -32.82 -34.13 30.08
C ASP C 289 -33.41 -35.53 29.84
N GLY C 290 -32.95 -36.21 28.80
CA GLY C 290 -33.50 -37.50 28.41
C GLY C 290 -34.81 -37.47 27.63
N THR C 291 -35.35 -36.28 27.35
CA THR C 291 -36.51 -36.10 26.44
C THR C 291 -36.06 -35.46 25.15
N CYS C 292 -36.89 -35.59 24.12
CA CYS C 292 -36.59 -35.08 22.78
C CYS C 292 -37.81 -34.44 22.12
N LEU C 293 -37.59 -33.29 21.46
CA LEU C 293 -38.60 -32.71 20.61
C LEU C 293 -38.59 -33.38 19.25
N TRP C 294 -39.76 -33.41 18.62
CA TRP C 294 -39.86 -33.79 17.24
C TRP C 294 -39.35 -32.56 16.48
N GLY C 295 -38.82 -32.79 15.29
CA GLY C 295 -38.23 -31.71 14.48
C GLY C 295 -39.21 -30.84 13.72
N ILE C 296 -40.50 -31.20 13.78
CA ILE C 296 -41.57 -30.39 13.23
C ILE C 296 -42.42 -29.92 14.40
N GLN C 297 -42.84 -28.67 14.33
CA GLN C 297 -43.61 -28.05 15.40
C GLN C 297 -44.78 -27.24 14.81
N PRO C 298 -45.85 -27.03 15.61
CA PRO C 298 -46.98 -26.32 15.06
C PRO C 298 -46.78 -24.80 15.14
N SER C 299 -47.21 -24.10 14.11
CA SER C 299 -47.22 -22.63 14.14
C SER C 299 -48.14 -22.11 13.07
N ASP C 300 -48.60 -20.88 13.23
CA ASP C 300 -49.26 -20.19 12.11
C ASP C 300 -48.33 -19.99 10.90
N ASP C 301 -47.08 -19.65 11.17
CA ASP C 301 -46.07 -19.36 10.12
C ASP C 301 -45.32 -20.62 9.71
N THR C 302 -45.17 -20.85 8.40
CA THR C 302 -44.41 -22.01 7.91
C THR C 302 -42.92 -21.69 7.76
N ILE C 303 -42.06 -22.41 8.47
CA ILE C 303 -40.60 -22.12 8.48
C ILE C 303 -39.82 -23.41 8.27
N LEU C 304 -38.99 -23.45 7.22
CA LEU C 304 -38.00 -24.51 7.09
C LEU C 304 -36.71 -23.98 7.68
N GLY C 305 -36.37 -24.48 8.87
CA GLY C 305 -35.22 -24.02 9.65
C GLY C 305 -34.00 -24.89 9.38
N ASP C 306 -33.06 -24.86 10.31
CA ASP C 306 -31.74 -25.51 10.11
C ASP C 306 -31.81 -27.02 9.83
N ASN C 307 -32.78 -27.71 10.46
CA ASN C 307 -32.85 -29.16 10.30
C ASN C 307 -33.26 -29.52 8.87
N PHE C 308 -33.91 -28.57 8.18
CA PHE C 308 -34.08 -28.68 6.71
C PHE C 308 -32.85 -28.14 5.91
N LEU C 309 -32.46 -26.92 6.26
CA LEU C 309 -31.48 -26.18 5.46
C LEU C 309 -30.11 -26.88 5.36
N ARG C 310 -29.74 -27.68 6.37
CA ARG C 310 -28.50 -28.49 6.32
C ARG C 310 -28.39 -29.38 5.10
N HIS C 311 -29.54 -29.72 4.49
CA HIS C 311 -29.55 -30.67 3.40
C HIS C 311 -29.75 -30.08 2.03
N ALA C 312 -29.83 -28.74 1.97
CA ALA C 312 -29.92 -28.01 0.72
C ALA C 312 -28.69 -27.09 0.59
N TYR C 313 -28.21 -26.94 -0.64
CA TYR C 313 -27.41 -25.79 -1.01
C TYR C 313 -28.35 -24.72 -1.53
N LEU C 314 -28.36 -23.56 -0.89
CA LEU C 314 -29.25 -22.46 -1.26
C LEU C 314 -28.46 -21.22 -1.70
N LEU C 315 -28.80 -20.70 -2.88
CA LEU C 315 -28.35 -19.38 -3.34
C LEU C 315 -29.54 -18.42 -3.26
N TYR C 316 -29.51 -17.58 -2.23
CA TYR C 316 -30.54 -16.57 -2.04
C TYR C 316 -30.17 -15.37 -2.91
N ASN C 317 -31.09 -14.88 -3.75
CA ASN C 317 -30.82 -13.69 -4.57
C ASN C 317 -31.91 -12.66 -4.30
N LEU C 318 -31.56 -11.70 -3.45
CA LEU C 318 -32.50 -10.67 -3.04
C LEU C 318 -32.72 -9.59 -4.10
N ASP C 319 -31.88 -9.54 -5.14
CA ASP C 319 -32.13 -8.68 -6.30
C ASP C 319 -33.05 -9.32 -7.33
N ALA C 320 -32.82 -10.60 -7.64
CA ALA C 320 -33.68 -11.33 -8.57
C ALA C 320 -34.97 -11.84 -7.91
N ASN C 321 -35.04 -11.76 -6.58
CA ASN C 321 -36.14 -12.32 -5.79
C ASN C 321 -36.33 -13.80 -6.11
N THR C 322 -35.22 -14.54 -6.07
CA THR C 322 -35.19 -15.98 -6.26
C THR C 322 -34.35 -16.63 -5.16
N ILE C 323 -34.70 -17.87 -4.80
CA ILE C 323 -33.82 -18.72 -4.01
C ILE C 323 -33.63 -19.95 -4.85
N SER C 324 -32.37 -20.22 -5.25
CA SER C 324 -32.05 -21.39 -6.05
C SER C 324 -31.52 -22.52 -5.18
N ILE C 325 -32.05 -23.72 -5.38
CA ILE C 325 -31.81 -24.83 -4.44
C ILE C 325 -31.41 -26.09 -5.14
N ALA C 326 -30.66 -26.90 -4.43
CA ALA C 326 -30.29 -28.22 -4.89
C ALA C 326 -29.86 -29.04 -3.69
N GLN C 327 -29.87 -30.36 -3.87
CA GLN C 327 -29.55 -31.30 -2.81
C GLN C 327 -28.08 -31.08 -2.44
N VAL C 328 -27.80 -30.89 -1.16
CA VAL C 328 -26.41 -30.58 -0.73
C VAL C 328 -25.49 -31.78 -1.01
N LYS C 329 -24.24 -31.45 -1.29
CA LYS C 329 -23.14 -32.43 -1.32
C LYS C 329 -22.13 -32.00 -0.28
N TYR C 330 -21.96 -32.82 0.76
CA TYR C 330 -20.98 -32.55 1.79
C TYR C 330 -19.58 -32.87 1.30
N THR C 331 -18.79 -31.82 1.09
CA THR C 331 -17.44 -31.99 0.60
C THR C 331 -16.58 -30.75 0.91
N THR C 332 -15.30 -31.00 1.17
CA THR C 332 -14.33 -29.92 1.23
C THR C 332 -13.97 -29.41 -0.16
N ASP C 333 -14.32 -30.11 -1.23
CA ASP C 333 -14.07 -29.58 -2.57
C ASP C 333 -14.81 -28.25 -2.74
N SER C 334 -14.16 -27.33 -3.45
CA SER C 334 -14.65 -25.98 -3.61
C SER C 334 -14.32 -25.43 -5.00
N SER C 335 -15.36 -24.88 -5.63
CA SER C 335 -15.25 -24.22 -6.91
C SER C 335 -16.26 -23.06 -6.91
N ILE C 336 -15.83 -21.95 -6.34
CA ILE C 336 -16.72 -20.81 -6.13
C ILE C 336 -16.71 -19.88 -7.35
N SER C 337 -17.88 -19.51 -7.84
CA SER C 337 -17.98 -18.48 -8.87
C SER C 337 -18.80 -17.31 -8.32
N ALA C 338 -18.47 -16.11 -8.77
CA ALA C 338 -19.19 -14.92 -8.41
C ALA C 338 -20.61 -14.94 -8.98
N VAL C 339 -21.55 -14.37 -8.25
CA VAL C 339 -22.88 -14.13 -8.81
C VAL C 339 -23.12 -12.61 -8.81
N ASP D 1 10.39 -0.36 -18.02
CA ASP D 1 10.77 0.45 -16.81
C ASP D 1 11.94 1.41 -17.08
N SER D 2 11.57 2.68 -17.05
CA SER D 2 12.52 3.75 -17.24
CA SER D 2 12.45 3.82 -17.32
C SER D 2 12.29 4.79 -16.16
N ILE D 3 13.34 5.53 -15.86
CA ILE D 3 13.31 6.54 -14.83
C ILE D 3 13.79 7.85 -15.45
N SER D 4 12.87 8.80 -15.60
CA SER D 4 13.19 10.13 -16.11
C SER D 4 13.63 10.96 -14.93
N LEU D 5 14.70 11.71 -15.10
CA LEU D 5 15.20 12.59 -14.06
C LEU D 5 15.56 13.95 -14.67
N SER D 6 15.12 15.00 -14.02
CA SER D 6 15.29 16.35 -14.56
C SER D 6 16.75 16.77 -14.33
N LEU D 7 17.36 17.32 -15.38
CA LEU D 7 18.68 17.91 -15.30
C LEU D 7 18.56 19.43 -15.20
N ILE D 8 19.20 19.99 -14.19
CA ILE D 8 19.22 21.42 -13.98
C ILE D 8 20.46 21.97 -14.69
N ASN D 9 20.25 22.87 -15.65
CA ASN D 9 21.39 23.56 -16.31
C ASN D 9 21.94 24.61 -15.36
N GLU D 10 23.07 24.33 -14.73
CA GLU D 10 23.67 25.28 -13.79
C GLU D 10 24.66 26.23 -14.45
N GLY D 11 24.85 26.12 -15.76
CA GLY D 11 25.92 26.89 -16.46
C GLY D 11 27.00 25.91 -16.87
N PRO D 12 28.04 25.76 -16.06
CA PRO D 12 29.13 24.87 -16.46
C PRO D 12 28.84 23.37 -16.28
N SER D 13 27.77 23.04 -15.55
CA SER D 13 27.40 21.64 -15.25
C SER D 13 25.89 21.46 -15.26
N TYR D 14 25.47 20.19 -15.32
CA TYR D 14 24.12 19.78 -15.22
C TYR D 14 23.99 18.90 -13.98
N ALA D 15 22.95 19.21 -13.19
CA ALA D 15 22.76 18.54 -11.90
C ALA D 15 21.32 18.08 -11.72
N SER D 16 21.13 17.17 -10.75
CA SER D 16 19.82 16.63 -10.47
C SER D 16 19.62 16.54 -8.95
N LYS D 17 18.36 16.65 -8.54
CA LYS D 17 17.93 16.45 -7.16
C LYS D 17 17.79 14.95 -6.95
N VAL D 18 18.53 14.42 -5.98
CA VAL D 18 18.39 13.00 -5.58
C VAL D 18 18.34 12.98 -4.03
N SER D 19 17.64 11.99 -3.48
CA SER D 19 17.54 11.88 -2.02
C SER D 19 18.37 10.74 -1.48
N VAL D 20 18.98 10.94 -0.31
CA VAL D 20 19.81 9.92 0.30
C VAL D 20 19.35 9.73 1.76
N GLY D 21 19.29 8.49 2.19
CA GLY D 21 19.07 8.21 3.61
C GLY D 21 17.62 7.93 3.95
N SER D 22 17.44 7.42 5.17
CA SER D 22 16.09 7.11 5.70
C SER D 22 15.19 8.34 5.69
N ASN D 23 15.78 9.49 5.97
CA ASN D 23 15.05 10.75 6.01
C ASN D 23 15.12 11.54 4.68
N LYS D 24 15.51 10.87 3.58
CA LYS D 24 15.42 11.43 2.24
C LYS D 24 16.02 12.84 2.16
N GLN D 25 17.28 12.91 2.53
CA GLN D 25 18.01 14.17 2.55
C GLN D 25 18.33 14.53 1.08
N GLN D 26 17.77 15.65 0.64
CA GLN D 26 17.84 16.06 -0.77
CA GLN D 26 17.84 16.05 -0.76
C GLN D 26 19.22 16.61 -1.11
N GLN D 27 19.85 16.04 -2.13
CA GLN D 27 21.17 16.48 -2.61
C GLN D 27 20.99 16.94 -4.07
N THR D 28 21.62 18.05 -4.45
CA THR D 28 21.59 18.50 -5.84
C THR D 28 23.03 18.28 -6.30
N VAL D 29 23.19 17.34 -7.24
CA VAL D 29 24.48 16.77 -7.54
C VAL D 29 24.70 16.68 -9.04
N ILE D 30 25.96 16.81 -9.45
CA ILE D 30 26.30 16.88 -10.88
C ILE D 30 26.11 15.50 -11.48
N ILE D 31 25.48 15.42 -12.66
CA ILE D 31 25.30 14.17 -13.37
C ILE D 31 26.50 14.02 -14.28
N ASP D 32 27.33 13.01 -13.98
CA ASP D 32 28.68 12.93 -14.56
C ASP D 32 28.93 11.56 -15.22
N THR D 33 28.86 11.53 -16.54
CA THR D 33 29.22 10.30 -17.27
C THR D 33 30.75 10.06 -17.32
N GLY D 34 31.56 11.02 -16.87
CA GLY D 34 33.02 10.90 -16.84
C GLY D 34 33.64 10.46 -15.53
N SER D 35 32.79 10.11 -14.53
CA SER D 35 33.25 9.47 -13.28
C SER D 35 32.19 8.43 -12.91
N SER D 36 32.49 7.63 -11.91
CA SER D 36 31.71 6.43 -11.61
C SER D 36 31.29 6.30 -10.16
N ASP D 37 31.61 7.29 -9.32
CA ASP D 37 31.28 7.27 -7.88
C ASP D 37 30.30 8.40 -7.55
N PHE D 38 29.35 8.08 -6.69
CA PHE D 38 28.38 9.05 -6.18
C PHE D 38 28.89 9.47 -4.82
N TRP D 39 29.18 10.76 -4.67
CA TRP D 39 29.58 11.32 -3.37
C TRP D 39 28.76 12.54 -3.04
N VAL D 40 28.56 12.72 -1.73
CA VAL D 40 27.74 13.77 -1.21
C VAL D 40 28.57 14.62 -0.26
N VAL D 41 28.18 15.89 -0.16
CA VAL D 41 28.86 16.83 0.73
C VAL D 41 28.31 16.63 2.16
N ASP D 42 29.18 16.18 3.05
CA ASP D 42 28.84 16.03 4.46
C ASP D 42 28.47 17.40 5.01
N SER D 43 27.47 17.44 5.89
CA SER D 43 27.04 18.70 6.50
CA SER D 43 27.04 18.70 6.52
C SER D 43 28.16 19.40 7.28
N ASN D 44 29.12 18.65 7.77
CA ASN D 44 30.31 19.22 8.46
C ASN D 44 31.56 19.25 7.58
N ALA D 45 31.39 19.27 6.26
CA ALA D 45 32.53 19.29 5.33
C ALA D 45 33.31 20.62 5.39
N GLN D 46 34.61 20.51 5.14
CA GLN D 46 35.48 21.66 4.93
C GLN D 46 35.50 21.92 3.42
N CYS D 47 34.86 23.00 2.97
CA CYS D 47 34.94 23.42 1.56
C CYS D 47 36.32 24.03 1.26
N GLY D 48 36.68 24.10 -0.02
CA GLY D 48 37.93 24.77 -0.44
C GLY D 48 37.88 26.26 -0.17
N LYS D 49 39.05 26.88 -0.04
CA LYS D 49 39.15 28.33 0.19
C LYS D 49 38.35 29.04 -0.89
N GLY D 50 37.30 29.74 -0.50
CA GLY D 50 36.42 30.43 -1.42
C GLY D 50 35.53 29.54 -2.27
N VAL D 51 35.24 28.33 -1.79
CA VAL D 51 34.28 27.43 -2.44
C VAL D 51 33.09 27.37 -1.48
N ASP D 52 31.90 27.68 -1.99
CA ASP D 52 30.67 27.57 -1.20
C ASP D 52 30.01 26.19 -1.46
N CYS D 53 30.54 25.15 -0.84
CA CYS D 53 30.18 23.77 -1.23
C CYS D 53 28.93 23.18 -0.54
N LYS D 54 28.25 23.95 0.31
CA LYS D 54 27.07 23.48 1.05
C LYS D 54 25.73 24.05 0.64
N SER D 55 25.69 24.81 -0.45
CA SER D 55 24.47 25.44 -0.89
C SER D 55 23.61 24.59 -1.82
N SER D 56 24.09 23.41 -2.22
CA SER D 56 23.32 22.53 -3.09
C SER D 56 22.89 21.26 -2.35
N GLY D 57 22.80 21.36 -1.02
CA GLY D 57 22.38 20.25 -0.19
C GLY D 57 23.56 19.62 0.49
N THR D 58 23.32 19.05 1.66
CA THR D 58 24.34 18.34 2.40
C THR D 58 23.71 17.08 3.00
N PHE D 59 24.59 16.16 3.37
CA PHE D 59 24.23 14.87 3.92
C PHE D 59 24.77 14.78 5.35
N THR D 60 23.88 14.35 6.25
CA THR D 60 24.21 14.13 7.66
C THR D 60 24.01 12.64 7.92
N PRO D 61 25.08 11.84 7.86
CA PRO D 61 24.94 10.37 8.05
C PRO D 61 24.24 9.97 9.36
N SER D 62 24.53 10.71 10.42
CA SER D 62 24.00 10.40 11.75
C SER D 62 22.47 10.54 11.87
N SER D 63 21.81 11.23 10.95
CA SER D 63 20.34 11.37 10.92
CA SER D 63 20.34 11.35 10.95
C SER D 63 19.64 10.35 10.04
N SER D 64 20.41 9.50 9.35
CA SER D 64 19.86 8.43 8.55
C SER D 64 20.01 7.15 9.34
N SER D 65 18.87 6.51 9.59
CA SER D 65 18.86 5.28 10.37
C SER D 65 19.28 4.06 9.53
N SER D 66 19.46 4.25 8.23
CA SER D 66 19.94 3.20 7.34
C SER D 66 21.39 3.37 6.86
N TYR D 67 22.10 4.42 7.31
CA TYR D 67 23.48 4.59 6.85
C TYR D 67 24.39 3.52 7.43
N LYS D 68 25.16 2.88 6.56
CA LYS D 68 26.02 1.79 6.94
C LYS D 68 27.43 2.17 6.54
N ASN D 69 28.20 2.63 7.54
CA ASN D 69 29.59 2.99 7.36
C ASN D 69 30.43 1.79 6.96
N LEU D 70 31.20 1.92 5.87
N LEU D 70 31.29 1.94 5.95
CA LEU D 70 32.28 1.01 5.56
CA LEU D 70 32.09 0.80 5.44
C LEU D 70 33.43 1.62 6.30
C LEU D 70 33.47 0.73 6.08
N GLY D 71 34.44 0.84 6.60
N GLY D 71 33.96 1.86 6.61
CA GLY D 71 35.59 1.46 7.17
CA GLY D 71 35.31 1.98 7.18
C GLY D 71 36.62 1.63 6.09
C GLY D 71 36.35 2.70 6.32
N ALA D 72 36.32 2.40 5.03
CA ALA D 72 37.36 2.73 4.09
C ALA D 72 37.40 4.22 3.65
N ALA D 73 38.62 4.72 3.49
CA ALA D 73 38.87 6.09 3.01
C ALA D 73 38.47 6.21 1.54
N PHE D 74 38.00 7.41 1.19
CA PHE D 74 37.65 7.77 -0.19
C PHE D 74 38.49 8.97 -0.60
N THR D 75 39.03 8.91 -1.80
CA THR D 75 39.72 10.06 -2.39
C THR D 75 39.52 9.99 -3.92
N ILE D 76 39.32 11.14 -4.54
CA ILE D 76 39.18 11.22 -5.98
C ILE D 76 39.81 12.54 -6.45
N ARG D 77 40.41 12.49 -7.63
CA ARG D 77 40.99 13.66 -8.31
C ARG D 77 40.31 13.76 -9.68
N TYR D 78 39.92 14.96 -10.06
CA TYR D 78 39.26 15.18 -11.35
C TYR D 78 40.21 15.90 -12.35
N GLY D 79 39.85 15.85 -13.63
CA GLY D 79 40.63 16.42 -14.73
C GLY D 79 40.93 17.89 -14.59
N ASP D 80 40.06 18.66 -13.95
CA ASP D 80 40.35 20.07 -13.71
C ASP D 80 41.19 20.34 -12.45
N GLY D 81 41.68 19.29 -11.79
CA GLY D 81 42.47 19.45 -10.56
C GLY D 81 41.69 19.47 -9.25
N SER D 82 40.36 19.59 -9.30
CA SER D 82 39.57 19.57 -8.06
C SER D 82 39.61 18.16 -7.43
N THR D 83 39.37 18.06 -6.13
CA THR D 83 39.51 16.80 -5.42
C THR D 83 38.45 16.71 -4.34
N SER D 84 38.20 15.49 -3.88
CA SER D 84 37.33 15.26 -2.73
C SER D 84 37.86 14.09 -1.92
N GLN D 85 37.73 14.21 -0.60
CA GLN D 85 38.15 13.18 0.35
C GLN D 85 37.03 12.93 1.36
N GLY D 86 36.86 11.66 1.74
CA GLY D 86 35.91 11.29 2.79
C GLY D 86 36.00 9.82 3.16
N THR D 87 34.83 9.22 3.42
CA THR D 87 34.75 7.81 3.75
C THR D 87 33.62 7.17 3.01
N TRP D 88 33.76 5.87 2.78
CA TRP D 88 32.78 5.11 2.05
C TRP D 88 31.66 4.64 3.01
N GLY D 89 30.42 4.66 2.53
CA GLY D 89 29.28 4.07 3.23
C GLY D 89 28.24 3.58 2.25
N LYS D 90 27.12 3.07 2.76
CA LYS D 90 26.03 2.64 1.93
C LYS D 90 24.73 3.14 2.53
N ASP D 91 23.80 3.52 1.66
CA ASP D 91 22.51 4.00 2.09
C ASP D 91 21.50 3.91 0.96
N THR D 92 20.26 4.25 1.28
CA THR D 92 19.20 4.31 0.30
C THR D 92 19.37 5.57 -0.53
N VAL D 93 19.19 5.42 -1.84
CA VAL D 93 19.19 6.52 -2.78
C VAL D 93 17.89 6.52 -3.54
N THR D 94 17.29 7.69 -3.70
CA THR D 94 16.01 7.83 -4.38
C THR D 94 16.16 8.82 -5.52
N ILE D 95 15.77 8.37 -6.69
CA ILE D 95 15.83 9.09 -7.94
C ILE D 95 14.43 9.15 -8.53
N ASN D 96 13.87 10.36 -8.62
CA ASN D 96 12.49 10.58 -9.06
C ASN D 96 11.54 9.52 -8.50
N GLY D 97 11.60 9.32 -7.19
CA GLY D 97 10.65 8.45 -6.51
C GLY D 97 11.03 6.98 -6.54
N VAL D 98 12.15 6.62 -7.20
CA VAL D 98 12.55 5.21 -7.26
C VAL D 98 13.72 4.99 -6.34
N SER D 99 13.57 4.07 -5.38
CA SER D 99 14.56 3.83 -4.35
C SER D 99 15.35 2.59 -4.62
N ILE D 100 16.65 2.70 -4.38
CA ILE D 100 17.56 1.55 -4.36
C ILE D 100 18.19 1.47 -2.99
N THR D 101 18.37 0.25 -2.48
CA THR D 101 18.91 0.04 -1.16
C THR D 101 20.35 -0.42 -1.16
N GLY D 102 21.04 -0.12 -0.08
CA GLY D 102 22.42 -0.58 0.09
C GLY D 102 23.38 0.00 -0.97
N GLN D 103 23.06 1.18 -1.46
CA GLN D 103 23.92 1.81 -2.50
C GLN D 103 25.16 2.41 -1.86
N GLN D 104 26.32 1.97 -2.33
CA GLN D 104 27.58 2.50 -1.88
C GLN D 104 27.78 3.90 -2.49
N ILE D 105 28.19 4.79 -1.59
CA ILE D 105 28.40 6.20 -1.85
C ILE D 105 29.56 6.65 -0.99
N ALA D 106 30.09 7.83 -1.26
CA ALA D 106 31.09 8.42 -0.39
C ALA D 106 30.56 9.65 0.31
N ASP D 107 30.87 9.75 1.61
CA ASP D 107 30.49 10.89 2.43
C ASP D 107 31.74 11.77 2.54
N VAL D 108 31.70 12.93 1.89
CA VAL D 108 32.91 13.75 1.67
C VAL D 108 32.98 14.88 2.69
N THR D 109 34.12 14.94 3.39
CA THR D 109 34.33 15.95 4.44
C THR D 109 35.39 17.00 4.07
N GLN D 110 35.97 16.86 2.88
CA GLN D 110 36.95 17.81 2.37
C GLN D 110 36.79 17.86 0.85
N THR D 111 36.52 19.02 0.28
CA THR D 111 36.43 19.09 -1.18
C THR D 111 36.70 20.49 -1.73
N SER D 112 37.24 20.54 -2.93
CA SER D 112 37.33 21.79 -3.72
C SER D 112 36.28 21.89 -4.85
N VAL D 113 35.36 20.92 -4.93
CA VAL D 113 34.19 20.97 -5.83
C VAL D 113 33.06 21.66 -5.07
N ASP D 114 32.18 22.35 -5.77
CA ASP D 114 31.16 23.15 -5.08
C ASP D 114 29.81 22.43 -4.82
N GLN D 115 29.74 21.13 -5.15
CA GLN D 115 28.58 20.29 -4.85
C GLN D 115 28.95 18.83 -5.07
N GLY D 116 28.10 17.91 -4.62
CA GLY D 116 28.35 16.49 -4.84
C GLY D 116 28.26 16.10 -6.31
N ILE D 117 28.76 14.92 -6.63
CA ILE D 117 28.74 14.39 -7.99
C ILE D 117 28.17 12.98 -7.99
N LEU D 118 27.22 12.77 -8.88
CA LEU D 118 26.69 11.45 -9.18
C LEU D 118 27.37 10.94 -10.44
N GLY D 119 28.45 10.20 -10.24
CA GLY D 119 29.17 9.50 -11.30
C GLY D 119 28.42 8.28 -11.76
N ILE D 120 28.14 8.20 -13.08
CA ILE D 120 27.36 7.13 -13.66
C ILE D 120 28.07 6.37 -14.78
N GLY D 121 29.39 6.45 -14.82
CA GLY D 121 30.14 5.66 -15.78
C GLY D 121 30.40 4.23 -15.34
N TYR D 122 31.38 3.60 -15.98
CA TYR D 122 31.64 2.20 -15.77
C TYR D 122 32.20 1.92 -14.40
N THR D 123 31.82 0.78 -13.83
CA THR D 123 32.35 0.45 -12.49
C THR D 123 33.89 0.30 -12.47
N SER D 124 34.44 -0.07 -13.62
CA SER D 124 35.92 -0.17 -13.73
C SER D 124 36.66 1.15 -13.54
N ASN D 125 35.98 2.30 -13.64
CA ASN D 125 36.64 3.61 -13.45
C ASN D 125 36.38 4.23 -12.06
N GLU D 126 35.92 3.43 -11.10
CA GLU D 126 35.67 3.92 -9.74
C GLU D 126 36.98 4.31 -9.05
N ALA D 127 36.92 5.37 -8.27
CA ALA D 127 38.04 5.89 -7.50
C ALA D 127 38.19 5.10 -6.20
N VAL D 128 38.79 3.93 -6.32
CA VAL D 128 38.95 2.99 -5.19
C VAL D 128 40.43 2.81 -4.81
N TYR D 129 41.24 3.85 -5.04
CA TYR D 129 42.71 3.82 -4.84
C TYR D 129 43.13 4.95 -3.92
N ASP D 130 44.30 4.81 -3.29
CA ASP D 130 44.93 5.92 -2.53
C ASP D 130 45.81 6.70 -3.50
N THR D 131 46.51 7.73 -2.99
CA THR D 131 47.44 8.54 -3.81
C THR D 131 48.61 7.75 -4.40
N SER D 132 49.04 6.68 -3.73
CA SER D 132 50.05 5.78 -4.27
C SER D 132 49.57 4.93 -5.47
N GLY D 133 48.29 5.02 -5.86
CA GLY D 133 47.72 4.19 -6.94
C GLY D 133 47.39 2.76 -6.53
N ARG D 134 47.41 2.49 -5.22
CA ARG D 134 47.19 1.16 -4.66
C ARG D 134 45.68 1.01 -4.36
N GLN D 135 45.07 -0.10 -4.77
CA GLN D 135 43.63 -0.29 -4.52
C GLN D 135 43.35 -0.52 -3.04
N THR D 136 42.49 0.31 -2.45
CA THR D 136 42.20 0.27 -1.03
C THR D 136 40.85 -0.36 -0.67
N THR D 137 39.94 -0.48 -1.63
CA THR D 137 38.61 -1.06 -1.41
C THR D 137 38.18 -1.68 -2.74
N PRO D 138 37.29 -2.70 -2.73
CA PRO D 138 36.94 -3.34 -3.97
C PRO D 138 36.11 -2.46 -4.89
N ASN D 139 36.15 -2.76 -6.18
CA ASN D 139 35.16 -2.24 -7.10
C ASN D 139 33.78 -2.76 -6.68
N TYR D 140 32.75 -1.99 -7.02
CA TYR D 140 31.43 -2.19 -6.39
C TYR D 140 30.35 -1.79 -7.40
N ASP D 141 29.11 -2.16 -7.13
CA ASP D 141 28.01 -1.78 -7.98
C ASP D 141 27.70 -0.30 -7.74
N ASN D 142 27.95 0.53 -8.75
CA ASN D 142 27.56 1.94 -8.66
C ASN D 142 26.08 2.14 -9.01
N VAL D 143 25.59 3.37 -9.04
CA VAL D 143 24.13 3.61 -9.18
C VAL D 143 23.46 2.93 -10.37
N PRO D 144 24.01 3.09 -11.60
CA PRO D 144 23.36 2.43 -12.72
C PRO D 144 23.29 0.90 -12.63
N VAL D 145 24.34 0.29 -12.07
CA VAL D 145 24.35 -1.15 -11.85
C VAL D 145 23.24 -1.55 -10.87
N THR D 146 23.15 -0.84 -9.76
CA THR D 146 22.19 -1.17 -8.71
C THR D 146 20.75 -0.97 -9.21
N LEU D 147 20.50 0.11 -9.98
CA LEU D 147 19.20 0.25 -10.60
C LEU D 147 18.78 -1.00 -11.39
N LYS D 148 19.71 -1.58 -12.14
CA LYS D 148 19.44 -2.78 -12.88
C LYS D 148 19.27 -3.99 -11.97
N LYS D 149 20.21 -4.16 -11.04
CA LYS D 149 20.22 -5.33 -10.15
C LYS D 149 18.92 -5.42 -9.30
N GLN D 150 18.40 -4.26 -8.91
CA GLN D 150 17.18 -4.16 -8.10
C GLN D 150 15.89 -4.03 -8.95
N GLY D 151 15.97 -4.29 -10.26
CA GLY D 151 14.78 -4.43 -11.08
C GLY D 151 14.12 -3.12 -11.47
N LYS D 152 14.84 -2.01 -11.35
CA LYS D 152 14.28 -0.68 -11.63
C LYS D 152 14.40 -0.31 -13.11
N ILE D 153 15.43 -0.85 -13.77
CA ILE D 153 15.61 -0.76 -15.22
C ILE D 153 16.05 -2.14 -15.72
N ARG D 154 15.79 -2.44 -16.99
CA ARG D 154 16.11 -3.74 -17.58
C ARG D 154 17.61 -3.87 -17.91
N THR D 155 18.20 -2.76 -18.34
CA THR D 155 19.56 -2.70 -18.89
C THR D 155 20.27 -1.51 -18.28
N ASN D 156 21.57 -1.65 -18.06
CA ASN D 156 22.39 -0.57 -17.53
C ASN D 156 22.64 0.34 -18.73
N ALA D 157 21.70 1.27 -18.92
CA ALA D 157 21.70 2.20 -20.03
C ALA D 157 21.02 3.48 -19.59
N TYR D 158 21.38 4.58 -20.23
CA TYR D 158 20.69 5.83 -20.00
C TYR D 158 20.79 6.75 -21.21
N SER D 159 19.76 7.56 -21.38
CA SER D 159 19.68 8.53 -22.48
C SER D 159 19.90 9.91 -21.92
N LEU D 160 20.73 10.70 -22.60
CA LEU D 160 21.06 12.05 -22.19
C LEU D 160 20.50 13.10 -23.17
N TYR D 161 19.67 13.99 -22.63
CA TYR D 161 19.14 15.14 -23.33
C TYR D 161 19.42 16.40 -22.49
N LEU D 162 20.57 17.01 -22.75
CA LEU D 162 20.94 18.24 -22.04
C LEU D 162 20.03 19.41 -22.41
N ASN D 163 19.42 19.34 -23.60
CA ASN D 163 18.51 20.35 -24.13
C ASN D 163 19.33 21.52 -24.69
N SER D 164 18.66 22.55 -25.17
CA SER D 164 19.32 23.62 -25.91
C SER D 164 20.14 24.53 -25.01
N PRO D 165 21.11 25.29 -25.61
CA PRO D 165 21.95 26.16 -24.81
C PRO D 165 21.14 27.15 -23.93
N SER D 166 19.98 27.56 -24.38
CA SER D 166 19.16 28.48 -23.57
C SER D 166 18.42 27.82 -22.39
N ALA D 167 18.31 26.49 -22.39
CA ALA D 167 17.28 25.81 -21.61
C ALA D 167 17.59 25.79 -20.12
N GLU D 168 16.57 25.89 -19.28
CA GLU D 168 16.80 25.81 -17.82
C GLU D 168 16.98 24.33 -17.39
N THR D 169 16.33 23.41 -18.10
CA THR D 169 16.34 22.00 -17.74
C THR D 169 16.42 21.08 -18.95
N GLY D 170 16.96 19.88 -18.71
CA GLY D 170 16.95 18.79 -19.66
C GLY D 170 16.50 17.55 -18.94
N THR D 171 16.77 16.37 -19.51
CA THR D 171 16.37 15.09 -18.94
C THR D 171 17.45 14.04 -19.16
N ILE D 172 17.71 13.25 -18.12
CA ILE D 172 18.39 11.96 -18.25
C ILE D 172 17.34 10.86 -17.98
N ILE D 173 17.31 9.81 -18.82
CA ILE D 173 16.40 8.68 -18.62
C ILE D 173 17.23 7.44 -18.38
N PHE D 174 17.14 6.86 -17.17
CA PHE D 174 17.77 5.58 -16.90
C PHE D 174 16.84 4.53 -17.45
N GLY D 175 17.41 3.61 -18.24
CA GLY D 175 16.67 2.48 -18.77
C GLY D 175 15.66 2.77 -19.86
N GLY D 176 15.78 3.93 -20.48
CA GLY D 176 14.85 4.29 -21.53
C GLY D 176 15.40 5.28 -22.55
N VAL D 177 14.61 5.53 -23.58
CA VAL D 177 14.99 6.39 -24.69
C VAL D 177 13.76 7.17 -25.13
N ASP D 178 13.90 8.49 -25.27
CA ASP D 178 12.81 9.31 -25.79
C ASP D 178 12.94 9.46 -27.31
N ASN D 179 12.12 8.72 -28.04
CA ASN D 179 12.23 8.69 -29.50
C ASN D 179 11.66 9.93 -30.17
N ALA D 180 11.04 10.86 -29.44
CA ALA D 180 10.60 12.13 -30.05
C ALA D 180 11.71 13.18 -30.16
N LYS D 181 12.85 12.97 -29.48
CA LYS D 181 13.86 14.02 -29.25
C LYS D 181 15.13 13.89 -30.11
N TYR D 182 15.02 13.21 -31.23
CA TYR D 182 16.09 13.22 -32.23
C TYR D 182 15.53 13.06 -33.64
N SER D 183 16.29 13.52 -34.62
CA SER D 183 15.96 13.36 -36.04
CA SER D 183 15.92 13.33 -36.03
C SER D 183 16.74 12.18 -36.56
N GLY D 184 16.26 11.56 -37.64
CA GLY D 184 16.93 10.38 -38.17
C GLY D 184 16.87 9.21 -37.20
N LYS D 185 17.83 8.30 -37.33
CA LYS D 185 17.90 7.11 -36.49
C LYS D 185 19.10 7.16 -35.58
N LEU D 186 18.94 6.56 -34.40
CA LEU D 186 20.07 6.42 -33.49
C LEU D 186 21.04 5.43 -34.12
N VAL D 187 22.31 5.79 -34.13
CA VAL D 187 23.38 4.99 -34.68
C VAL D 187 24.27 4.49 -33.56
N ALA D 188 24.33 3.17 -33.42
CA ALA D 188 25.13 2.54 -32.39
C ALA D 188 26.62 2.63 -32.74
N GLU D 189 27.42 3.10 -31.79
CA GLU D 189 28.87 3.18 -31.92
C GLU D 189 29.53 2.38 -30.81
N GLN D 190 30.53 1.56 -31.17
CA GLN D 190 31.23 0.77 -30.19
C GLN D 190 32.07 1.61 -29.26
N VAL D 191 31.99 1.29 -27.96
CA VAL D 191 32.79 2.00 -26.97
C VAL D 191 34.22 1.46 -27.03
N THR D 192 35.19 2.37 -27.02
CA THR D 192 36.60 2.04 -27.39
C THR D 192 37.52 1.80 -26.22
N SER D 193 36.97 1.87 -25.00
CA SER D 193 37.70 1.67 -23.78
C SER D 193 36.88 0.83 -22.81
N SER D 194 37.55 0.06 -21.96
CA SER D 194 36.91 -0.74 -20.93
C SER D 194 36.56 0.08 -19.67
N GLN D 195 37.09 1.30 -19.61
CA GLN D 195 36.96 2.13 -18.42
C GLN D 195 36.27 3.44 -18.69
N ALA D 196 36.24 3.90 -19.94
CA ALA D 196 35.73 5.22 -20.29
C ALA D 196 34.74 5.18 -21.43
N LEU D 197 33.78 6.10 -21.38
CA LEU D 197 32.68 6.13 -22.34
C LEU D 197 33.13 6.96 -23.55
N THR D 198 34.02 6.35 -24.34
CA THR D 198 34.66 6.95 -25.51
C THR D 198 34.20 6.23 -26.78
N ILE D 199 34.02 7.00 -27.85
CA ILE D 199 33.73 6.46 -29.19
C ILE D 199 34.67 7.14 -30.19
N SER D 200 34.91 6.48 -31.32
CA SER D 200 35.82 7.04 -32.38
C SER D 200 35.23 8.23 -33.07
N LEU D 201 35.99 9.30 -33.09
CA LEU D 201 35.63 10.50 -33.81
C LEU D 201 36.52 10.54 -35.07
N ALA D 202 35.92 10.42 -36.24
CA ALA D 202 36.68 10.27 -37.51
C ALA D 202 37.25 11.60 -37.98
N SER D 203 36.44 12.66 -37.90
CA SER D 203 36.87 13.99 -38.33
C SER D 203 35.94 15.07 -37.84
N VAL D 204 36.41 16.31 -38.00
CA VAL D 204 35.67 17.51 -37.63
C VAL D 204 35.67 18.47 -38.82
N ASN D 205 34.49 18.94 -39.24
CA ASN D 205 34.37 19.94 -40.31
CA ASN D 205 34.39 19.99 -40.28
C ASN D 205 34.07 21.31 -39.64
N LEU D 206 34.90 22.32 -39.93
CA LEU D 206 34.73 23.67 -39.39
C LEU D 206 34.97 24.69 -40.52
N LYS D 207 34.04 25.62 -40.69
CA LYS D 207 34.16 26.71 -41.72
C LYS D 207 34.39 26.16 -43.13
N GLY D 208 33.68 25.08 -43.44
CA GLY D 208 33.81 24.43 -44.74
C GLY D 208 35.05 23.61 -45.00
N SER D 209 35.95 23.47 -44.00
CA SER D 209 37.16 22.66 -44.16
C SER D 209 37.12 21.42 -43.26
N SER D 210 37.58 20.29 -43.79
CA SER D 210 37.55 19.01 -43.08
C SER D 210 38.89 18.70 -42.44
N PHE D 211 38.85 18.22 -41.19
CA PHE D 211 40.06 17.95 -40.41
C PHE D 211 40.01 16.53 -39.90
N SER D 212 40.92 15.72 -40.40
CA SER D 212 40.98 14.31 -40.12
C SER D 212 41.38 14.15 -38.69
N PHE D 213 40.77 13.22 -37.96
CA PHE D 213 41.11 13.06 -36.54
C PHE D 213 41.40 11.62 -36.20
N GLY D 214 40.37 10.81 -35.94
CA GLY D 214 40.53 9.38 -35.78
C GLY D 214 40.47 8.74 -34.38
N ASP D 215 40.80 9.51 -33.35
CA ASP D 215 40.92 8.96 -31.99
C ASP D 215 39.59 8.89 -31.22
N GLY D 216 39.65 8.22 -30.09
CA GLY D 216 38.51 8.13 -29.17
C GLY D 216 38.19 9.47 -28.57
N ALA D 217 36.91 9.75 -28.36
CA ALA D 217 36.50 10.98 -27.70
C ALA D 217 35.53 10.62 -26.54
N LEU D 218 35.85 11.10 -25.34
CA LEU D 218 35.04 10.86 -24.16
C LEU D 218 33.77 11.71 -24.24
N LEU D 219 32.62 11.06 -24.12
CA LEU D 219 31.36 11.77 -24.20
C LEU D 219 30.94 12.09 -22.76
N ASP D 220 31.46 13.22 -22.27
CA ASP D 220 31.45 13.53 -20.82
C ASP D 220 30.47 14.62 -20.44
N SER D 221 29.31 14.24 -19.87
CA SER D 221 28.35 15.23 -19.35
C SER D 221 28.95 16.18 -18.31
N GLY D 222 29.96 15.73 -17.60
CA GLY D 222 30.62 16.49 -16.53
C GLY D 222 31.81 17.34 -16.96
N THR D 223 31.96 17.57 -18.26
CA THR D 223 32.90 18.56 -18.79
C THR D 223 32.14 19.69 -19.52
N THR D 224 32.52 20.92 -19.26
CA THR D 224 31.84 22.09 -19.79
C THR D 224 32.15 22.26 -21.28
N LEU D 225 33.44 22.22 -21.62
CA LEU D 225 33.89 22.57 -22.99
C LEU D 225 34.35 21.33 -23.73
N THR D 226 35.06 21.54 -24.84
CA THR D 226 35.52 20.45 -25.68
C THR D 226 37.03 20.54 -25.68
N TYR D 227 37.67 19.38 -25.52
CA TYR D 227 39.10 19.26 -25.37
C TYR D 227 39.66 18.34 -26.47
N PHE D 228 40.78 18.77 -27.07
CA PHE D 228 41.45 17.98 -28.13
C PHE D 228 42.96 18.08 -27.90
N PRO D 229 43.72 17.08 -28.38
CA PRO D 229 45.19 17.16 -28.44
C PRO D 229 45.67 18.49 -29.02
N SER D 230 46.75 19.04 -28.43
CA SER D 230 47.31 20.37 -28.78
C SER D 230 47.41 20.68 -30.28
N ASP D 231 47.93 19.72 -31.04
CA ASP D 231 48.18 19.91 -32.47
C ASP D 231 46.88 19.97 -33.25
N PHE D 232 45.93 19.11 -32.89
CA PHE D 232 44.61 19.13 -33.52
C PHE D 232 43.84 20.41 -33.14
N ALA D 233 43.87 20.79 -31.86
CA ALA D 233 43.21 22.04 -31.43
C ALA D 233 43.77 23.31 -32.13
N ALA D 234 45.09 23.33 -32.32
CA ALA D 234 45.77 24.42 -33.07
C ALA D 234 45.32 24.54 -34.53
N GLN D 235 45.14 23.41 -35.19
CA GLN D 235 44.60 23.43 -36.55
C GLN D 235 43.24 24.09 -36.59
N LEU D 236 42.36 23.66 -35.68
CA LEU D 236 41.02 24.22 -35.66
C LEU D 236 41.07 25.69 -35.29
N ALA D 237 41.94 26.05 -34.35
CA ALA D 237 42.10 27.44 -33.90
C ALA D 237 42.57 28.39 -35.03
N ASP D 238 43.36 27.84 -35.95
CA ASP D 238 43.84 28.51 -37.20
C ASP D 238 42.64 28.90 -38.07
N LYS D 239 41.61 28.04 -38.17
CA LYS D 239 40.40 28.41 -38.92
C LYS D 239 39.48 29.39 -38.18
N ALA D 240 39.43 29.28 -36.85
CA ALA D 240 38.44 30.02 -36.06
C ALA D 240 38.91 31.38 -35.61
N GLY D 241 40.23 31.57 -35.55
CA GLY D 241 40.79 32.81 -35.06
C GLY D 241 41.09 32.86 -33.57
N ALA D 242 41.06 31.70 -32.90
CA ALA D 242 41.29 31.66 -31.47
C ALA D 242 42.77 31.71 -31.22
N ARG D 243 43.14 32.27 -30.07
CA ARG D 243 44.53 32.52 -29.70
C ARG D 243 44.84 31.90 -28.36
N LEU D 244 45.96 31.19 -28.29
CA LEU D 244 46.43 30.56 -27.08
C LEU D 244 47.01 31.61 -26.14
N VAL D 245 46.59 31.58 -24.87
CA VAL D 245 47.01 32.57 -23.88
C VAL D 245 47.52 31.85 -22.62
N GLN D 246 48.68 32.26 -22.11
CA GLN D 246 49.20 31.70 -20.89
C GLN D 246 48.42 32.27 -19.70
N VAL D 247 47.78 31.39 -18.92
CA VAL D 247 47.08 31.79 -17.69
C VAL D 247 47.76 31.31 -16.40
N ALA D 248 48.81 30.50 -16.53
CA ALA D 248 49.66 30.10 -15.40
C ALA D 248 50.94 29.52 -15.97
N ARG D 249 51.96 29.34 -15.14
CA ARG D 249 53.17 28.62 -15.56
C ARG D 249 52.67 27.25 -15.98
N ASP D 250 52.70 26.96 -17.28
CA ASP D 250 52.12 25.73 -17.86
C ASP D 250 50.60 25.54 -17.60
N GLN D 251 49.83 26.61 -17.85
CA GLN D 251 48.42 26.46 -18.24
C GLN D 251 48.10 27.48 -19.34
N TYR D 252 47.70 26.94 -20.48
CA TYR D 252 47.37 27.72 -21.66
C TYR D 252 45.93 27.45 -22.05
N LEU D 253 45.18 28.52 -22.32
CA LEU D 253 43.80 28.41 -22.79
C LEU D 253 43.60 29.24 -24.06
N TYR D 254 42.74 28.74 -24.95
CA TYR D 254 42.29 29.52 -26.11
C TYR D 254 41.26 30.54 -25.70
N PHE D 255 41.54 31.79 -26.09
CA PHE D 255 40.59 32.86 -26.01
C PHE D 255 40.16 33.23 -27.42
N ILE D 256 39.02 33.87 -27.49
CA ILE D 256 38.47 34.30 -28.75
C ILE D 256 37.70 35.56 -28.43
N ASP D 257 37.64 36.44 -29.41
CA ASP D 257 36.96 37.69 -29.20
C ASP D 257 35.46 37.41 -28.98
N CYS D 258 34.87 38.03 -27.95
CA CYS D 258 33.45 37.84 -27.62
C CYS D 258 32.49 38.23 -28.73
N ASN D 259 32.90 39.12 -29.64
CA ASN D 259 32.06 39.48 -30.80
C ASN D 259 32.37 38.68 -32.06
N THR D 260 33.08 37.57 -31.94
CA THR D 260 33.29 36.73 -33.11
C THR D 260 31.94 36.33 -33.71
N ASP D 261 31.90 36.25 -35.05
CA ASP D 261 30.74 35.79 -35.77
C ASP D 261 30.59 34.33 -35.44
N THR D 262 29.39 33.92 -35.06
CA THR D 262 29.12 32.55 -34.62
C THR D 262 28.10 31.87 -35.53
N SER D 263 27.93 32.38 -36.76
N SER D 263 27.96 32.35 -36.77
CA SER D 263 27.15 31.66 -37.76
CA SER D 263 26.86 31.94 -37.68
C SER D 263 27.94 30.45 -38.24
C SER D 263 26.83 30.48 -38.15
N GLY D 264 27.24 29.56 -38.91
N GLY D 264 28.00 29.88 -38.36
CA GLY D 264 27.83 28.32 -39.30
CA GLY D 264 28.08 28.55 -38.98
C GLY D 264 27.87 27.36 -38.12
C GLY D 264 27.95 27.38 -38.00
N THR D 265 28.37 26.19 -38.44
CA THR D 265 28.35 25.01 -37.58
C THR D 265 29.67 24.26 -37.65
N THR D 266 29.92 23.45 -36.62
CA THR D 266 31.03 22.54 -36.56
C THR D 266 30.40 21.16 -36.59
N VAL D 267 30.87 20.30 -37.50
CA VAL D 267 30.30 18.98 -37.71
C VAL D 267 31.26 17.91 -37.23
N PHE D 268 30.76 16.99 -36.42
CA PHE D 268 31.51 15.88 -35.87
C PHE D 268 31.09 14.59 -36.54
N ASN D 269 32.05 13.92 -37.15
CA ASN D 269 31.77 12.71 -37.92
C ASN D 269 32.27 11.50 -37.18
N PHE D 270 31.34 10.59 -36.86
CA PHE D 270 31.63 9.37 -36.11
C PHE D 270 31.47 8.14 -37.03
N GLY D 271 31.51 6.95 -36.44
CA GLY D 271 31.35 5.70 -37.19
C GLY D 271 29.97 5.52 -37.79
N ASN D 272 29.91 4.64 -38.79
CA ASN D 272 28.67 4.21 -39.41
C ASN D 272 27.81 5.37 -39.93
N GLY D 273 28.45 6.40 -40.46
CA GLY D 273 27.73 7.50 -41.09
C GLY D 273 27.11 8.51 -40.13
N ALA D 274 27.31 8.36 -38.82
CA ALA D 274 26.68 9.26 -37.85
C ALA D 274 27.39 10.60 -37.88
N LYS D 275 26.62 11.66 -37.79
CA LYS D 275 27.20 12.97 -37.65
C LYS D 275 26.35 13.86 -36.74
N ILE D 276 27.05 14.72 -36.03
CA ILE D 276 26.41 15.68 -35.11
C ILE D 276 26.89 17.08 -35.46
N THR D 277 25.93 17.97 -35.66
CA THR D 277 26.18 19.33 -36.10
C THR D 277 25.94 20.24 -34.88
N VAL D 278 26.96 21.01 -34.53
CA VAL D 278 26.96 21.91 -33.37
C VAL D 278 26.99 23.36 -33.86
N PRO D 279 26.04 24.20 -33.42
CA PRO D 279 26.10 25.61 -33.87
C PRO D 279 27.32 26.33 -33.30
N ASN D 280 27.89 27.26 -34.10
CA ASN D 280 29.14 27.87 -33.67
C ASN D 280 29.01 28.83 -32.46
N THR D 281 27.78 29.13 -32.07
CA THR D 281 27.50 29.78 -30.78
C THR D 281 28.15 29.03 -29.60
N GLU D 282 28.30 27.71 -29.72
CA GLU D 282 28.85 26.87 -28.66
C GLU D 282 30.33 27.05 -28.41
N TYR D 283 31.02 27.81 -29.26
CA TYR D 283 32.45 27.97 -29.16
C TYR D 283 32.93 29.35 -28.67
N VAL D 284 32.00 30.18 -28.20
CA VAL D 284 32.34 31.41 -27.48
C VAL D 284 31.71 31.31 -26.10
N TYR D 285 32.57 31.25 -25.10
CA TYR D 285 32.20 31.05 -23.70
C TYR D 285 32.51 32.31 -22.93
N GLN D 286 31.48 32.94 -22.38
CA GLN D 286 31.62 34.21 -21.64
C GLN D 286 32.27 34.02 -20.27
N ASN D 287 33.40 34.69 -20.02
CA ASN D 287 34.05 34.61 -18.71
C ASN D 287 33.42 35.56 -17.70
N GLY D 288 32.67 36.56 -18.18
CA GLY D 288 32.00 37.52 -17.29
C GLY D 288 32.78 38.81 -17.12
N ASP D 289 34.11 38.76 -17.24
CA ASP D 289 34.95 39.96 -17.43
C ASP D 289 34.78 40.41 -18.88
N GLY D 290 35.70 41.19 -19.43
CA GLY D 290 35.58 41.54 -20.84
C GLY D 290 35.78 40.43 -21.86
N THR D 291 36.11 39.20 -21.41
CA THR D 291 36.76 38.20 -22.26
C THR D 291 35.96 36.91 -22.38
N CYS D 292 36.32 36.15 -23.42
CA CYS D 292 35.65 34.90 -23.74
C CYS D 292 36.66 33.82 -24.02
N LEU D 293 36.43 32.62 -23.47
CA LEU D 293 37.16 31.44 -23.89
C LEU D 293 36.59 30.94 -25.21
N TRP D 294 37.46 30.37 -26.04
CA TRP D 294 37.02 29.53 -27.13
C TRP D 294 36.43 28.24 -26.52
N GLY D 295 35.51 27.61 -27.23
CA GLY D 295 34.86 26.39 -26.73
C GLY D 295 35.67 25.11 -26.91
N ILE D 296 36.85 25.23 -27.53
CA ILE D 296 37.78 24.17 -27.69
C ILE D 296 39.05 24.54 -26.96
N GLN D 297 39.60 23.57 -26.25
CA GLN D 297 40.79 23.74 -25.45
C GLN D 297 41.75 22.60 -25.59
N PRO D 298 43.05 22.86 -25.35
CA PRO D 298 44.03 21.81 -25.55
C PRO D 298 44.13 20.88 -24.33
N SER D 299 44.37 19.61 -24.59
CA SER D 299 44.56 18.59 -23.55
C SER D 299 45.08 17.32 -24.20
N ASP D 300 45.79 16.49 -23.45
CA ASP D 300 46.19 15.17 -24.00
C ASP D 300 45.02 14.20 -24.21
N ASP D 301 43.94 14.38 -23.44
CA ASP D 301 42.71 13.57 -23.56
C ASP D 301 41.67 14.30 -24.41
N THR D 302 40.97 13.57 -25.26
CA THR D 302 39.91 14.13 -26.07
C THR D 302 38.60 13.99 -25.32
N ILE D 303 37.90 15.10 -25.14
CA ILE D 303 36.60 15.12 -24.40
C ILE D 303 35.61 15.98 -25.15
N LEU D 304 34.51 15.37 -25.53
CA LEU D 304 33.34 16.12 -26.01
C LEU D 304 32.41 16.37 -24.80
N GLY D 305 32.47 17.59 -24.28
CA GLY D 305 31.66 18.04 -23.13
C GLY D 305 30.34 18.62 -23.54
N ASP D 306 29.78 19.45 -22.65
CA ASP D 306 28.40 19.88 -22.77
C ASP D 306 28.12 20.70 -24.01
N ASN D 307 29.10 21.49 -24.43
CA ASN D 307 28.90 22.31 -25.63
C ASN D 307 28.77 21.48 -26.92
N PHE D 308 29.28 20.25 -26.90
CA PHE D 308 28.95 19.25 -27.93
C PHE D 308 27.62 18.53 -27.62
N LEU D 309 27.56 17.93 -26.43
CA LEU D 309 26.46 17.02 -26.06
C LEU D 309 25.07 17.63 -26.11
N ARG D 310 24.97 18.93 -25.94
CA ARG D 310 23.67 19.61 -26.10
C ARG D 310 23.05 19.38 -27.47
N HIS D 311 23.87 19.00 -28.46
CA HIS D 311 23.41 18.82 -29.83
C HIS D 311 23.22 17.40 -30.34
N ALA D 312 23.43 16.42 -29.46
CA ALA D 312 23.20 15.02 -29.74
C ALA D 312 22.17 14.49 -28.74
N TYR D 313 21.34 13.57 -29.20
CA TYR D 313 20.63 12.68 -28.31
C TYR D 313 21.50 11.44 -28.18
N LEU D 314 21.85 11.06 -26.95
CA LEU D 314 22.73 9.90 -26.74
C LEU D 314 22.08 8.85 -25.87
N LEU D 315 22.13 7.60 -26.33
CA LEU D 315 21.75 6.43 -25.51
C LEU D 315 23.04 5.70 -25.16
N TYR D 316 23.49 5.87 -23.93
CA TYR D 316 24.66 5.16 -23.42
C TYR D 316 24.22 3.78 -22.95
N ASN D 317 24.83 2.71 -23.44
CA ASN D 317 24.48 1.35 -23.02
C ASN D 317 25.74 0.69 -22.47
N LEU D 318 25.81 0.65 -21.13
CA LEU D 318 26.97 0.12 -20.42
C LEU D 318 27.01 -1.42 -20.40
N ASP D 319 25.89 -2.08 -20.70
CA ASP D 319 25.84 -3.53 -20.79
C ASP D 319 26.33 -3.98 -22.19
N ALA D 320 25.88 -3.30 -23.21
CA ALA D 320 26.22 -3.65 -24.60
C ALA D 320 27.54 -2.98 -25.05
N ASN D 321 28.05 -2.04 -24.25
CA ASN D 321 29.25 -1.26 -24.56
C ASN D 321 29.12 -0.54 -25.88
N THR D 322 27.99 0.15 -26.04
CA THR D 322 27.71 0.99 -27.20
C THR D 322 27.17 2.33 -26.74
N ILE D 323 27.44 3.38 -27.51
CA ILE D 323 26.73 4.65 -27.32
C ILE D 323 26.09 4.98 -28.66
N SER D 324 24.75 5.14 -28.65
CA SER D 324 24.00 5.40 -29.85
C SER D 324 23.66 6.88 -29.92
N ILE D 325 23.87 7.48 -31.08
CA ILE D 325 23.79 8.94 -31.18
C ILE D 325 22.96 9.37 -32.37
N ALA D 326 22.37 10.56 -32.29
CA ALA D 326 21.63 11.14 -33.39
C ALA D 326 21.51 12.62 -33.14
N GLN D 327 21.27 13.37 -34.20
CA GLN D 327 21.12 14.81 -34.09
C GLN D 327 19.91 15.12 -33.20
N VAL D 328 20.12 15.98 -32.20
CA VAL D 328 19.06 16.30 -31.24
C VAL D 328 17.92 17.04 -31.94
N LYS D 329 16.70 16.78 -31.50
CA LYS D 329 15.54 17.58 -31.86
C LYS D 329 15.00 18.17 -30.57
N TYR D 330 15.06 19.49 -30.43
CA TYR D 330 14.55 20.14 -29.22
C TYR D 330 13.03 20.21 -29.27
N THR D 331 12.35 19.46 -28.42
CA THR D 331 10.88 19.45 -28.39
C THR D 331 10.40 19.00 -27.01
N THR D 332 9.22 19.51 -26.61
CA THR D 332 8.55 18.95 -25.43
C THR D 332 7.82 17.66 -25.75
N ASP D 333 7.66 17.32 -27.04
CA ASP D 333 7.06 16.04 -27.39
C ASP D 333 7.90 14.93 -26.77
N SER D 334 7.24 13.86 -26.37
CA SER D 334 7.88 12.78 -25.67
C SER D 334 7.22 11.46 -25.99
N SER D 335 8.05 10.47 -26.33
CA SER D 335 7.59 9.12 -26.58
C SER D 335 8.71 8.20 -26.13
N ILE D 336 8.67 7.86 -24.85
CA ILE D 336 9.73 7.10 -24.22
C ILE D 336 9.49 5.61 -24.33
N SER D 337 10.48 4.87 -24.79
CA SER D 337 10.42 3.41 -24.74
C SER D 337 11.54 2.88 -23.85
N ALA D 338 11.25 1.79 -23.14
CA ALA D 338 12.23 1.13 -22.30
C ALA D 338 13.33 0.52 -23.15
N VAL D 339 14.54 0.49 -22.61
CA VAL D 339 15.64 -0.26 -23.21
C VAL D 339 16.10 -1.30 -22.19
N VAL E 2 -3.38 23.42 3.40
CA VAL E 2 -3.49 24.81 3.20
C VAL E 2 -4.67 25.15 2.31
N VAL E 3 -5.08 26.41 2.32
CA VAL E 3 -6.14 26.91 1.49
C VAL E 3 -5.71 28.31 1.02
N ALA E 5 -7.16 32.78 -1.98
CA ALA E 5 -7.53 34.07 -1.43
C ALA E 5 -9.10 34.11 -1.16
N VAL F 2 7.81 -14.36 17.51
CA VAL F 2 8.08 -15.46 18.38
C VAL F 2 8.89 -16.53 17.64
N VAL F 3 9.48 -17.44 18.41
CA VAL F 3 10.24 -18.58 17.92
C VAL F 3 9.87 -19.81 18.79
N ALA F 5 10.85 -25.26 19.65
CA ALA F 5 11.50 -25.76 20.87
C ALA F 5 13.05 -25.75 20.73
N VAL G 2 -34.62 -21.91 18.63
CA VAL G 2 -34.92 -20.53 18.47
C VAL G 2 -35.67 -20.29 17.18
N VAL G 3 -36.24 -19.10 17.09
CA VAL G 3 -36.94 -18.68 15.90
C VAL G 3 -36.60 -17.21 15.61
N ALA G 5 -37.51 -12.56 12.83
CA ALA G 5 -38.40 -11.43 13.02
C ALA G 5 -39.90 -11.74 12.70
N VAL H 2 34.51 23.09 -16.00
CA VAL H 2 34.97 22.02 -15.20
C VAL H 2 35.24 20.81 -16.09
N VAL H 3 35.98 19.88 -15.52
CA VAL H 3 36.29 18.64 -16.18
C VAL H 3 36.09 17.53 -15.12
N ALA H 5 36.71 12.02 -13.93
CA ALA H 5 37.76 11.44 -13.08
C ALA H 5 39.09 11.23 -13.85
#